data_4C5X
# 
_entry.id   4C5X 
# 
_audit_conform.dict_name       mmcif_pdbx.dic 
_audit_conform.dict_version    5.383 
_audit_conform.dict_location   http://mmcif.pdb.org/dictionaries/ascii/mmcif_pdbx.dic 
# 
loop_
_database_2.database_id 
_database_2.database_code 
_database_2.pdbx_database_accession 
_database_2.pdbx_DOI 
PDB   4C5X         pdb_00004c5x 10.2210/pdb4c5x/pdb 
PDBE  EBI-58354    ?            ?                   
WWPDB D_1290058354 ?            ?                   
# 
loop_
_pdbx_database_related.db_name 
_pdbx_database_related.db_id 
_pdbx_database_related.content_type 
_pdbx_database_related.details 
PDB 4C63 unspecified 'ULTRA HIGH RESOLUTION DICKERSON-DREW DODECAMER B-DNA WITH 5-METHYLCYSTOSINE MODIFICATION' 
PDB 4C64 unspecified 'ULTRA HIGH RESOLUTION DICKERSON-DREW DODECAMER B-DNA'                                     
# 
_pdbx_database_status.status_code                     REL 
_pdbx_database_status.entry_id                        4C5X 
_pdbx_database_status.deposit_site                    PDBE 
_pdbx_database_status.process_site                    PDBE 
_pdbx_database_status.SG_entry                        . 
_pdbx_database_status.recvd_initial_deposition_date   2013-09-16 
_pdbx_database_status.pdb_format_compatible           Y 
_pdbx_database_status.status_code_sf                  REL 
_pdbx_database_status.status_code_mr                  ? 
_pdbx_database_status.status_code_cs                  ? 
_pdbx_database_status.methods_development_category    ? 
_pdbx_database_status.status_code_nmr_data            ? 
# 
loop_
_audit_author.name 
_audit_author.pdbx_ordinal 
_audit_author.identifier_ORCID 
'McDonough, M.'    1 ? 
'El-Sagheer, A.H.' 2 ? 
'Brown, T.'        3 ? 
'Schofield, C.J.'  4 ? 
# 
_citation.id                        primary 
_citation.title                     'Structural insights into how 5-hydroxymethylation influences transcription factor binding.' 
_citation.journal_abbrev            'Chem. Commun. (Camb.)' 
_citation.journal_volume            50 
_citation.page_first                1794 
_citation.page_last                 1796 
_citation.year                      2014 
_citation.journal_id_ASTM           ? 
_citation.country                   UK 
_citation.journal_id_ISSN           1364-548X 
_citation.journal_id_CSD            ? 
_citation.book_publisher            ? 
_citation.pdbx_database_id_PubMed   24287551 
_citation.pdbx_database_id_DOI      10.1039/c3cc48151d 
# 
loop_
_citation_author.citation_id 
_citation_author.name 
_citation_author.ordinal 
_citation_author.identifier_ORCID 
primary 'Lercher, L.'      1 ? 
primary 'McDonough, M.A.'  2 ? 
primary 'El-Sagheer, A.H.' 3 ? 
primary 'Thalhammer, A.'   4 ? 
primary 'Kriaucionis, S.'  5 ? 
primary 'Brown, T.'        6 ? 
primary 'Schofield, C.J.'  7 ? 
# 
_cell.entry_id           4C5X 
_cell.length_a           25.300 
_cell.length_b           40.270 
_cell.length_c           64.880 
_cell.angle_alpha        90.00 
_cell.angle_beta         90.00 
_cell.angle_gamma        90.00 
_cell.Z_PDB              8 
_cell.pdbx_unique_axis   ? 
# 
_symmetry.entry_id                         4C5X 
_symmetry.space_group_name_H-M             'P 21 21 21' 
_symmetry.pdbx_full_space_group_name_H-M   ? 
_symmetry.cell_setting                     ? 
_symmetry.Int_Tables_number                19 
# 
loop_
_entity.id 
_entity.type 
_entity.src_method 
_entity.pdbx_description 
_entity.formula_weight 
_entity.pdbx_number_of_molecules 
_entity.pdbx_ec 
_entity.pdbx_mutation 
_entity.pdbx_fragment 
_entity.details 
1 polymer     syn "5'-D(CP*GP*CP*GP*AP*AP*TP*TP*5HCP*GP*CP*GP)-3'" 3693.418 2   ? ? 'DICKERSON-DREW SEQUENCE DODECAMER' ? 
2 non-polymer syn 'MAGNESIUM ION'                                  24.305   1   ? ? ?                                   ? 
3 water       nat water                                            18.015   136 ? ? ?                                   ? 
# 
_entity_poly.entity_id                      1 
_entity_poly.type                           polydeoxyribonucleotide 
_entity_poly.nstd_linkage                   no 
_entity_poly.nstd_monomer                   yes 
_entity_poly.pdbx_seq_one_letter_code       '(DC)(DG)(DC)(DG)(DA)(DA)(DT)(DT)(5HC)(DG)(DC)(DG)' 
_entity_poly.pdbx_seq_one_letter_code_can   CGCGAATTXGCG 
_entity_poly.pdbx_strand_id                 A,B 
_entity_poly.pdbx_target_identifier         ? 
# 
loop_
_entity_poly_seq.entity_id 
_entity_poly_seq.num 
_entity_poly_seq.mon_id 
_entity_poly_seq.hetero 
1 1  DC  n 
1 2  DG  n 
1 3  DC  n 
1 4  DG  n 
1 5  DA  n 
1 6  DA  n 
1 7  DT  n 
1 8  DT  n 
1 9  5HC n 
1 10 DG  n 
1 11 DC  n 
1 12 DG  n 
# 
_pdbx_entity_src_syn.entity_id              1 
_pdbx_entity_src_syn.pdbx_src_id            1 
_pdbx_entity_src_syn.pdbx_alt_source_flag   sample 
_pdbx_entity_src_syn.pdbx_beg_seq_num       ? 
_pdbx_entity_src_syn.pdbx_end_seq_num       ? 
_pdbx_entity_src_syn.organism_scientific    'SYNTHETIC CONSTRUCT' 
_pdbx_entity_src_syn.organism_common_name   ? 
_pdbx_entity_src_syn.ncbi_taxonomy_id       32630 
_pdbx_entity_src_syn.details                ? 
# 
_struct_ref.id                         1 
_struct_ref.db_name                    PDB 
_struct_ref.db_code                    4C5X 
_struct_ref.entity_id                  1 
_struct_ref.pdbx_seq_one_letter_code   ? 
_struct_ref.pdbx_align_begin           ? 
_struct_ref.pdbx_db_accession          4C5X 
_struct_ref.pdbx_db_isoform            ? 
# 
loop_
_struct_ref_seq.align_id 
_struct_ref_seq.ref_id 
_struct_ref_seq.pdbx_PDB_id_code 
_struct_ref_seq.pdbx_strand_id 
_struct_ref_seq.seq_align_beg 
_struct_ref_seq.pdbx_seq_align_beg_ins_code 
_struct_ref_seq.seq_align_end 
_struct_ref_seq.pdbx_seq_align_end_ins_code 
_struct_ref_seq.pdbx_db_accession 
_struct_ref_seq.db_align_beg 
_struct_ref_seq.pdbx_db_align_beg_ins_code 
_struct_ref_seq.db_align_end 
_struct_ref_seq.pdbx_db_align_end_ins_code 
_struct_ref_seq.pdbx_auth_seq_align_beg 
_struct_ref_seq.pdbx_auth_seq_align_end 
1 1 4C5X A 1 ? 12 ? 4C5X 1  ? 12 ? 1  12 
2 1 4C5X B 1 ? 12 ? 4C5X 13 ? 24 ? 13 24 
# 
loop_
_chem_comp.id 
_chem_comp.type 
_chem_comp.mon_nstd_flag 
_chem_comp.name 
_chem_comp.pdbx_synonyms 
_chem_comp.formula 
_chem_comp.formula_weight 
5HC 'DNA linking' n 
;2'-deoxy-5-(hydroxymethyl)cytidine 5'-(dihydrogen phosphate)
;
? 'C10 H16 N3 O8 P' 337.223 
DA  'DNA linking' y "2'-DEOXYADENOSINE-5'-MONOPHOSPHATE"                           ? 'C10 H14 N5 O6 P' 331.222 
DC  'DNA linking' y "2'-DEOXYCYTIDINE-5'-MONOPHOSPHATE"                            ? 'C9 H14 N3 O7 P'  307.197 
DG  'DNA linking' y "2'-DEOXYGUANOSINE-5'-MONOPHOSPHATE"                           ? 'C10 H14 N5 O7 P' 347.221 
DT  'DNA linking' y "THYMIDINE-5'-MONOPHOSPHATE"                                   ? 'C10 H15 N2 O8 P' 322.208 
HOH non-polymer   . WATER                                                          ? 'H2 O'            18.015  
MG  non-polymer   . 'MAGNESIUM ION'                                                ? 'Mg 2'            24.305  
# 
_exptl.entry_id          4C5X 
_exptl.method            'X-RAY DIFFRACTION' 
_exptl.crystals_number   1 
# 
_exptl_crystal.id                    1 
_exptl_crystal.density_meas          ? 
_exptl_crystal.density_Matthews      2.02 
_exptl_crystal.density_percent_sol   39 
_exptl_crystal.description           NONE 
# 
_exptl_crystal_grow.crystal_id      1 
_exptl_crystal_grow.method          ? 
_exptl_crystal_grow.temp            ? 
_exptl_crystal_grow.temp_details    ? 
_exptl_crystal_grow.pH              7.5 
_exptl_crystal_grow.pdbx_pH_range   ? 
_exptl_crystal_grow.pdbx_details    '40% MPD, SPERMINE, MAGNESIUM CHLORIDE, SODIUM CACODYLATE PH 7.5' 
# 
_diffrn.id                     1 
_diffrn.ambient_temp           100 
_diffrn.ambient_temp_details   ? 
_diffrn.crystal_id             1 
# 
_diffrn_detector.diffrn_id              1 
_diffrn_detector.detector               PIXEL 
_diffrn_detector.type                   'DECTRIS PILATUS 2M' 
_diffrn_detector.pdbx_collection_date   2011-07-24 
_diffrn_detector.details                MIRRORS 
# 
_diffrn_radiation.diffrn_id                        1 
_diffrn_radiation.wavelength_id                    1 
_diffrn_radiation.pdbx_monochromatic_or_laue_m_l   M 
_diffrn_radiation.monochromator                    'SI (111) DOUBLE CRYSTAL' 
_diffrn_radiation.pdbx_diffrn_protocol             'SINGLE WAVELENGTH' 
_diffrn_radiation.pdbx_scattering_type             x-ray 
# 
_diffrn_radiation_wavelength.id           1 
_diffrn_radiation_wavelength.wavelength   0.917300 
_diffrn_radiation_wavelength.wt           1.0 
# 
_diffrn_source.diffrn_id                   1 
_diffrn_source.source                      SYNCHROTRON 
_diffrn_source.type                        'DIAMOND BEAMLINE I04-1' 
_diffrn_source.pdbx_synchrotron_site       Diamond 
_diffrn_source.pdbx_synchrotron_beamline   I04-1 
_diffrn_source.pdbx_wavelength             0.917300 
_diffrn_source.pdbx_wavelength_list        ? 
# 
_reflns.pdbx_diffrn_id               1 
_reflns.pdbx_ordinal                 1 
_reflns.entry_id                     4C5X 
_reflns.observed_criterion_sigma_I   1.0 
_reflns.observed_criterion_sigma_F   ? 
_reflns.d_resolution_low             34.22 
_reflns.d_resolution_high            1.21 
_reflns.number_obs                   19814 
_reflns.number_all                   ? 
_reflns.percent_possible_obs         95.8 
_reflns.pdbx_Rmerge_I_obs            0.02 
_reflns.pdbx_Rsym_value              ? 
_reflns.pdbx_netI_over_sigmaI        26.20 
_reflns.B_iso_Wilson_estimate        15.58 
_reflns.pdbx_redundancy              5.3 
# 
_reflns_shell.pdbx_diffrn_id         1 
_reflns_shell.pdbx_ordinal           1 
_reflns_shell.d_res_high             1.21 
_reflns_shell.d_res_low              1.24 
_reflns_shell.percent_possible_all   79.4 
_reflns_shell.Rmerge_I_obs           0.52 
_reflns_shell.pdbx_Rsym_value        ? 
_reflns_shell.meanI_over_sigI_obs    2.40 
_reflns_shell.pdbx_redundancy        4.3 
# 
_refine.pdbx_refine_id                           'X-RAY DIFFRACTION' 
_refine.entry_id                                 4C5X 
_refine.pdbx_diffrn_id                           1 
_refine.pdbx_TLS_residual_ADP_flag               ? 
_refine.ls_number_reflns_obs                     17362 
_refine.ls_number_reflns_all                     ? 
_refine.pdbx_ls_sigma_I                          ? 
_refine.pdbx_ls_sigma_F                          0.0 
_refine.pdbx_data_cutoff_high_absF               ? 
_refine.pdbx_data_cutoff_low_absF                ? 
_refine.pdbx_data_cutoff_high_rms_absF           ? 
_refine.ls_d_res_low                             34.2 
_refine.ls_d_res_high                            1.3 
_refine.ls_percent_reflns_obs                    93.78 
_refine.ls_R_factor_obs                          0.1452 
_refine.ls_R_factor_all                          ? 
_refine.ls_R_factor_R_work                       0.1421 
_refine.ls_R_factor_R_free                       0.1734 
_refine.ls_R_factor_R_free_error                 ? 
_refine.ls_R_factor_R_free_error_details         ? 
_refine.ls_percent_reflns_R_free                 10.15 
_refine.ls_number_reflns_R_free                  2971 
_refine.ls_number_parameters                     ? 
_refine.ls_number_restraints                     ? 
_refine.occupancy_min                            ? 
_refine.occupancy_max                            ? 
_refine.correlation_coeff_Fo_to_Fc               ? 
_refine.correlation_coeff_Fo_to_Fc_free          ? 
_refine.B_iso_mean                               22.06 
_refine.aniso_B[1][1]                            7.7695 
_refine.aniso_B[2][2]                            -6.7934 
_refine.aniso_B[3][3]                            -0.9761 
_refine.aniso_B[1][2]                            0.0000 
_refine.aniso_B[1][3]                            0.0000 
_refine.aniso_B[2][3]                            0.0000 
_refine.solvent_model_details                    'FLAT BULK SOLVENT MODEL' 
_refine.solvent_model_param_ksol                 0.442 
_refine.solvent_model_param_bsol                 48.272 
_refine.pdbx_solvent_vdw_probe_radii             0.50 
_refine.pdbx_solvent_ion_probe_radii             ? 
_refine.pdbx_solvent_shrinkage_radii             0.29 
_refine.pdbx_ls_cross_valid_method               ? 
_refine.details                                  ? 
_refine.pdbx_starting_model                      'PDB ENRTY 1BNA' 
_refine.pdbx_method_to_determine_struct          'MOLECULAR REPLACEMENT' 
_refine.pdbx_isotropic_thermal_model             ? 
_refine.pdbx_stereochemistry_target_values       ML 
_refine.pdbx_stereochem_target_val_spec_case     ? 
_refine.pdbx_R_Free_selection_details            ? 
_refine.pdbx_overall_ESU_R                       ? 
_refine.pdbx_overall_ESU_R_Free                  ? 
_refine.overall_SU_ML                            0.14 
_refine.pdbx_overall_phase_error                 16.50 
_refine.overall_SU_B                             ? 
_refine.overall_SU_R_Cruickshank_DPI             ? 
_refine.pdbx_overall_SU_R_free_Cruickshank_DPI   ? 
_refine.pdbx_overall_SU_R_Blow_DPI               ? 
_refine.pdbx_overall_SU_R_free_Blow_DPI          ? 
# 
_refine_hist.pdbx_refine_id                   'X-RAY DIFFRACTION' 
_refine_hist.cycle_id                         LAST 
_refine_hist.pdbx_number_atoms_protein        0 
_refine_hist.pdbx_number_atoms_nucleic_acid   490 
_refine_hist.pdbx_number_atoms_ligand         1 
_refine_hist.number_atoms_solvent             136 
_refine_hist.number_atoms_total               627 
_refine_hist.d_res_high                       1.3 
_refine_hist.d_res_low                        34.2 
# 
loop_
_refine_ls_restr.type 
_refine_ls_restr.dev_ideal 
_refine_ls_restr.dev_ideal_target 
_refine_ls_restr.weight 
_refine_ls_restr.number 
_refine_ls_restr.pdbx_refine_id 
_refine_ls_restr.pdbx_restraint_function 
f_bond_d           0.022  ? ? 555 'X-RAY DIFFRACTION' ? 
f_angle_d          2.486  ? ? 858 'X-RAY DIFFRACTION' ? 
f_dihedral_angle_d 30.110 ? ? 226 'X-RAY DIFFRACTION' ? 
f_chiral_restr     0.124  ? ? 94  'X-RAY DIFFRACTION' ? 
f_plane_restr      0.041  ? ? 24  'X-RAY DIFFRACTION' ? 
# 
loop_
_refine_ls_shell.pdbx_refine_id 
_refine_ls_shell.pdbx_total_number_of_bins_used 
_refine_ls_shell.d_res_high 
_refine_ls_shell.d_res_low 
_refine_ls_shell.number_reflns_R_work 
_refine_ls_shell.R_factor_R_work 
_refine_ls_shell.percent_reflns_obs 
_refine_ls_shell.R_factor_R_free 
_refine_ls_shell.R_factor_R_free_error 
_refine_ls_shell.percent_reflns_R_free 
_refine_ls_shell.number_reflns_R_free 
_refine_ls_shell.number_reflns_all 
_refine_ls_shell.R_factor_all 
'X-RAY DIFFRACTION' . 1.3000 1.3213  1167 0.1948 84.00 0.2261 . . 130 . . 
'X-RAY DIFFRACTION' . 1.3213 1.3441  1149 0.1855 85.00 0.2134 . . 121 . . 
'X-RAY DIFFRACTION' . 1.3441 1.3685  1180 0.1809 89.00 0.2285 . . 136 . . 
'X-RAY DIFFRACTION' . 1.3685 1.3949  1240 0.1621 91.00 0.2393 . . 137 . . 
'X-RAY DIFFRACTION' . 1.3949 1.4233  1214 0.1664 92.00 0.2242 . . 135 . . 
'X-RAY DIFFRACTION' . 1.4233 1.4543  1259 0.1503 94.00 0.2022 . . 142 . . 
'X-RAY DIFFRACTION' . 1.4543 1.4881  1296 0.1595 94.00 0.2397 . . 147 . . 
'X-RAY DIFFRACTION' . 1.4881 1.5253  1201 0.1401 91.00 0.1885 . . 139 . . 
'X-RAY DIFFRACTION' . 1.5253 1.5666  1300 0.1195 96.00 0.1947 . . 141 . . 
'X-RAY DIFFRACTION' . 1.5666 1.6127  1291 0.1129 95.00 0.1627 . . 146 . . 
'X-RAY DIFFRACTION' . 1.6127 1.6647  1284 0.1001 95.00 0.1261 . . 144 . . 
'X-RAY DIFFRACTION' . 1.6647 1.7242  1299 0.0979 97.00 0.1537 . . 142 . . 
'X-RAY DIFFRACTION' . 1.7242 1.7932  1330 0.1065 97.00 0.1331 . . 149 . . 
'X-RAY DIFFRACTION' . 1.7932 1.8749  1312 0.1243 98.00 0.1795 . . 146 . . 
'X-RAY DIFFRACTION' . 1.8749 1.9737  1322 0.1294 98.00 0.1921 . . 147 . . 
'X-RAY DIFFRACTION' . 1.9737 2.0973  1237 0.1325 92.00 0.1572 . . 141 . . 
'X-RAY DIFFRACTION' . 2.0973 2.2592  1318 0.1357 98.00 0.1952 . . 148 . . 
'X-RAY DIFFRACTION' . 2.2592 2.4865  1324 0.1655 97.00 0.2007 . . 146 . . 
'X-RAY DIFFRACTION' . 2.4865 2.8462  1300 0.1505 97.00 0.1917 . . 149 . . 
'X-RAY DIFFRACTION' . 2.8462 3.5853  1286 0.1645 95.00 0.1664 . . 141 . . 
'X-RAY DIFFRACTION' . 3.5853 34.2269 1288 0.1385 96.00 0.1432 . . 144 . . 
# 
_struct.entry_id                  4C5X 
_struct.title                     'Ultra High Resolution Dickerson-Drew dodecamer B-DNA with 5-Hydroxymethyl-cytosine Modification' 
_struct.pdbx_model_details        ? 
_struct.pdbx_CASP_flag            ? 
_struct.pdbx_model_type_details   ? 
# 
_struct_keywords.entry_id        4C5X 
_struct_keywords.pdbx_keywords   DNA 
_struct_keywords.text            'DNA, CYTOSINE MODIFICATION' 
# 
loop_
_struct_asym.id 
_struct_asym.pdbx_blank_PDB_chainid_flag 
_struct_asym.pdbx_modified 
_struct_asym.entity_id 
_struct_asym.details 
A N N 1 ? 
B N N 1 ? 
C N N 2 ? 
D N N 3 ? 
E N N 3 ? 
# 
loop_
_struct_conn.id 
_struct_conn.conn_type_id 
_struct_conn.pdbx_leaving_atom_flag 
_struct_conn.pdbx_PDB_id 
_struct_conn.ptnr1_label_asym_id 
_struct_conn.ptnr1_label_comp_id 
_struct_conn.ptnr1_label_seq_id 
_struct_conn.ptnr1_label_atom_id 
_struct_conn.pdbx_ptnr1_label_alt_id 
_struct_conn.pdbx_ptnr1_PDB_ins_code 
_struct_conn.pdbx_ptnr1_standard_comp_id 
_struct_conn.ptnr1_symmetry 
_struct_conn.ptnr2_label_asym_id 
_struct_conn.ptnr2_label_comp_id 
_struct_conn.ptnr2_label_seq_id 
_struct_conn.ptnr2_label_atom_id 
_struct_conn.pdbx_ptnr2_label_alt_id 
_struct_conn.pdbx_ptnr2_PDB_ins_code 
_struct_conn.ptnr1_auth_asym_id 
_struct_conn.ptnr1_auth_comp_id 
_struct_conn.ptnr1_auth_seq_id 
_struct_conn.ptnr2_auth_asym_id 
_struct_conn.ptnr2_auth_comp_id 
_struct_conn.ptnr2_auth_seq_id 
_struct_conn.ptnr2_symmetry 
_struct_conn.pdbx_ptnr3_label_atom_id 
_struct_conn.pdbx_ptnr3_label_seq_id 
_struct_conn.pdbx_ptnr3_label_comp_id 
_struct_conn.pdbx_ptnr3_label_asym_id 
_struct_conn.pdbx_ptnr3_label_alt_id 
_struct_conn.pdbx_ptnr3_PDB_ins_code 
_struct_conn.details 
_struct_conn.pdbx_dist_value 
_struct_conn.pdbx_value_order 
_struct_conn.pdbx_role 
covale1  covale both ? A DT  8  "O3'" ? ? ? 1_555 A 5HC 9  P  ? ? A DT  8   A 5HC 9    1_555 ? ? ? ? ? ? ?            1.639 ? ? 
covale2  covale both ? A 5HC 9  "O3'" ? ? ? 1_555 A DG  10 P  ? ? A 5HC 9   A DG  10   1_555 ? ? ? ? ? ? ?            1.630 ? ? 
covale3  covale both ? B DT  8  "O3'" ? ? ? 1_555 B 5HC 9  P  ? ? B DT  20  B 5HC 21   1_555 ? ? ? ? ? ? ?            1.595 ? ? 
covale4  covale both ? B 5HC 9  "O3'" ? ? ? 1_555 B DG  10 P  ? ? B 5HC 21  B DG  22   1_555 ? ? ? ? ? ? ?            1.633 ? ? 
metalc1  metalc ?    ? C MG  .  MG    ? ? ? 1_555 D HOH .  O  ? ? A MG  101 A HOH 2018 1_555 ? ? ? ? ? ? ?            2.055 ? ? 
metalc2  metalc ?    ? C MG  .  MG    ? ? ? 1_555 D HOH .  O  ? ? A MG  101 A HOH 2019 1_555 ? ? ? ? ? ? ?            2.066 ? ? 
metalc3  metalc ?    ? C MG  .  MG    ? ? ? 1_555 D HOH .  O  ? ? A MG  101 A HOH 2029 1_555 ? ? ? ? ? ? ?            2.038 ? ? 
metalc4  metalc ?    ? C MG  .  MG    ? ? ? 1_555 D HOH .  O  ? ? A MG  101 A HOH 2071 1_555 ? ? ? ? ? ? ?            2.098 ? ? 
metalc5  metalc ?    ? C MG  .  MG    ? ? ? 1_555 D HOH .  O  ? ? A MG  101 A HOH 2072 1_555 ? ? ? ? ? ? ?            2.102 ? ? 
metalc6  metalc ?    ? C MG  .  MG    ? ? ? 1_555 D HOH .  O  ? ? A MG  101 A HOH 2073 1_555 ? ? ? ? ? ? ?            2.113 ? ? 
hydrog1  hydrog ?    ? A DC  1  N3    ? ? ? 1_555 B DG  12 N1 ? ? A DC  1   B DG  24   1_555 ? ? ? ? ? ? WATSON-CRICK ?     ? ? 
hydrog2  hydrog ?    ? A DC  1  N4    ? ? ? 1_555 B DG  12 O6 ? ? A DC  1   B DG  24   1_555 ? ? ? ? ? ? WATSON-CRICK ?     ? ? 
hydrog3  hydrog ?    ? A DC  1  O2    ? ? ? 1_555 B DG  12 N2 ? ? A DC  1   B DG  24   1_555 ? ? ? ? ? ? WATSON-CRICK ?     ? ? 
hydrog4  hydrog ?    ? A DG  2  N1    ? ? ? 1_555 B DC  11 N3 ? ? A DG  2   B DC  23   1_555 ? ? ? ? ? ? WATSON-CRICK ?     ? ? 
hydrog5  hydrog ?    ? A DG  2  N2    ? ? ? 1_555 B DC  11 O2 ? ? A DG  2   B DC  23   1_555 ? ? ? ? ? ? WATSON-CRICK ?     ? ? 
hydrog6  hydrog ?    ? A DG  2  O6    ? ? ? 1_555 B DC  11 N4 ? ? A DG  2   B DC  23   1_555 ? ? ? ? ? ? WATSON-CRICK ?     ? ? 
hydrog7  hydrog ?    ? A DC  3  N3    ? ? ? 1_555 B DG  10 N1 ? ? A DC  3   B DG  22   1_555 ? ? ? ? ? ? WATSON-CRICK ?     ? ? 
hydrog8  hydrog ?    ? A DC  3  N4    ? ? ? 1_555 B DG  10 O6 ? ? A DC  3   B DG  22   1_555 ? ? ? ? ? ? WATSON-CRICK ?     ? ? 
hydrog9  hydrog ?    ? A DC  3  O2    ? ? ? 1_555 B DG  10 N2 ? ? A DC  3   B DG  22   1_555 ? ? ? ? ? ? WATSON-CRICK ?     ? ? 
hydrog10 hydrog ?    ? A DG  4  N1    ? ? ? 1_555 B 5HC 9  N3 ? ? A DG  4   B 5HC 21   1_555 ? ? ? ? ? ? WATSON-CRICK ?     ? ? 
hydrog11 hydrog ?    ? A DG  4  N2    ? ? ? 1_555 B 5HC 9  O2 ? ? A DG  4   B 5HC 21   1_555 ? ? ? ? ? ? WATSON-CRICK ?     ? ? 
hydrog12 hydrog ?    ? A DG  4  O6    ? ? ? 1_555 B 5HC 9  N4 ? ? A DG  4   B 5HC 21   1_555 ? ? ? ? ? ? WATSON-CRICK ?     ? ? 
hydrog13 hydrog ?    ? A DA  5  N1    ? ? ? 1_555 B DT  8  N3 ? ? A DA  5   B DT  20   1_555 ? ? ? ? ? ? WATSON-CRICK ?     ? ? 
hydrog14 hydrog ?    ? A DA  5  N6    ? ? ? 1_555 B DT  8  O4 ? ? A DA  5   B DT  20   1_555 ? ? ? ? ? ? WATSON-CRICK ?     ? ? 
hydrog15 hydrog ?    ? A DA  6  N1    ? ? ? 1_555 B DT  7  N3 ? ? A DA  6   B DT  19   1_555 ? ? ? ? ? ? WATSON-CRICK ?     ? ? 
hydrog16 hydrog ?    ? A DA  6  N6    ? ? ? 1_555 B DT  7  O4 ? ? A DA  6   B DT  19   1_555 ? ? ? ? ? ? WATSON-CRICK ?     ? ? 
hydrog17 hydrog ?    ? A DT  7  N3    ? ? ? 1_555 B DA  6  N1 ? ? A DT  7   B DA  18   1_555 ? ? ? ? ? ? WATSON-CRICK ?     ? ? 
hydrog18 hydrog ?    ? A DT  7  O4    ? ? ? 1_555 B DA  6  N6 ? ? A DT  7   B DA  18   1_555 ? ? ? ? ? ? WATSON-CRICK ?     ? ? 
hydrog19 hydrog ?    ? A DT  8  N3    ? ? ? 1_555 B DA  5  N1 ? ? A DT  8   B DA  17   1_555 ? ? ? ? ? ? WATSON-CRICK ?     ? ? 
hydrog20 hydrog ?    ? A DT  8  O4    ? ? ? 1_555 B DA  5  N6 ? ? A DT  8   B DA  17   1_555 ? ? ? ? ? ? WATSON-CRICK ?     ? ? 
hydrog21 hydrog ?    ? A 5HC 9  N3    ? ? ? 1_555 B DG  4  N1 ? ? A 5HC 9   B DG  16   1_555 ? ? ? ? ? ? WATSON-CRICK ?     ? ? 
hydrog22 hydrog ?    ? A 5HC 9  N4    ? ? ? 1_555 B DG  4  O6 ? ? A 5HC 9   B DG  16   1_555 ? ? ? ? ? ? WATSON-CRICK ?     ? ? 
hydrog23 hydrog ?    ? A 5HC 9  O2    ? ? ? 1_555 B DG  4  N2 ? ? A 5HC 9   B DG  16   1_555 ? ? ? ? ? ? WATSON-CRICK ?     ? ? 
hydrog24 hydrog ?    ? A DG  10 N1    ? ? ? 1_555 B DC  3  N3 ? ? A DG  10  B DC  15   1_555 ? ? ? ? ? ? WATSON-CRICK ?     ? ? 
hydrog25 hydrog ?    ? A DG  10 N2    ? ? ? 1_555 B DC  3  O2 ? ? A DG  10  B DC  15   1_555 ? ? ? ? ? ? WATSON-CRICK ?     ? ? 
hydrog26 hydrog ?    ? A DG  10 O6    ? ? ? 1_555 B DC  3  N4 ? ? A DG  10  B DC  15   1_555 ? ? ? ? ? ? WATSON-CRICK ?     ? ? 
hydrog27 hydrog ?    ? A DC  11 N3    ? ? ? 1_555 B DG  2  N1 ? ? A DC  11  B DG  14   1_555 ? ? ? ? ? ? WATSON-CRICK ?     ? ? 
hydrog28 hydrog ?    ? A DC  11 N4    ? ? ? 1_555 B DG  2  O6 ? ? A DC  11  B DG  14   1_555 ? ? ? ? ? ? WATSON-CRICK ?     ? ? 
hydrog29 hydrog ?    ? A DC  11 O2    ? ? ? 1_555 B DG  2  N2 ? ? A DC  11  B DG  14   1_555 ? ? ? ? ? ? WATSON-CRICK ?     ? ? 
hydrog30 hydrog ?    ? A DG  12 N1    ? ? ? 1_555 B DC  1  N3 ? ? A DG  12  B DC  13   1_555 ? ? ? ? ? ? WATSON-CRICK ?     ? ? 
hydrog31 hydrog ?    ? A DG  12 N2    ? ? ? 1_555 B DC  1  O2 ? ? A DG  12  B DC  13   1_555 ? ? ? ? ? ? WATSON-CRICK ?     ? ? 
hydrog32 hydrog ?    ? A DG  12 O6    ? ? ? 1_555 B DC  1  N4 ? ? A DG  12  B DC  13   1_555 ? ? ? ? ? ? WATSON-CRICK ?     ? ? 
# 
loop_
_struct_conn_type.id 
_struct_conn_type.criteria 
_struct_conn_type.reference 
covale ? ? 
metalc ? ? 
hydrog ? ? 
# 
_struct_site.id                   AC1 
_struct_site.pdbx_evidence_code   Software 
_struct_site.pdbx_auth_asym_id    A 
_struct_site.pdbx_auth_comp_id    MG 
_struct_site.pdbx_auth_seq_id     101 
_struct_site.pdbx_auth_ins_code   ? 
_struct_site.pdbx_num_residues    6 
_struct_site.details              'BINDING SITE FOR RESIDUE MG A 101' 
# 
loop_
_struct_site_gen.id 
_struct_site_gen.site_id 
_struct_site_gen.pdbx_num_res 
_struct_site_gen.label_comp_id 
_struct_site_gen.label_asym_id 
_struct_site_gen.label_seq_id 
_struct_site_gen.pdbx_auth_ins_code 
_struct_site_gen.auth_comp_id 
_struct_site_gen.auth_asym_id 
_struct_site_gen.auth_seq_id 
_struct_site_gen.label_atom_id 
_struct_site_gen.label_alt_id 
_struct_site_gen.symmetry 
_struct_site_gen.details 
1 AC1 6 HOH D . ? HOH A 2018 . ? 1_555 ? 
2 AC1 6 HOH D . ? HOH A 2019 . ? 1_555 ? 
3 AC1 6 HOH D . ? HOH A 2029 . ? 1_555 ? 
4 AC1 6 HOH D . ? HOH A 2071 . ? 1_555 ? 
5 AC1 6 HOH D . ? HOH A 2072 . ? 1_555 ? 
6 AC1 6 HOH D . ? HOH A 2073 . ? 1_555 ? 
# 
_atom_sites.entry_id                    4C5X 
_atom_sites.fract_transf_matrix[1][1]   0.02743278 
_atom_sites.fract_transf_matrix[1][2]   0.01816995 
_atom_sites.fract_transf_matrix[1][3]   0.02189978 
_atom_sites.fract_transf_matrix[2][1]   -0.00352505 
_atom_sites.fract_transf_matrix[2][2]   0.02090541 
_atom_sites.fract_transf_matrix[2][3]   -0.01292928 
_atom_sites.fract_transf_matrix[3][1]   -0.01087847 
_atom_sites.fract_transf_matrix[3][2]   0.00435750 
_atom_sites.fract_transf_matrix[3][3]   0.01001157 
_atom_sites.fract_transf_vector[1]      0.072143 
_atom_sites.fract_transf_vector[2]      0.035243 
_atom_sites.fract_transf_vector[3]      0.128542 
# 
loop_
_atom_type.symbol 
C  
MG 
N  
O  
P  
# 
loop_
_atom_site.group_PDB 
_atom_site.id 
_atom_site.type_symbol 
_atom_site.label_atom_id 
_atom_site.label_alt_id 
_atom_site.label_comp_id 
_atom_site.label_asym_id 
_atom_site.label_entity_id 
_atom_site.label_seq_id 
_atom_site.pdbx_PDB_ins_code 
_atom_site.Cartn_x 
_atom_site.Cartn_y 
_atom_site.Cartn_z 
_atom_site.occupancy 
_atom_site.B_iso_or_equiv 
_atom_site.pdbx_formal_charge 
_atom_site.auth_seq_id 
_atom_site.auth_comp_id 
_atom_site.auth_asym_id 
_atom_site.auth_atom_id 
_atom_site.pdbx_PDB_model_num 
ATOM   1   O  "O5'" . DC  A 1 1  ? -8.282  18.720  6.038   1.00 22.89 ? 1    DC  A "O5'" 1 
ATOM   2   C  "C5'" . DC  A 1 1  ? -8.855  17.487  6.385   1.00 19.76 ? 1    DC  A "C5'" 1 
ATOM   3   C  "C4'" . DC  A 1 1  ? -7.991  16.881  7.449   1.00 18.39 ? 1    DC  A "C4'" 1 
ATOM   4   O  "O4'" . DC  A 1 1  ? -8.656  15.774  7.998   1.00 18.56 ? 1    DC  A "O4'" 1 
ATOM   5   C  "C3'" . DC  A 1 1  ? -6.651  16.422  6.938   1.00 19.07 ? 1    DC  A "C3'" 1 
ATOM   6   O  "O3'" . DC  A 1 1  ? -5.663  16.721  7.965   1.00 22.01 ? 1    DC  A "O3'" 1 
ATOM   7   C  "C2'" . DC  A 1 1  ? -6.909  14.926  6.714   1.00 19.00 ? 1    DC  A "C2'" 1 
ATOM   8   C  "C1'" . DC  A 1 1  ? -7.832  14.622  7.896   1.00 16.73 ? 1    DC  A "C1'" 1 
ATOM   9   N  N1    . DC  A 1 1  ? -8.761  13.506  7.697   1.00 15.61 ? 1    DC  A N1    1 
ATOM   10  C  C2    . DC  A 1 1  ? -9.013  12.637  8.751   1.00 15.80 ? 1    DC  A C2    1 
ATOM   11  O  O2    . DC  A 1 1  ? -8.345  12.788  9.818   1.00 17.56 ? 1    DC  A O2    1 
ATOM   12  N  N3    . DC  A 1 1  ? -9.899  11.646  8.616   1.00 13.90 ? 1    DC  A N3    1 
ATOM   13  C  C4    . DC  A 1 1  ? -10.555 11.518  7.483   1.00 15.10 ? 1    DC  A C4    1 
ATOM   14  N  N4    . DC  A 1 1  ? -11.457 10.533  7.404   1.00 15.78 ? 1    DC  A N4    1 
ATOM   15  C  C5    . DC  A 1 1  ? -10.364 12.403  6.393   1.00 17.17 ? 1    DC  A C5    1 
ATOM   16  C  C6    . DC  A 1 1  ? -9.469  13.359  6.547   1.00 15.47 ? 1    DC  A C6    1 
ATOM   17  P  P     . DG  A 1 2  ? -4.087  16.574  7.665   1.00 25.47 ? 2    DG  A P     1 
ATOM   18  O  OP1   . DG  A 1 2  ? -3.374  17.711  8.350   1.00 28.92 ? 2    DG  A OP1   1 
ATOM   19  O  OP2   . DG  A 1 2  ? -3.902  16.366  6.218   1.00 28.46 ? 2    DG  A OP2   1 
ATOM   20  O  "O5'" . DG  A 1 2  ? -3.725  15.141  8.289   1.00 23.42 ? 2    DG  A "O5'" 1 
ATOM   21  C  "C5'" . DG  A 1 2  ? -3.825  15.048  9.682   1.00 21.26 ? 2    DG  A "C5'" 1 
ATOM   22  C  "C4'" . DG  A 1 2  ? -3.432  13.681  10.107  1.00 18.90 ? 2    DG  A "C4'" 1 
ATOM   23  O  "O4'" . DG  A 1 2  ? -4.486  12.748  9.808   1.00 19.94 ? 2    DG  A "O4'" 1 
ATOM   24  C  "C3'" . DG  A 1 2  ? -2.174  13.129  9.459   1.00 17.33 ? 2    DG  A "C3'" 1 
ATOM   25  O  "O3'" . DG  A 1 2  ? -1.379  12.679  10.539  1.00 19.50 ? 2    DG  A "O3'" 1 
ATOM   26  C  "C2'" . DG  A 1 2  ? -2.680  12.085  8.503   1.00 16.45 ? 2    DG  A "C2'" 1 
ATOM   27  C  "C1'" . DG  A 1 2  ? -3.943  11.622  9.179   1.00 17.47 ? 2    DG  A "C1'" 1 
ATOM   28  N  N9    . DG  A 1 2  ? -5.025  11.107  8.353   1.00 14.81 ? 2    DG  A N9    1 
ATOM   29  C  C8    . DG  A 1 2  ? -5.382  11.592  7.114   1.00 14.75 ? 2    DG  A C8    1 
ATOM   30  N  N7    . DG  A 1 2  ? -6.440  10.956  6.636   1.00 14.15 ? 2    DG  A N7    1 
ATOM   31  C  C5    . DG  A 1 2  ? -6.745  10.004  7.621   1.00 13.11 ? 2    DG  A C5    1 
ATOM   32  C  C6    . DG  A 1 2  ? -7.755  9.011   7.675   1.00 12.75 ? 2    DG  A C6    1 
ATOM   33  O  O6    . DG  A 1 2  ? -8.641  8.745   6.831   1.00 13.37 ? 2    DG  A O6    1 
ATOM   34  N  N1    . DG  A 1 2  ? -7.694  8.270   8.824   1.00 12.64 ? 2    DG  A N1    1 
ATOM   35  C  C2    . DG  A 1 2  ? -6.822  8.475   9.834   1.00 12.69 ? 2    DG  A C2    1 
ATOM   36  N  N2    . DG  A 1 2  ? -6.950  7.654   10.875  1.00 14.33 ? 2    DG  A N2    1 
ATOM   37  N  N3    . DG  A 1 2  ? -5.852  9.377   9.789   1.00 13.96 ? 2    DG  A N3    1 
ATOM   38  C  C4    . DG  A 1 2  ? -5.900  10.101  8.665   1.00 13.55 ? 2    DG  A C4    1 
ATOM   39  P  P     . DC  A 1 3  ? 0.135   12.165  10.349  1.00 20.01 ? 3    DC  A P     1 
ATOM   40  O  OP1   . DC  A 1 3  ? 0.922   12.797  11.467  1.00 20.47 ? 3    DC  A OP1   1 
ATOM   41  O  OP2   . DC  A 1 3  ? 0.584   12.417  8.967   1.00 24.48 ? 3    DC  A OP2   1 
ATOM   42  O  "O5'" . DC  A 1 3  ? 0.017   10.623  10.615  1.00 21.41 ? 3    DC  A "O5'" 1 
ATOM   43  C  "C5'" . DC  A 1 3  ? -0.591  10.159  11.823  1.00 19.41 ? 3    DC  A "C5'" 1 
ATOM   44  C  "C4'" . DC  A 1 3  ? -1.125  8.785   11.548  1.00 18.37 ? 3    DC  A "C4'" 1 
ATOM   45  O  "O4'" . DC  A 1 3  ? -2.162  8.838   10.593  1.00 18.42 ? 3    DC  A "O4'" 1 
ATOM   46  C  "C3'" . DC  A 1 3  ? -0.103  7.797   11.020  1.00 19.66 ? 3    DC  A "C3'" 1 
ATOM   47  O  "O3'" . DC  A 1 3  ? 0.195   7.002   12.129  1.00 22.58 ? 3    DC  A "O3'" 1 
ATOM   48  C  "C2'" . DC  A 1 3  ? -0.826  6.997   9.953   1.00 21.09 ? 3    DC  A "C2'" 1 
ATOM   49  C  "C1'" . DC  A 1 3  ? -2.231  7.530   9.975   1.00 17.80 ? 3    DC  A "C1'" 1 
ATOM   50  N  N1    . DC  A 1 3  ? -2.849  7.715   8.652   1.00 16.34 ? 3    DC  A N1    1 
ATOM   51  C  C2    . DC  A 1 3  ? -3.975  6.977   8.319   1.00 14.83 ? 3    DC  A C2    1 
ATOM   52  O  O2    . DC  A 1 3  ? -4.419  6.092   9.097   1.00 16.15 ? 3    DC  A O2    1 
ATOM   53  N  N3    . DC  A 1 3  ? -4.563  7.245   7.137   1.00 16.33 ? 3    DC  A N3    1 
ATOM   54  C  C4    . DC  A 1 3  ? -4.038  8.153   6.283   1.00 16.27 ? 3    DC  A C4    1 
ATOM   55  N  N4    . DC  A 1 3  ? -4.724  8.385   5.164   1.00 16.78 ? 3    DC  A N4    1 
ATOM   56  C  C5    . DC  A 1 3  ? -2.884  8.906   6.635   1.00 17.39 ? 3    DC  A C5    1 
ATOM   57  C  C6    . DC  A 1 3  ? -2.326  8.608   7.804   1.00 17.40 ? 3    DC  A C6    1 
ATOM   58  P  P     . DG  A 1 4  ? 1.409   5.963   12.131  1.00 25.51 ? 4    DG  A P     1 
ATOM   59  O  OP1   . DG  A 1 4  ? 1.764   5.715   13.528  1.00 27.00 ? 4    DG  A OP1   1 
ATOM   60  O  OP2   . DG  A 1 4  ? 2.406   6.383   11.184  1.00 25.35 ? 4    DG  A OP2   1 
ATOM   61  O  "O5'" . DG  A 1 4  ? 0.776   4.644   11.542  1.00 22.61 ? 4    DG  A "O5'" 1 
ATOM   62  C  "C5'" . DG  A 1 4  ? -0.212  3.968   12.298  1.00 24.86 ? 4    DG  A "C5'" 1 
ATOM   63  C  "C4'" . DG  A 1 4  ? -0.837  2.943   11.424  1.00 26.12 ? 4    DG  A "C4'" 1 
ATOM   64  O  "O4'" . DG  A 1 4  ? -1.519  3.595   10.332  1.00 26.01 ? 4    DG  A "O4'" 1 
ATOM   65  C  "C3'" . DG  A 1 4  ? 0.204   2.002   10.769  1.00 28.01 ? 4    DG  A "C3'" 1 
ATOM   66  O  "O3'" . DG  A 1 4  ? -0.330  0.736   10.536  1.00 30.74 ? 4    DG  A "O3'" 1 
ATOM   67  C  "C2'" . DG  A 1 4  ? 0.384   2.595   9.379   1.00 27.59 ? 4    DG  A "C2'" 1 
ATOM   68  C  "C1'" . DG  A 1 4  ? -1.109  2.935   9.149   1.00 25.29 ? 4    DG  A "C1'" 1 
ATOM   69  N  N9    . DG  A 1 4  ? -1.325  3.786   8.023   1.00 24.26 ? 4    DG  A N9    1 
ATOM   70  C  C8    . DG  A 1 4  ? -0.495  4.729   7.508   1.00 24.09 ? 4    DG  A C8    1 
ATOM   71  N  N7    . DG  A 1 4  ? -0.979  5.335   6.449   1.00 25.99 ? 4    DG  A N7    1 
ATOM   72  C  C5    . DG  A 1 4  ? -2.207  4.678   6.274   1.00 22.98 ? 4    DG  A C5    1 
ATOM   73  C  C6    . DG  A 1 4  ? -3.158  4.839   5.290   1.00 22.42 ? 4    DG  A C6    1 
ATOM   74  O  O6    . DG  A 1 4  ? -3.144  5.615   4.371   1.00 24.83 ? 4    DG  A O6    1 
ATOM   75  N  N1    . DG  A 1 4  ? -4.225  3.941   5.435   1.00 21.70 ? 4    DG  A N1    1 
ATOM   76  C  C2    . DG  A 1 4  ? -4.378  3.013   6.436   1.00 19.96 ? 4    DG  A C2    1 
ATOM   77  N  N2    . DG  A 1 4  ? -5.484  2.281   6.385   1.00 18.62 ? 4    DG  A N2    1 
ATOM   78  N  N3    . DG  A 1 4  ? -3.472  2.862   7.429   1.00 20.93 ? 4    DG  A N3    1 
ATOM   79  C  C4    . DG  A 1 4  ? -2.428  3.733   7.232   1.00 23.24 ? 4    DG  A C4    1 
ATOM   80  P  P     . DA  A 1 5  ? 0.499   -0.589  10.804  1.00 34.19 ? 5    DA  A P     1 
ATOM   81  O  OP1   . DA  A 1 5  ? 0.642   -0.789  12.194  1.00 29.44 ? 5    DA  A OP1   1 
ATOM   82  O  OP2   . DA  A 1 5  ? 1.651   -0.656  9.821   1.00 38.00 ? 5    DA  A OP2   1 
ATOM   83  O  "O5'" . DA  A 1 5  ? -0.556  -1.714  10.454  1.00 29.70 ? 5    DA  A "O5'" 1 
ATOM   84  C  "C5'" . DA  A 1 5  ? -1.892  -1.600  10.884  1.00 27.18 ? 5    DA  A "C5'" 1 
ATOM   85  C  "C4'" . DA  A 1 5  ? -2.746  -2.110  9.726   1.00 26.18 ? 5    DA  A "C4'" 1 
ATOM   86  O  "O4'" . DA  A 1 5  ? -2.783  -1.068  8.738   1.00 24.67 ? 5    DA  A "O4'" 1 
ATOM   87  C  "C3'" . DA  A 1 5  ? -2.263  -3.374  9.049   1.00 29.36 ? 5    DA  A "C3'" 1 
ATOM   88  O  "O3'" . DA  A 1 5  ? -3.330  -4.245  8.921   1.00 31.25 ? 5    DA  A "O3'" 1 
ATOM   89  C  "C2'" . DA  A 1 5  ? -1.732  -2.847  7.780   1.00 27.88 ? 5    DA  A "C2'" 1 
ATOM   90  C  "C1'" . DA  A 1 5  ? -2.584  -1.625  7.486   1.00 24.28 ? 5    DA  A "C1'" 1 
ATOM   91  N  N9    . DA  A 1 5  ? -1.958  -0.552  6.692   1.00 21.06 ? 5    DA  A N9    1 
ATOM   92  C  C8    . DA  A 1 5  ? -0.775  0.085   6.923   1.00 20.45 ? 5    DA  A C8    1 
ATOM   93  N  N7    . DA  A 1 5  ? -0.485  1.014   6.037   1.00 19.21 ? 5    DA  A N7    1 
ATOM   94  C  C5    . DA  A 1 5  ? -1.595  1.009   5.198   1.00 16.95 ? 5    DA  A C5    1 
ATOM   95  C  C6    . DA  A 1 5  ? -1.870  1.759   4.035   1.00 16.52 ? 5    DA  A C6    1 
ATOM   96  N  N6    . DA  A 1 5  ? -1.114  2.746   3.548   1.00 18.15 ? 5    DA  A N6    1 
ATOM   97  N  N1    . DA  A 1 5  ? -3.021  1.467   3.397   1.00 16.37 ? 5    DA  A N1    1 
ATOM   98  C  C2    . DA  A 1 5  ? -3.805  0.527   3.892   1.00 17.53 ? 5    DA  A C2    1 
ATOM   99  N  N3    . DA  A 1 5  ? -3.648  -0.237  4.990   1.00 18.84 ? 5    DA  A N3    1 
ATOM   100 C  C4    . DA  A 1 5  ? -2.488  0.033   5.568   1.00 18.82 ? 5    DA  A C4    1 
ATOM   101 P  P     . DA  A 1 6  ? -3.114  -5.672  8.196   1.00 33.71 ? 6    DA  A P     1 
ATOM   102 O  OP1   . DA  A 1 6  ? -3.914  -6.632  8.855   1.00 39.05 ? 6    DA  A OP1   1 
ATOM   103 O  OP2   . DA  A 1 6  ? -1.715  -5.814  7.950   1.00 32.20 ? 6    DA  A OP2   1 
ATOM   104 O  "O5'" . DA  A 1 6  ? -3.586  -5.401  6.703   1.00 27.10 ? 6    DA  A "O5'" 1 
ATOM   105 C  "C5'" . DA  A 1 6  ? -4.903  -5.187  6.583   1.00 24.59 ? 6    DA  A "C5'" 1 
ATOM   106 C  "C4'" . DA  A 1 6  ? -5.229  -5.017  5.123   1.00 18.36 ? 6    DA  A "C4'" 1 
ATOM   107 O  "O4'" . DA  A 1 6  ? -4.503  -3.921  4.587   1.00 16.29 ? 6    DA  A "O4'" 1 
ATOM   108 C  "C3'" . DA  A 1 6  ? -4.814  -6.221  4.309   1.00 16.22 ? 6    DA  A "C3'" 1 
ATOM   109 O  "O3'" . DA  A 1 6  ? -5.889  -6.562  3.456   1.00 15.35 ? 6    DA  A "O3'" 1 
ATOM   110 C  "C2'" . DA  A 1 6  ? -3.589  -5.733  3.485   1.00 14.34 ? 6    DA  A "C2'" 1 
ATOM   111 C  "C1'" . DA  A 1 6  ? -3.812  -4.258  3.388   1.00 14.29 ? 6    DA  A "C1'" 1 
ATOM   112 N  N9    . DA  A 1 6  ? -2.650  -3.416  3.354   1.00 13.86 ? 6    DA  A N9    1 
ATOM   113 C  C8    . DA  A 1 6  ? -1.617  -3.414  4.269   1.00 14.05 ? 6    DA  A C8    1 
ATOM   114 N  N7    . DA  A 1 6  ? -0.708  -2.494  4.025   1.00 13.69 ? 6    DA  A N7    1 
ATOM   115 C  C5    . DA  A 1 6  ? -1.175  -1.818  2.905   1.00 13.54 ? 6    DA  A C5    1 
ATOM   116 C  C6    . DA  A 1 6  ? -0.634  -0.752  2.165   1.00 13.53 ? 6    DA  A C6    1 
ATOM   117 N  N6    . DA  A 1 6  ? 0.510   -0.100  2.471   1.00 13.94 ? 6    DA  A N6    1 
ATOM   118 N  N1    . DA  A 1 6  ? -1.331  -0.357  1.103   1.00 13.30 ? 6    DA  A N1    1 
ATOM   119 C  C2    . DA  A 1 6  ? -2.472  -0.970  0.804   1.00 13.03 ? 6    DA  A C2    1 
ATOM   120 N  N3    . DA  A 1 6  ? -3.062  -1.999  1.424   1.00 13.36 ? 6    DA  A N3    1 
ATOM   121 C  C4    . DA  A 1 6  ? -2.330  -2.401  2.477   1.00 13.69 ? 6    DA  A C4    1 
ATOM   122 P  P     . DT  A 1 7  ? -5.850  -7.797  2.419   1.00 14.61 ? 7    DT  A P     1 
ATOM   123 O  OP1   . DT  A 1 7  ? -7.240  -8.283  2.284   1.00 16.45 ? 7    DT  A OP1   1 
ATOM   124 O  OP2   . DT  A 1 7  ? -4.789  -8.763  2.798   1.00 14.64 ? 7    DT  A OP2   1 
ATOM   125 O  "O5'" . DT  A 1 7  ? -5.344  -7.122  1.083   1.00 14.77 ? 7    DT  A "O5'" 1 
ATOM   126 C  "C5'" . DT  A 1 7  ? -6.158  -6.081  0.509   1.00 15.91 ? 7    DT  A "C5'" 1 
ATOM   127 C  "C4'" . DT  A 1 7  ? -5.383  -5.479  -0.667  1.00 14.52 ? 7    DT  A "C4'" 1 
ATOM   128 O  "O4'" . DT  A 1 7  ? -4.240  -4.798  -0.157  1.00 14.54 ? 7    DT  A "O4'" 1 
ATOM   129 C  "C3'" . DT  A 1 7  ? -4.904  -6.476  -1.686  1.00 14.96 ? 7    DT  A "C3'" 1 
ATOM   130 O  "O3'" . DT  A 1 7  ? -5.707  -6.194  -2.851  1.00 17.71 ? 7    DT  A "O3'" 1 
ATOM   131 C  "C2'" . DT  A 1 7  ? -3.435  -6.163  -1.795  1.00 15.29 ? 7    DT  A "C2'" 1 
ATOM   132 C  "C1'" . DT  A 1 7  ? -3.271  -4.786  -1.223  1.00 14.39 ? 7    DT  A "C1'" 1 
ATOM   133 N  N1    . DT  A 1 7  ? -1.983  -4.478  -0.624  1.00 12.65 ? 7    DT  A N1    1 
ATOM   134 C  C2    . DT  A 1 7  ? -1.284  -3.391  -1.115  1.00 12.85 ? 7    DT  A C2    1 
ATOM   135 O  O2    . DT  A 1 7  ? -1.616  -2.730  -2.087  1.00 14.29 ? 7    DT  A O2    1 
ATOM   136 N  N3    . DT  A 1 7  ? -0.115  -3.140  -0.479  1.00 12.69 ? 7    DT  A N3    1 
ATOM   137 C  C4    . DT  A 1 7  ? 0.406   -3.825  0.589   1.00 12.79 ? 7    DT  A C4    1 
ATOM   138 O  O4    . DT  A 1 7  ? 1.442   -3.398  1.100   1.00 13.50 ? 7    DT  A O4    1 
ATOM   139 C  C5    . DT  A 1 7  ? -0.330  -4.968  1.056   1.00 13.34 ? 7    DT  A C5    1 
ATOM   140 C  C7    . DT  A 1 7  ? 0.204   -5.769  2.159   1.00 14.24 ? 7    DT  A C7    1 
ATOM   141 C  C6    . DT  A 1 7  ? -1.480  -5.230  0.424   1.00 12.57 ? 7    DT  A C6    1 
ATOM   142 P  P     . DT  A 1 8  ? -5.492  -7.000  -4.218  1.00 20.26 ? 8    DT  A P     1 
ATOM   143 O  OP1   . DT  A 1 8  ? -6.784  -6.941  -4.984  1.00 24.27 ? 8    DT  A OP1   1 
ATOM   144 O  OP2   . DT  A 1 8  ? -4.859  -8.313  -3.903  1.00 24.08 ? 8    DT  A OP2   1 
ATOM   145 O  "O5'" . DT  A 1 8  ? -4.389  -6.170  -4.976  1.00 18.40 ? 8    DT  A "O5'" 1 
ATOM   146 C  "C5'" . DT  A 1 8  ? -4.650  -4.814  -5.243  1.00 18.21 ? 8    DT  A "C5'" 1 
ATOM   147 C  "C4'" . DT  A 1 8  ? -3.458  -4.195  -5.907  1.00 17.20 ? 8    DT  A "C4'" 1 
ATOM   148 O  "O4'" . DT  A 1 8  ? -2.401  -4.134  -4.944  1.00 16.73 ? 8    DT  A "O4'" 1 
ATOM   149 C  "C3'" . DT  A 1 8  ? -2.895  -5.010  -7.064  1.00 17.54 ? 8    DT  A "C3'" 1 
ATOM   150 O  "O3'" . DT  A 1 8  ? -3.051  -4.153  -8.214  1.00 20.74 ? 8    DT  A "O3'" 1 
ATOM   151 C  "C2'" . DT  A 1 8  ? -1.475  -5.288  -6.659  1.00 17.05 ? 8    DT  A "C2'" 1 
ATOM   152 C  "C1'" . DT  A 1 8  ? -1.168  -4.255  -5.630  1.00 15.47 ? 8    DT  A "C1'" 1 
ATOM   153 N  N1    . DT  A 1 8  ? -0.187  -4.608  -4.605  1.00 14.00 ? 8    DT  A N1    1 
ATOM   154 C  C2    . DT  A 1 8  ? 0.873   -3.759  -4.439  1.00 14.05 ? 8    DT  A C2    1 
ATOM   155 O  O2    . DT  A 1 8  ? 1.095   -2.762  -5.110  1.00 14.45 ? 8    DT  A O2    1 
ATOM   156 N  N3    . DT  A 1 8  ? 1.685   -4.101  -3.390  1.00 13.64 ? 8    DT  A N3    1 
ATOM   157 C  C4    . DT  A 1 8  ? 1.563   -5.207  -2.561  1.00 14.39 ? 8    DT  A C4    1 
ATOM   158 O  O4    . DT  A 1 8  ? 2.343   -5.405  -1.631  1.00 14.14 ? 8    DT  A O4    1 
ATOM   159 C  C5    . DT  A 1 8  ? 0.441   -6.075  -2.827  1.00 13.47 ? 8    DT  A C5    1 
ATOM   160 C  C7    . DT  A 1 8  ? 0.216   -7.340  -2.058  1.00 15.69 ? 8    DT  A C7    1 
ATOM   161 C  C6    . DT  A 1 8  ? -0.378  -5.735  -3.816  1.00 14.51 ? 8    DT  A C6    1 
HETATM 162 P  P     . 5HC A 1 9  ? -2.346  -4.496  -9.653  1.00 22.37 ? 9    5HC A P     1 
HETATM 163 O  OP1   . 5HC A 1 9  ? -3.224  -3.908  -10.711 1.00 24.47 ? 9    5HC A OP1   1 
HETATM 164 O  OP2   . 5HC A 1 9  ? -2.010  -6.026  -9.782  1.00 24.90 ? 9    5HC A OP2   1 
HETATM 165 O  "O5'" . 5HC A 1 9  ? -0.998  -3.702  -9.570  1.00 19.29 ? 9    5HC A "O5'" 1 
HETATM 166 C  "C5'" . 5HC A 1 9  ? -0.911  -2.338  -9.323  1.00 18.35 ? 9    5HC A "C5'" 1 
HETATM 167 C  "C4'" . 5HC A 1 9  ? 0.488   -1.854  -9.299  1.00 18.32 ? 9    5HC A "C4'" 1 
HETATM 168 O  "O4'" . 5HC A 1 9  ? 1.220   -2.500  -8.220  1.00 17.31 ? 9    5HC A "O4'" 1 
HETATM 169 C  "C3'" . 5HC A 1 9  ? 1.219   -2.246  -10.543 1.00 19.74 ? 9    5HC A "C3'" 1 
HETATM 170 O  "O3'" . 5HC A 1 9  ? 1.751   -1.000  -10.998 1.00 24.70 ? 9    5HC A "O3'" 1 
HETATM 171 C  "C2'" . 5HC A 1 9  ? 2.314   -3.173  -10.153 1.00 18.38 ? 9    5HC A "C2'" 1 
HETATM 172 C  "C1'" . 5HC A 1 9  ? 2.548   -2.886  -8.724  1.00 16.98 ? 9    5HC A "C1'" 1 
HETATM 173 N  N1    . 5HC A 1 9  ? 2.973   -3.928  -7.778  1.00 14.51 ? 9    5HC A N1    1 
HETATM 174 C  C2    . 5HC A 1 9  ? 4.033   -3.721  -6.934  1.00 14.37 ? 9    5HC A C2    1 
HETATM 175 O  O2    . 5HC A 1 9  ? 4.768   -2.734  -7.041  1.00 15.36 ? 9    5HC A O2    1 
HETATM 176 N  N3    . 5HC A 1 9  ? 4.317   -4.659  -5.982  1.00 13.56 ? 9    5HC A N3    1 
HETATM 177 C  C4    . 5HC A 1 9  ? 3.531   -5.717  -5.869  1.00 13.83 ? 9    5HC A C4    1 
HETATM 178 N  N4    . 5HC A 1 9  ? 3.831   -6.595  -4.843  1.00 15.03 ? 9    5HC A N4    1 
HETATM 179 C  C5    . 5HC A 1 9  ? 2.493   -5.991  -6.738  1.00 14.93 ? 9    5HC A C5    1 
HETATM 180 C  C5M   . 5HC A 1 9  ? 1.669   -7.229  -6.635  1.00 17.42 ? 9    5HC A C5M   1 
HETATM 181 O  O5    A 5HC A 1 9  ? 2.228   -8.416  -7.089  0.70 20.39 ? 9    5HC A O5    1 
HETATM 182 O  O5    B 5HC A 1 9  ? 0.679   -7.577  -7.514  0.30 22.04 ? 9    5HC A O5    1 
HETATM 183 C  C6    . 5HC A 1 9  ? 2.211   -5.066  -7.714  1.00 14.64 ? 9    5HC A C6    1 
ATOM   184 P  P     . DG  A 1 10 ? 2.288   -0.757  -12.517 1.00 28.02 ? 10   DG  A P     1 
ATOM   185 O  OP1   . DG  A 1 10 ? 2.245   0.727   -12.777 1.00 31.38 ? 10   DG  A OP1   1 
ATOM   186 O  OP2   . DG  A 1 10 ? 1.809   -1.883  -13.425 1.00 28.86 ? 10   DG  A OP2   1 
ATOM   187 O  "O5'" . DG  A 1 10 ? 3.816   -1.250  -12.476 1.00 24.71 ? 10   DG  A "O5'" 1 
ATOM   188 C  "C5'" . DG  A 1 10 ? 4.781   -0.487  -11.830 1.00 22.99 ? 10   DG  A "C5'" 1 
ATOM   189 C  "C4'" . DG  A 1 10 ? 5.996   -1.341  -11.688 1.00 20.16 ? 10   DG  A "C4'" 1 
ATOM   190 O  "O4'" . DG  A 1 10 ? 5.744   -2.376  -10.722 1.00 18.36 ? 10   DG  A "O4'" 1 
ATOM   191 C  "C3'" . DG  A 1 10 ? 6.462   -2.069  -12.948 1.00 21.56 ? 10   DG  A "C3'" 1 
ATOM   192 O  "O3'" . DG  A 1 10 ? 7.905   -2.017  -13.002 1.00 24.63 ? 10   DG  A "O3'" 1 
ATOM   193 C  "C2'" . DG  A 1 10 ? 6.135   -3.531  -12.723 1.00 20.78 ? 10   DG  A "C2'" 1 
ATOM   194 C  "C1'" . DG  A 1 10 ? 6.367   -3.563  -11.204 1.00 17.52 ? 10   DG  A "C1'" 1 
ATOM   195 N  N9    . DG  A 1 10 ? 5.863   -4.699  -10.456 1.00 15.95 ? 10   DG  A N9    1 
ATOM   196 C  C8    . DG  A 1 10 ? 4.859   -5.563  -10.753 1.00 16.39 ? 10   DG  A C8    1 
ATOM   197 N  N7    . DG  A 1 10 ? 4.721   -6.476  -9.836  1.00 14.75 ? 10   DG  A N7    1 
ATOM   198 C  C5    . DG  A 1 10 ? 5.729   -6.251  -8.908  1.00 13.29 ? 10   DG  A C5    1 
ATOM   199 C  C6    . DG  A 1 10 ? 6.091   -6.925  -7.719  1.00 14.31 ? 10   DG  A C6    1 
ATOM   200 O  O6    . DG  A 1 10 ? 5.569   -7.919  -7.202  1.00 14.77 ? 10   DG  A O6    1 
ATOM   201 N  N1    . DG  A 1 10 ? 7.211   -6.330  -7.138  1.00 13.45 ? 10   DG  A N1    1 
ATOM   202 C  C2    . DG  A 1 10 ? 7.870   -5.247  -7.605  1.00 13.43 ? 10   DG  A C2    1 
ATOM   203 N  N2    . DG  A 1 10 ? 8.907   -4.838  -6.916  1.00 13.75 ? 10   DG  A N2    1 
ATOM   204 N  N3    . DG  A 1 10 ? 7.492   -4.576  -8.675  1.00 14.38 ? 10   DG  A N3    1 
ATOM   205 C  C4    . DG  A 1 10 ? 6.431   -5.144  -9.281  1.00 14.35 ? 10   DG  A C4    1 
ATOM   206 P  P     . DC  A 1 11 ? 8.670   -0.964  -13.971 1.00 26.87 ? 11   DC  A P     1 
ATOM   207 O  OP1   . DC  A 1 11 ? 7.832   0.297   -14.089 1.00 28.64 ? 11   DC  A OP1   1 
ATOM   208 O  OP2   . DC  A 1 11 ? 9.123   -1.681  -15.182 1.00 29.41 ? 11   DC  A OP2   1 
ATOM   209 O  "O5'" . DC  A 1 11 ? 9.957   -0.641  -13.125 1.00 22.51 ? 11   DC  A "O5'" 1 
ATOM   210 C  "C5'" . DC  A 1 11 ? 9.852   0.082   -11.952 1.00 23.67 ? 11   DC  A "C5'" 1 
ATOM   211 C  "C4'" . DC  A 1 11 ? 10.821  -0.412  -10.900 1.00 20.72 ? 11   DC  A "C4'" 1 
ATOM   212 O  "O4'" . DC  A 1 11 ? 10.424  -1.736  -10.467 1.00 19.12 ? 11   DC  A "O4'" 1 
ATOM   213 C  "C3'" . DC  A 1 11 ? 12.257  -0.579  -11.410 1.00 21.64 ? 11   DC  A "C3'" 1 
ATOM   214 O  "O3'" . DC  A 1 11 ? 13.098  -0.154  -10.390 1.00 23.08 ? 11   DC  A "O3'" 1 
ATOM   215 C  "C2'" . DC  A 1 11 ? 12.426  -2.081  -11.636 1.00 20.47 ? 11   DC  A "C2'" 1 
ATOM   216 C  "C1'" . DC  A 1 11 ? 11.537  -2.670  -10.574 1.00 17.88 ? 11   DC  A "C1'" 1 
ATOM   217 N  N1    . DC  A 1 11 ? 10.912  -3.942  -10.807 1.00 16.81 ? 11   DC  A N1    1 
ATOM   218 C  C2    . DC  A 1 11 ? 10.932  -4.905  -9.763  1.00 14.99 ? 11   DC  A C2    1 
ATOM   219 O  O2    . DC  A 1 11 ? 11.590  -4.657  -8.732  1.00 15.37 ? 11   DC  A O2    1 
ATOM   220 N  N3    . DC  A 1 11 ? 10.176  -6.026  -9.903  1.00 15.08 ? 11   DC  A N3    1 
ATOM   221 C  C4    . DC  A 1 11 ? 9.432   -6.182  -10.992 1.00 16.84 ? 11   DC  A C4    1 
ATOM   222 N  N4    . DC  A 1 11 ? 8.675   -7.277  -11.075 1.00 18.50 ? 11   DC  A N4    1 
ATOM   223 C  C5    . DC  A 1 11 ? 9.435   -5.262  -12.061 1.00 18.98 ? 11   DC  A C5    1 
ATOM   224 C  C6    . DC  A 1 11 ? 10.163  -4.152  -11.911 1.00 19.38 ? 11   DC  A C6    1 
ATOM   225 P  P     . DG  A 1 12 ? 14.661  0.148   -10.672 1.00 26.70 ? 12   DG  A P     1 
ATOM   226 O  OP1   . DG  A 1 12 ? 15.099  1.134   -9.656  1.00 28.65 ? 12   DG  A OP1   1 
ATOM   227 O  OP2   . DG  A 1 12 ? 14.860  0.489   -12.137 1.00 32.50 ? 12   DG  A OP2   1 
ATOM   228 O  "O5'" . DG  A 1 12 ? 15.385  -1.224  -10.409 1.00 26.56 ? 12   DG  A "O5'" 1 
ATOM   229 C  "C5'" . DG  A 1 12 ? 15.518  -1.591  -9.030  1.00 22.33 ? 12   DG  A "C5'" 1 
ATOM   230 C  "C4'" . DG  A 1 12 ? 16.225  -2.958  -9.020  1.00 17.82 ? 12   DG  A "C4'" 1 
ATOM   231 O  "O4'" . DG  A 1 12 ? 15.356  -3.964  -9.495  1.00 21.09 ? 12   DG  A "O4'" 1 
ATOM   232 C  "C3'" . DG  A 1 12 ? 17.416  -3.045  -9.993  1.00 17.37 ? 12   DG  A "C3'" 1 
ATOM   233 O  "O3'" . DG  A 1 12 ? 18.672  -3.120  -9.282  1.00 19.31 ? 12   DG  A "O3'" 1 
ATOM   234 C  "C2'" . DG  A 1 12 ? 17.197  -4.291  -10.856 1.00 18.75 ? 12   DG  A "C2'" 1 
ATOM   235 C  "C1'" . DG  A 1 12 ? 16.090  -5.021  -10.136 1.00 17.56 ? 12   DG  A "C1'" 1 
ATOM   236 N  N9    . DG  A 1 12 ? 15.068  -5.629  -10.879 1.00 16.31 ? 12   DG  A N9    1 
ATOM   237 C  C8    . DG  A 1 12 ? 14.431  -5.129  -11.989 1.00 18.45 ? 12   DG  A C8    1 
ATOM   238 N  N7    . DG  A 1 12 ? 13.437  -5.865  -12.394 1.00 18.35 ? 12   DG  A N7    1 
ATOM   239 C  C5    . DG  A 1 12 ? 13.363  -6.914  -11.493 1.00 17.29 ? 12   DG  A C5    1 
ATOM   240 C  C6    . DG  A 1 12 ? 12.494  -8.034  -11.376 1.00 18.18 ? 12   DG  A C6    1 
ATOM   241 O  O6    . DG  A 1 12 ? 11.543  -8.351  -12.048 1.00 20.59 ? 12   DG  A O6    1 
ATOM   242 N  N1    . DG  A 1 12 ? 12.791  -8.829  -10.286 1.00 16.14 ? 12   DG  A N1    1 
ATOM   243 C  C2    . DG  A 1 12 ? 13.821  -8.591  -9.448  1.00 15.68 ? 12   DG  A C2    1 
ATOM   244 N  N2    . DG  A 1 12 ? 14.008  -9.482  -8.485  1.00 15.76 ? 12   DG  A N2    1 
ATOM   245 N  N3    . DG  A 1 12 ? 14.642  -7.546  -9.531  1.00 15.31 ? 12   DG  A N3    1 
ATOM   246 C  C4    . DG  A 1 12 ? 14.364  -6.757  -10.568 1.00 15.59 ? 12   DG  A C4    1 
ATOM   247 O  "O5'" . DC  B 1 1  ? 9.250   -16.901 -9.319  1.00 32.87 ? 13   DC  B "O5'" 1 
ATOM   248 C  "C5'" . DC  B 1 1  ? 10.445  -17.558 -8.934  1.00 28.08 ? 13   DC  B "C5'" 1 
ATOM   249 C  "C4'" . DC  B 1 1  ? 11.144  -16.599 -7.992  1.00 24.86 ? 13   DC  B "C4'" 1 
ATOM   250 O  "O4'" . DC  B 1 1  ? 11.450  -15.352 -8.670  1.00 21.04 ? 13   DC  B "O4'" 1 
ATOM   251 C  "C3'" . DC  B 1 1  ? 10.411  -16.291 -6.699  1.00 27.92 ? 13   DC  B "C3'" 1 
ATOM   252 O  "O3'" . DC  B 1 1  ? 11.308  -16.559 -5.575  1.00 29.83 ? 13   DC  B "O3'" 1 
ATOM   253 C  "C2'" . DC  B 1 1  ? 10.029  -14.873 -6.756  1.00 25.38 ? 13   DC  B "C2'" 1 
ATOM   254 C  "C1'" . DC  B 1 1  ? 11.084  -14.284 -7.762  1.00 22.40 ? 13   DC  B "C1'" 1 
ATOM   255 N  N1    . DC  B 1 1  ? 10.668  -13.243 -8.688  1.00 21.42 ? 13   DC  B N1    1 
ATOM   256 C  C2    . DC  B 1 1  ? 11.425  -12.057 -8.919  1.00 20.16 ? 13   DC  B C2    1 
ATOM   257 O  O2    . DC  B 1 1  ? 12.317  -11.838 -8.233  1.00 21.23 ? 13   DC  B O2    1 
ATOM   258 N  N3    . DC  B 1 1  ? 11.016  -11.135 -9.766  1.00 20.78 ? 13   DC  B N3    1 
ATOM   259 C  C4    . DC  B 1 1  ? 9.940   -11.387 -10.513 1.00 21.82 ? 13   DC  B C4    1 
ATOM   260 N  N4    . DC  B 1 1  ? 9.593   -10.480 -11.425 1.00 21.30 ? 13   DC  B N4    1 
ATOM   261 C  C5    . DC  B 1 1  ? 9.204   -12.595 -10.396 1.00 23.26 ? 13   DC  B C5    1 
ATOM   262 C  C6    . DC  B 1 1  ? 9.580   -13.480 -9.475  1.00 22.68 ? 13   DC  B C6    1 
ATOM   263 P  P     . DG  B 1 2  ? 10.742  -16.540 -4.076  1.00 30.19 ? 14   DG  B P     1 
ATOM   264 O  OP1   . DG  B 1 2  ? 11.603  -17.489 -3.256  1.00 34.52 ? 14   DG  B OP1   1 
ATOM   265 O  OP2   . DG  B 1 2  ? 9.275   -16.432 -4.151  1.00 32.12 ? 14   DG  B OP2   1 
ATOM   266 O  "O5'" . DG  B 1 2  ? 10.962  -14.981 -3.624  1.00 23.06 ? 14   DG  B "O5'" 1 
ATOM   267 C  "C5'" . DG  B 1 2  ? 12.321  -14.701 -3.565  1.00 21.32 ? 14   DG  B "C5'" 1 
ATOM   268 C  "C4'" . DG  B 1 2  ? 12.561  -13.228 -3.440  1.00 19.19 ? 14   DG  B "C4'" 1 
ATOM   269 O  "O4'" . DG  B 1 2  ? 12.039  -12.633 -4.651  1.00 19.07 ? 14   DG  B "O4'" 1 
ATOM   270 C  "C3'" . DG  B 1 2  ? 11.772  -12.687 -2.270  1.00 20.26 ? 14   DG  B "C3'" 1 
ATOM   271 O  "O3'" . DG  B 1 2  ? 12.630  -12.259 -1.301  1.00 18.52 ? 14   DG  B "O3'" 1 
ATOM   272 C  "C2'" . DG  B 1 2  ? 10.828  -11.663 -2.805  1.00 20.83 ? 14   DG  B "C2'" 1 
ATOM   273 C  "C1'" . DG  B 1 2  ? 11.483  -11.374 -4.155  1.00 19.71 ? 14   DG  B "C1'" 1 
ATOM   274 N  N9    . DG  B 1 2  ? 10.561  -10.991 -5.237  1.00 17.64 ? 14   DG  B N9    1 
ATOM   275 C  C8    . DG  B 1 2  ? 9.425   -11.669 -5.620  1.00 19.04 ? 14   DG  B C8    1 
ATOM   276 N  N7    . DG  B 1 2  ? 8.809   -11.101 -6.631  1.00 17.64 ? 14   DG  B N7    1 
ATOM   277 C  C5    . DG  B 1 2  ? 9.573   -10.003 -6.920  1.00 14.37 ? 14   DG  B C5    1 
ATOM   278 C  C6    . DG  B 1 2  ? 9.346   -9.018  -7.873  1.00 13.87 ? 14   DG  B C6    1 
ATOM   279 O  O6    . DG  B 1 2  ? 8.425   -8.985  -8.710  1.00 15.49 ? 14   DG  B O6    1 
ATOM   280 N  N1    . DG  B 1 2  ? 10.322  -8.024  -7.854  1.00 13.79 ? 14   DG  B N1    1 
ATOM   281 C  C2    . DG  B 1 2  ? 11.364  -7.995  -6.974  1.00 14.22 ? 14   DG  B C2    1 
ATOM   282 N  N2    . DG  B 1 2  ? 12.182  -6.954  -7.140  1.00 14.62 ? 14   DG  B N2    1 
ATOM   283 N  N3    . DG  B 1 2  ? 11.605  -8.924  -6.079  1.00 14.93 ? 14   DG  B N3    1 
ATOM   284 C  C4    . DG  B 1 2  ? 10.633  -9.892  -6.080  1.00 13.87 ? 14   DG  B C4    1 
ATOM   285 P  P     . DC  B 1 3  ? 12.096  -11.609 0.051   1.00 19.64 ? 15   DC  B P     1 
ATOM   286 O  OP1   . DC  B 1 3  ? 13.084  -11.901 1.064   1.00 21.35 ? 15   DC  B OP1   1 
ATOM   287 O  OP2   . DC  B 1 3  ? 10.636  -11.957 0.273   1.00 23.59 ? 15   DC  B OP2   1 
ATOM   288 O  "O5'" . DC  B 1 3  ? 12.070  -10.053 -0.220  1.00 18.23 ? 15   DC  B "O5'" 1 
ATOM   289 C  "C5'" . DC  B 1 3  ? 13.243  -9.406  -0.616  1.00 16.88 ? 15   DC  B "C5'" 1 
ATOM   290 C  "C4'" . DC  B 1 3  ? 12.932  -8.088  -1.297  1.00 15.91 ? 15   DC  B "C4'" 1 
ATOM   291 O  "O4'" . DC  B 1 3  ? 12.164  -8.378  -2.473  1.00 16.06 ? 15   DC  B "O4'" 1 
ATOM   292 C  "C3'" . DC  B 1 3  ? 12.082  -7.098  -0.523  1.00 15.54 ? 15   DC  B "C3'" 1 
ATOM   293 O  "O3'" . DC  B 1 3  ? 12.938  -6.401  0.349   1.00 17.35 ? 15   DC  B "O3'" 1 
ATOM   294 C  "C2'" . DC  B 1 3  ? 11.609  -6.224  -1.673  1.00 16.67 ? 15   DC  B "C2'" 1 
ATOM   295 C  "C1'" . DC  B 1 3  ? 11.415  -7.208  -2.801  1.00 16.35 ? 15   DC  B "C1'" 1 
ATOM   296 N  N1    . DC  B 1 3  ? 10.098  -7.648  -3.196  1.00 16.03 ? 15   DC  B N1    1 
ATOM   297 C  C2    . DC  B 1 3  ? 9.459   -7.034  -4.252  1.00 14.23 ? 15   DC  B C2    1 
ATOM   298 O  O2    . DC  B 1 3  ? 10.017  -6.083  -4.725  1.00 14.05 ? 15   DC  B O2    1 
ATOM   299 N  N3    . DC  B 1 3  ? 8.279   -7.533  -4.713  1.00 14.74 ? 15   DC  B N3    1 
ATOM   300 C  C4    . DC  B 1 3  ? 7.670   -8.522  -4.080  1.00 16.38 ? 15   DC  B C4    1 
ATOM   301 N  N4    . DC  B 1 3  ? 6.525   -8.931  -4.554  1.00 17.40 ? 15   DC  B N4    1 
ATOM   302 C  C5    . DC  B 1 3  ? 8.214   -9.106  -2.900  1.00 17.49 ? 15   DC  B C5    1 
ATOM   303 C  C6    . DC  B 1 3  ? 9.446   -8.632  -2.514  1.00 17.23 ? 15   DC  B C6    1 
ATOM   304 P  P     . DG  B 1 4  ? 12.337  -5.376  1.429   1.00 19.11 ? 16   DG  B P     1 
ATOM   305 O  OP1   . DG  B 1 4  ? 13.401  -5.148  2.424   1.00 21.73 ? 16   DG  B OP1   1 
ATOM   306 O  OP2   . DG  B 1 4  ? 11.037  -5.889  1.929   1.00 20.51 ? 16   DG  B OP2   1 
ATOM   307 O  "O5'" . DG  B 1 4  ? 12.097  -4.027  0.655   1.00 17.52 ? 16   DG  B "O5'" 1 
ATOM   308 C  "C5'" . DG  B 1 4  ? 13.168  -3.277  0.041   1.00 18.45 ? 16   DG  B "C5'" 1 
ATOM   309 C  "C4'" . DG  B 1 4  ? 12.549  -2.142  -0.708  1.00 16.73 ? 16   DG  B "C4'" 1 
ATOM   310 O  "O4'" . DG  B 1 4  ? 11.619  -2.654  -1.702  1.00 16.26 ? 16   DG  B "O4'" 1 
ATOM   311 C  "C3'" . DG  B 1 4  ? 11.794  -1.092  0.111   1.00 18.13 ? 16   DG  B "C3'" 1 
ATOM   312 O  "O3'" . DG  B 1 4  ? 12.070  0.104   -0.531  1.00 20.01 ? 16   DG  B "O3'" 1 
ATOM   313 C  "C2'" . DG  B 1 4  ? 10.399  -1.645  0.010   1.00 15.79 ? 16   DG  B "C2'" 1 
ATOM   314 C  "C1'" . DG  B 1 4  ? 10.315  -2.219  -1.395  1.00 15.23 ? 16   DG  B "C1'" 1 
ATOM   315 N  N9    . DG  B 1 4  ? 9.315   -3.254  -1.518  1.00 14.26 ? 16   DG  B N9    1 
ATOM   316 C  C8    . DG  B 1 4  ? 9.006   -4.244  -0.580  1.00 16.08 ? 16   DG  B C8    1 
ATOM   317 N  N7    . DG  B 1 4  ? 8.037   -5.016  -0.988  1.00 14.70 ? 16   DG  B N7    1 
ATOM   318 C  C5    . DG  B 1 4  ? 7.684   -4.533  -2.262  1.00 13.30 ? 16   DG  B C5    1 
ATOM   319 C  C6    . DG  B 1 4  ? 6.684   -4.957  -3.139  1.00 14.32 ? 16   DG  B C6    1 
ATOM   320 O  O6    . DG  B 1 4  ? 5.858   -5.874  -2.991  1.00 14.61 ? 16   DG  B O6    1 
ATOM   321 N  N1    . DG  B 1 4  ? 6.654   -4.148  -4.267  1.00 13.94 ? 16   DG  B N1    1 
ATOM   322 C  C2    . DG  B 1 4  ? 7.491   -3.098  -4.546  1.00 13.78 ? 16   DG  B C2    1 
ATOM   323 N  N2    . DG  B 1 4  ? 7.304   -2.422  -5.673  1.00 14.30 ? 16   DG  B N2    1 
ATOM   324 N  N3    . DG  B 1 4  ? 8.457   -2.735  -3.720  1.00 13.75 ? 16   DG  B N3    1 
ATOM   325 C  C4    . DG  B 1 4  ? 8.481   -3.476  -2.608  1.00 13.98 ? 16   DG  B C4    1 
ATOM   326 P  P     . DA  B 1 5  ? 11.148  1.448   -0.366  1.00 21.15 ? 17   DA  B P     1 
ATOM   327 O  OP1   . DA  B 1 5  ? 12.085  2.610   -0.405  1.00 23.53 ? 17   DA  B OP1   1 
ATOM   328 O  OP2   . DA  B 1 5  ? 10.228  1.316   0.805   1.00 23.57 ? 17   DA  B OP2   1 
ATOM   329 O  "O5'" . DA  B 1 5  ? 10.206  1.412   -1.669  1.00 19.70 ? 17   DA  B "O5'" 1 
ATOM   330 C  "C5'" . DA  B 1 5  ? 10.826  1.356   -2.975  1.00 19.27 ? 17   DA  B "C5'" 1 
ATOM   331 C  "C4'" . DA  B 1 5  ? 9.733   1.703   -3.962  1.00 18.83 ? 17   DA  B "C4'" 1 
ATOM   332 O  "O4'" . DA  B 1 5  ? 8.718   0.651   -4.003  1.00 16.44 ? 17   DA  B "O4'" 1 
ATOM   333 C  "C3'" . DA  B 1 5  ? 8.988   2.983   -3.658  1.00 21.22 ? 17   DA  B "C3'" 1 
ATOM   334 O  "O3'" . DA  B 1 5  ? 8.745   3.585   -4.902  1.00 23.60 ? 17   DA  B "O3'" 1 
ATOM   335 C  "C2'" . DA  B 1 5  ? 7.738   2.543   -2.920  1.00 17.98 ? 17   DA  B "C2'" 1 
ATOM   336 C  "C1'" . DA  B 1 5  ? 7.453   1.191   -3.560  1.00 15.29 ? 17   DA  B "C1'" 1 
ATOM   337 N  N9    . DA  B 1 5  ? 6.853   0.194   -2.700  1.00 14.06 ? 17   DA  B N9    1 
ATOM   338 C  C8    . DA  B 1 5  ? 7.309   -0.191  -1.481  1.00 15.31 ? 17   DA  B C8    1 
ATOM   339 N  N7    . DA  B 1 5  ? 6.645   -1.182  -0.946  1.00 15.61 ? 17   DA  B N7    1 
ATOM   340 C  C5    . DA  B 1 5  ? 5.679   -1.477  -1.904  1.00 14.22 ? 17   DA  B C5    1 
ATOM   341 C  C6    . DA  B 1 5  ? 4.673   -2.461  -1.918  1.00 14.11 ? 17   DA  B C6    1 
ATOM   342 N  N6    . DA  B 1 5  ? 4.453   -3.400  -0.974  1.00 14.16 ? 17   DA  B N6    1 
ATOM   343 N  N1    . DA  B 1 5  ? 3.918   -2.496  -3.016  1.00 14.14 ? 17   DA  B N1    1 
ATOM   344 C  C2    . DA  B 1 5  ? 4.105   -1.613  -4.023  1.00 14.21 ? 17   DA  B C2    1 
ATOM   345 N  N3    . DA  B 1 5  ? 5.054   -0.663  -4.071  1.00 13.72 ? 17   DA  B N3    1 
ATOM   346 C  C4    . DA  B 1 5  ? 5.788   -0.647  -2.980  1.00 13.34 ? 17   DA  B C4    1 
ATOM   347 P  P     . DA  B 1 6  ? 7.900   4.991   -5.005  1.00 26.03 ? 18   DA  B P     1 
ATOM   348 O  OP1   . DA  B 1 6  ? 8.386   5.748   -6.180  1.00 30.37 ? 18   DA  B OP1   1 
ATOM   349 O  OP2   . DA  B 1 6  ? 7.849   5.645   -3.643  1.00 27.95 ? 18   DA  B OP2   1 
ATOM   350 O  "O5'" . DA  B 1 6  ? 6.408   4.468   -5.260  1.00 22.19 ? 18   DA  B "O5'" 1 
ATOM   351 C  "C5'" . DA  B 1 6  ? 6.060   3.735   -6.443  1.00 21.74 ? 18   DA  B "C5'" 1 
ATOM   352 C  "C4'" . DA  B 1 6  ? 4.568   3.407   -6.357  1.00 20.11 ? 18   DA  B "C4'" 1 
ATOM   353 O  "O4'" . DA  B 1 6  ? 4.394   2.451   -5.276  1.00 18.36 ? 18   DA  B "O4'" 1 
ATOM   354 C  "C3'" . DA  B 1 6  ? 3.690   4.600   -6.003  1.00 21.76 ? 18   DA  B "C3'" 1 
ATOM   355 O  "O3'" . DA  B 1 6  ? 2.800   4.775   -7.145  1.00 26.09 ? 18   DA  B "O3'" 1 
ATOM   356 C  "C2'" . DA  B 1 6  ? 2.986   4.237   -4.710  1.00 19.82 ? 18   DA  B "C2'" 1 
ATOM   357 C  "C1'" . DA  B 1 6  ? 3.105   2.735   -4.667  1.00 17.10 ? 18   DA  B "C1'" 1 
ATOM   358 N  N9    . DA  B 1 6  ? 3.164   2.125   -3.344  1.00 15.98 ? 18   DA  B N9    1 
ATOM   359 C  C8    . DA  B 1 6  ? 4.047   2.426   -2.345  1.00 17.46 ? 18   DA  B C8    1 
ATOM   360 N  N7    . DA  B 1 6  ? 3.934   1.664   -1.282  1.00 15.67 ? 18   DA  B N7    1 
ATOM   361 C  C5    . DA  B 1 6  ? 2.897   0.780   -1.620  1.00 13.63 ? 18   DA  B C5    1 
ATOM   362 C  C6    . DA  B 1 6  ? 2.340   -0.324  -0.912  1.00 13.64 ? 18   DA  B C6    1 
ATOM   363 N  N6    . DA  B 1 6  ? 2.730   -0.755  0.300   1.00 14.29 ? 18   DA  B N6    1 
ATOM   364 N  N1    . DA  B 1 6  ? 1.326   -0.956  -1.532  1.00 13.86 ? 18   DA  B N1    1 
ATOM   365 C  C2    . DA  B 1 6  ? 0.950   -0.588  -2.756  1.00 14.35 ? 18   DA  B C2    1 
ATOM   366 N  N3    . DA  B 1 6  ? 1.460   0.404   -3.547  1.00 14.36 ? 18   DA  B N3    1 
ATOM   367 C  C4    . DA  B 1 6  ? 2.433   1.052   -2.893  1.00 14.44 ? 18   DA  B C4    1 
ATOM   368 P  P     . DT  B 1 7  ? 1.638   5.845   -7.134  1.00 28.14 ? 19   DT  B P     1 
ATOM   369 O  OP1   . DT  B 1 7  ? 1.361   6.236   -8.547  1.00 33.21 ? 19   DT  B OP1   1 
ATOM   370 O  OP2   . DT  B 1 7  ? 1.933   6.852   -6.063  1.00 29.57 ? 19   DT  B OP2   1 
ATOM   371 O  "O5'" . DT  B 1 7  ? 0.397   5.023   -6.538  1.00 23.09 ? 19   DT  B "O5'" 1 
ATOM   372 C  "C5'" . DT  B 1 7  ? 0.077   3.778   -7.122  1.00 21.09 ? 19   DT  B "C5'" 1 
ATOM   373 C  "C4'" . DT  B 1 7  ? -1.011  3.150   -6.274  1.00 18.85 ? 19   DT  B "C4'" 1 
ATOM   374 O  "O4'" . DT  B 1 7  ? -0.447  2.731   -5.034  1.00 17.67 ? 19   DT  B "O4'" 1 
ATOM   375 C  "C3'" . DT  B 1 7  ? -2.195  4.059   -5.944  1.00 18.43 ? 19   DT  B "C3'" 1 
ATOM   376 O  "O3'" . DT  B 1 7  ? -3.335  3.571   -6.639  1.00 21.52 ? 19   DT  B "O3'" 1 
ATOM   377 C  "C2'" . DT  B 1 7  ? -2.307  4.000   -4.417  1.00 18.24 ? 19   DT  B "C2'" 1 
ATOM   378 C  "C1'" . DT  B 1 7  ? -1.518  2.750   -4.068  1.00 17.87 ? 19   DT  B "C1'" 1 
ATOM   379 N  N1    . DT  B 1 7  ? -0.899  2.730   -2.758  1.00 16.02 ? 19   DT  B N1    1 
ATOM   380 C  C2    . DT  B 1 7  ? -1.258  1.697   -1.910  1.00 14.67 ? 19   DT  B C2    1 
ATOM   381 O  O2    . DT  B 1 7  ? -2.127  0.876   -2.154  1.00 14.69 ? 19   DT  B O2    1 
ATOM   382 N  N3    . DT  B 1 7  ? -0.593  1.707   -0.732  1.00 13.29 ? 19   DT  B N3    1 
ATOM   383 C  C4    . DT  B 1 7  ? 0.381   2.620   -0.316  1.00 13.98 ? 19   DT  B C4    1 
ATOM   384 O  O4    . DT  B 1 7  ? 0.928   2.439   0.777   1.00 14.95 ? 19   DT  B O4    1 
ATOM   385 C  C5    . DT  B 1 7  ? 0.695   3.671   -1.266  1.00 15.87 ? 19   DT  B C5    1 
ATOM   386 C  C7    . DT  B 1 7  ? 1.694   4.716   -0.957  1.00 17.23 ? 19   DT  B C7    1 
ATOM   387 C  C6    . DT  B 1 7  ? 0.032   3.664   -2.408  1.00 15.41 ? 19   DT  B C6    1 
ATOM   388 P  P     . DT  B 1 8  ? -4.798  4.227   -6.415  1.00 23.55 ? 20   DT  B P     1 
ATOM   389 O  OP1   . DT  B 1 8  ? -5.604  3.964   -7.619  1.00 26.30 ? 20   DT  B OP1   1 
ATOM   390 O  OP2   . DT  B 1 8  ? -4.636  5.605   -5.802  1.00 26.33 ? 20   DT  B OP2   1 
ATOM   391 O  "O5'" . DT  B 1 8  ? -5.421  3.263   -5.226  1.00 21.62 ? 20   DT  B "O5'" 1 
ATOM   392 C  "C5'" . DT  B 1 8  ? -5.407  1.833   -5.463  1.00 20.52 ? 20   DT  B "C5'" 1 
ATOM   393 C  "C4'" . DT  B 1 8  ? -6.008  1.200   -4.216  1.00 19.24 ? 20   DT  B "C4'" 1 
ATOM   394 O  "O4'" . DT  B 1 8  ? -5.086  1.417   -3.090  1.00 17.46 ? 20   DT  B "O4'" 1 
ATOM   395 C  "C3'" . DT  B 1 8  ? -7.382  1.765   -3.789  1.00 19.17 ? 20   DT  B "C3'" 1 
ATOM   396 O  "O3'" . DT  B 1 8  ? -8.161  0.582   -3.620  1.00 21.00 ? 20   DT  B "O3'" 1 
ATOM   397 C  "C2'" . DT  B 1 8  ? -7.036  2.495   -2.498  1.00 18.16 ? 20   DT  B "C2'" 1 
ATOM   398 C  "C1'" . DT  B 1 8  ? -5.861  1.746   -1.910  1.00 16.49 ? 20   DT  B "C1'" 1 
ATOM   399 N  N1    . DT  B 1 8  ? -4.968  2.460   -1.041  1.00 15.17 ? 20   DT  B N1    1 
ATOM   400 C  C2    . DT  B 1 8  ? -4.630  1.890   0.166   1.00 15.31 ? 20   DT  B C2    1 
ATOM   401 O  O2    . DT  B 1 8  ? -5.132  0.870   0.623   1.00 16.44 ? 20   DT  B O2    1 
ATOM   402 N  N3    . DT  B 1 8  ? -3.712  2.589   0.856   1.00 15.46 ? 20   DT  B N3    1 
ATOM   403 C  C4    . DT  B 1 8  ? -3.045  3.734   0.469   1.00 16.56 ? 20   DT  B C4    1 
ATOM   404 O  O4    . DT  B 1 8  ? -2.168  4.200   1.176   1.00 16.30 ? 20   DT  B O4    1 
ATOM   405 C  C5    . DT  B 1 8  ? -3.499  4.299   -0.777  1.00 16.04 ? 20   DT  B C5    1 
ATOM   406 C  C7    . DT  B 1 8  ? -2.924  5.606   -1.252  1.00 18.04 ? 20   DT  B C7    1 
ATOM   407 C  C6    . DT  B 1 8  ? -4.403  3.634   -1.466  1.00 15.71 ? 20   DT  B C6    1 
HETATM 408 P  P     . 5HC B 1 9  ? -9.734  0.613   -3.356  1.00 26.21 ? 21   5HC B P     1 
HETATM 409 O  OP1   . 5HC B 1 9  ? -10.274 -0.795  -3.811  1.00 28.20 ? 21   5HC B OP1   1 
HETATM 410 O  OP2   . 5HC B 1 9  ? -10.294 1.946   -3.854  1.00 30.02 ? 21   5HC B OP2   1 
HETATM 411 O  "O5'" . 5HC B 1 9  ? -9.876  0.719   -1.798  1.00 21.82 ? 21   5HC B "O5'" 1 
HETATM 412 C  "C5'" . 5HC B 1 9  ? -9.386  -0.312  -0.983  1.00 19.02 ? 21   5HC B "C5'" 1 
HETATM 413 C  "C4'" . 5HC B 1 9  ? -9.319  0.016   0.443   1.00 17.42 ? 21   5HC B "C4'" 1 
HETATM 414 O  "O4'" . 5HC B 1 9  ? -8.263  0.958   0.624   1.00 17.94 ? 21   5HC B "O4'" 1 
HETATM 415 C  "C3'" . 5HC B 1 9  ? -10.524 0.695   1.001   1.00 19.52 ? 21   5HC B "C3'" 1 
HETATM 416 O  "O3'" . 5HC B 1 9  ? -11.244 -0.316  1.659   1.00 21.19 ? 21   5HC B "O3'" 1 
HETATM 417 C  "C2'" . 5HC B 1 9  ? -10.023 1.727   1.932   1.00 19.02 ? 21   5HC B "C2'" 1 
HETATM 418 C  "C1'" . 5HC B 1 9  ? -8.559  1.535   1.877   1.00 17.53 ? 21   5HC B "C1'" 1 
HETATM 419 N  N1    . 5HC B 1 9  ? -7.705  2.692   2.017   1.00 18.43 ? 21   5HC B N1    1 
HETATM 420 C  C2    . 5HC B 1 9  ? -6.888  2.834   3.100   1.00 17.37 ? 21   5HC B C2    1 
HETATM 421 O  O2    . 5HC B 1 9  ? -6.854  2.014   4.012   1.00 18.74 ? 21   5HC B O2    1 
HETATM 422 N  N3    . 5HC B 1 9  ? -6.028  3.885   3.145   1.00 19.53 ? 21   5HC B N3    1 
HETATM 423 C  C4    . 5HC B 1 9  ? -6.021  4.805   2.124   1.00 19.80 ? 21   5HC B C4    1 
HETATM 424 N  N4    . 5HC B 1 9  ? -5.119  5.855   2.235   1.00 19.91 ? 21   5HC B N4    1 
HETATM 425 C  C5    . 5HC B 1 9  ? -6.905  4.734   1.054   1.00 19.31 ? 21   5HC B C5    1 
HETATM 426 C  C5M   . 5HC B 1 9  ? -6.928  5.767   0.009   1.00 22.64 ? 21   5HC B C5M   1 
HETATM 427 O  O5    . 5HC B 1 9  ? -7.449  7.035   0.383   1.00 23.24 ? 21   5HC B O5    1 
HETATM 428 C  C6    . 5HC B 1 9  ? -7.749  3.625   1.004   1.00 18.30 ? 21   5HC B C6    1 
ATOM   429 P  P     . DG  B 1 10 ? -12.737 -0.074  2.275   1.00 21.27 ? 22   DG  B P     1 
ATOM   430 O  OP1   . DG  B 1 10 ? -13.393 -1.382  2.357   1.00 23.05 ? 22   DG  B OP1   1 
ATOM   431 O  OP2   . DG  B 1 10 ? -13.442 1.033   1.567   1.00 22.48 ? 22   DG  B OP2   1 
ATOM   432 O  "O5'" . DG  B 1 10 ? -12.484 0.542   3.743   1.00 18.60 ? 22   DG  B "O5'" 1 
ATOM   433 C  "C5'" . DG  B 1 10 ? -11.836 -0.296  4.758   1.00 18.16 ? 22   DG  B "C5'" 1 
ATOM   434 C  "C4'" . DG  B 1 10 ? -11.607 0.542   5.971   1.00 16.74 ? 22   DG  B "C4'" 1 
ATOM   435 O  "O4'" . DG  B 1 10 ? -10.585 1.491   5.671   1.00 16.49 ? 22   DG  B "O4'" 1 
ATOM   436 C  "C3'" . DG  B 1 10 ? -12.805 1.360   6.385   1.00 17.78 ? 22   DG  B "C3'" 1 
ATOM   437 O  "O3'" . DG  B 1 10 ? -12.820 1.279   7.829   1.00 16.45 ? 22   DG  B "O3'" 1 
ATOM   438 C  "C2'" . DG  B 1 10 ? -12.469 2.756   5.953   1.00 17.65 ? 22   DG  B "C2'" 1 
ATOM   439 C  "C1'" . DG  B 1 10 ? -10.999 2.768   6.185   1.00 16.93 ? 22   DG  B "C1'" 1 
ATOM   440 N  N9    . DG  B 1 10 ? -10.238 3.837   5.560   1.00 15.54 ? 22   DG  B N9    1 
ATOM   441 C  C8    . DG  B 1 10 ? -10.492 4.414   4.345   1.00 15.65 ? 22   DG  B C8    1 
ATOM   442 N  N7    . DG  B 1 10 ? -9.619  5.306   4.000   1.00 16.42 ? 22   DG  B N7    1 
ATOM   443 C  C5    . DG  B 1 10 ? -8.730  5.283   5.063   1.00 15.23 ? 22   DG  B C5    1 
ATOM   444 C  C6    . DG  B 1 10 ? -7.554  6.060   5.272   1.00 16.07 ? 22   DG  B C6    1 
ATOM   445 O  O6    . DG  B 1 10 ? -7.049  6.903   4.550   1.00 16.29 ? 22   DG  B O6    1 
ATOM   446 N  N1    . DG  B 1 10 ? -6.941  5.733   6.488   1.00 16.28 ? 22   DG  B N1    1 
ATOM   447 C  C2    . DG  B 1 10 ? -7.393  4.791   7.345   1.00 15.98 ? 22   DG  B C2    1 
ATOM   448 N  N2    . DG  B 1 10 ? -6.729  4.643   8.491   1.00 15.78 ? 22   DG  B N2    1 
ATOM   449 N  N3    . DG  B 1 10 ? -8.493  4.115   7.154   1.00 14.74 ? 22   DG  B N3    1 
ATOM   450 C  C4    . DG  B 1 10 ? -9.081  4.362   6.000   1.00 15.02 ? 22   DG  B C4    1 
ATOM   451 P  P     . DC  B 1 11 ? -14.199 1.371   8.646   1.00 17.48 ? 23   DC  B P     1 
ATOM   452 O  OP1   . DC  B 1 11 ? -14.874 0.091   8.541   1.00 19.16 ? 23   DC  B OP1   1 
ATOM   453 O  OP2   . DC  B 1 11 ? -14.956 2.590   8.258   1.00 19.21 ? 23   DC  B OP2   1 
ATOM   454 O  "O5'" . DC  B 1 11 ? -13.649 1.635   10.113  1.00 16.37 ? 23   DC  B "O5'" 1 
ATOM   455 C  "C5'" . DC  B 1 11 ? -12.767 0.684   10.667  1.00 16.11 ? 23   DC  B "C5'" 1 
ATOM   456 C  "C4'" . DC  B 1 11 ? -11.647 1.399   11.420  1.00 15.16 ? 23   DC  B "C4'" 1 
ATOM   457 O  "O4'" . DC  B 1 11 ? -10.864 2.084   10.450  1.00 16.60 ? 23   DC  B "O4'" 1 
ATOM   458 C  "C3'" . DC  B 1 11 ? -11.999 2.524   12.357  1.00 16.88 ? 23   DC  B "C3'" 1 
ATOM   459 O  "O3'" . DC  B 1 11 ? -12.321 1.981   13.637  1.00 17.56 ? 23   DC  B "O3'" 1 
ATOM   460 C  "C2'" . DC  B 1 11 ? -10.704 3.336   12.440  1.00 17.97 ? 23   DC  B "C2'" 1 
ATOM   461 C  "C1'" . DC  B 1 11 ? -10.310 3.250   11.021  1.00 16.56 ? 23   DC  B "C1'" 1 
ATOM   462 N  N1    . DC  B 1 11 ? -10.642 4.377   10.127  1.00 13.88 ? 23   DC  B N1    1 
ATOM   463 C  C2    . DC  B 1 11 ? -9.774  5.429   10.070  1.00 13.75 ? 23   DC  B C2    1 
ATOM   464 O  O2    . DC  B 1 11 ? -8.833  5.439   10.877  1.00 14.67 ? 23   DC  B O2    1 
ATOM   465 N  N3    . DC  B 1 11 ? -9.903  6.357   9.134   1.00 13.14 ? 23   DC  B N3    1 
ATOM   466 C  C4    . DC  B 1 11 ? -10.927 6.332   8.318   1.00 13.48 ? 23   DC  B C4    1 
ATOM   467 N  N4    . DC  B 1 11 ? -11.003 7.227   7.339   1.00 14.38 ? 23   DC  B N4    1 
ATOM   468 C  C5    . DC  B 1 11 ? -11.955 5.359   8.454   1.00 13.61 ? 23   DC  B C5    1 
ATOM   469 C  C6    . DC  B 1 11 ? -11.739 4.371   9.328   1.00 13.45 ? 23   DC  B C6    1 
ATOM   470 P  P     . DG  B 1 12 ? -13.209 2.846   14.695  1.00 18.68 ? 24   DG  B P     1 
ATOM   471 O  OP1   . DG  B 1 12 ? -13.529 1.883   15.759  1.00 21.41 ? 24   DG  B OP1   1 
ATOM   472 O  OP2   . DG  B 1 12 ? -14.253 3.616   13.964  1.00 19.26 ? 24   DG  B OP2   1 
ATOM   473 O  "O5'" . DG  B 1 12 ? -12.188 3.965   15.262  1.00 15.75 ? 24   DG  B "O5'" 1 
ATOM   474 C  "C5'" . DG  B 1 12 ? -11.071 3.634   16.032  1.00 14.71 ? 24   DG  B "C5'" 1 
ATOM   475 C  "C4'" . DG  B 1 12 ? -10.186 4.866   16.188  1.00 13.85 ? 24   DG  B "C4'" 1 
ATOM   476 O  "O4'" . DG  B 1 12 ? -9.691  5.230   14.893  1.00 13.96 ? 24   DG  B "O4'" 1 
ATOM   477 C  "C3'" . DG  B 1 12 ? -10.854 6.090   16.752  1.00 14.90 ? 24   DG  B "C3'" 1 
ATOM   478 O  "O3'" . DG  B 1 12 ? -10.867 6.040   18.151  1.00 15.43 ? 24   DG  B "O3'" 1 
ATOM   479 C  "C2'" . DG  B 1 12 ? -9.941  7.194   16.186  1.00 14.32 ? 24   DG  B "C2'" 1 
ATOM   480 C  "C1'" . DG  B 1 12 ? -9.618  6.696   14.832  1.00 13.82 ? 24   DG  B "C1'" 1 
ATOM   481 N  N9    . DG  B 1 12 ? -10.497 7.125   13.731  1.00 13.10 ? 24   DG  B N9    1 
ATOM   482 C  C8    . DG  B 1 12 ? -11.671 6.542   13.347  1.00 14.19 ? 24   DG  B C8    1 
ATOM   483 N  N7    . DG  B 1 12 ? -12.188 7.062   12.266  1.00 14.61 ? 24   DG  B N7    1 
ATOM   484 C  C5    . DG  B 1 12 ? -11.281 8.062   11.919  1.00 13.13 ? 24   DG  B C5    1 
ATOM   485 C  C6    . DG  B 1 12 ? -11.268 8.950   10.832  1.00 13.75 ? 24   DG  B C6    1 
ATOM   486 O  O6    . DG  B 1 12 ? -12.086 9.028   9.889   1.00 15.01 ? 24   DG  B O6    1 
ATOM   487 N  N1    . DG  B 1 12 ? -10.163 9.795   10.868  1.00 13.31 ? 24   DG  B N1    1 
ATOM   488 C  C2    . DG  B 1 12 ? -9.212  9.799   11.816  1.00 13.86 ? 24   DG  B C2    1 
ATOM   489 N  N2    . DG  B 1 12 ? -8.276  10.742  11.694  1.00 14.72 ? 24   DG  B N2    1 
ATOM   490 N  N3    . DG  B 1 12 ? -9.210  8.945   12.856  1.00 13.82 ? 24   DG  B N3    1 
ATOM   491 C  C4    . DG  B 1 12 ? -10.243 8.092   12.822  1.00 11.87 ? 24   DG  B C4    1 
HETATM 492 MG MG    . MG  C 2 .  ? -8.523  10.494  2.799   1.00 14.92 ? 101  MG  A MG    1 
HETATM 493 O  O     . HOH D 3 .  ? -12.200 9.403   4.489   1.00 29.50 ? 2001 HOH A O     1 
HETATM 494 O  O     . HOH D 3 .  ? -13.127 13.674  7.946   1.00 28.07 ? 2002 HOH A O     1 
HETATM 495 O  O     . HOH D 3 .  ? -13.850 11.427  9.407   1.00 35.00 ? 2003 HOH A O     1 
HETATM 496 O  O     . HOH D 3 .  ? -12.598 12.238  3.108   1.00 24.68 ? 2004 HOH A O     1 
HETATM 497 O  O     . HOH D 3 .  ? -13.649 13.714  4.972   1.00 30.76 ? 2005 HOH A O     1 
HETATM 498 O  O     . HOH D 3 .  ? -12.656 16.723  6.561   1.00 27.92 ? 2006 HOH A O     1 
HETATM 499 O  O     . HOH D 3 .  ? -1.776  12.313  4.971   1.00 37.50 ? 2007 HOH A O     1 
HETATM 500 O  O     . HOH D 3 .  ? 1.507   6.333   2.802   1.00 35.82 ? 2008 HOH A O     1 
HETATM 501 O  O     . HOH D 3 .  ? -7.445  -1.621  6.555   1.00 21.16 ? 2009 HOH A O     1 
HETATM 502 O  O     . HOH D 3 .  ? 2.801   -6.356  4.713   1.00 45.39 ? 2010 HOH A O     1 
HETATM 503 O  O     . HOH D 3 .  ? -9.599  -4.088  1.260   1.00 39.14 ? 2011 HOH A O     1 
HETATM 504 O  O     . HOH D 3 .  ? -7.447  -2.935  2.234   1.00 33.19 ? 2012 HOH A O     1 
HETATM 505 O  O     . HOH D 3 .  ? -5.727  -2.256  -2.453  1.00 21.21 ? 2013 HOH A O     1 
HETATM 506 O  O     . HOH D 3 .  ? -8.533  -8.139  6.296   1.00 39.04 ? 2014 HOH A O     1 
HETATM 507 O  O     . HOH D 3 .  ? -2.404  -0.432  -6.166  1.00 21.53 ? 2015 HOH A O     1 
HETATM 508 O  O     . HOH D 3 .  ? -0.529  17.160  9.262   1.00 50.72 ? 2016 HOH A O     1 
HETATM 509 O  O     . HOH D 3 .  ? -3.759  13.954  5.148   1.00 24.54 ? 2017 HOH A O     1 
HETATM 510 O  O     . HOH D 3 .  ? -7.209  11.474  4.038   1.00 16.23 ? 2018 HOH A O     1 
HETATM 511 O  O     . HOH D 3 .  ? -9.436  9.534   4.384   1.00 14.83 ? 2019 HOH A O     1 
HETATM 512 O  O     . HOH D 3 .  ? -1.203  1.751   -10.088 1.00 41.87 ? 2020 HOH A O     1 
HETATM 513 O  O     . HOH D 3 .  ? 6.998   0.498   -8.454  1.00 32.47 ? 2021 HOH A O     1 
HETATM 514 O  O     . HOH D 3 .  ? -2.023  0.155   -12.375 1.00 46.78 ? 2022 HOH A O     1 
HETATM 515 O  O     . HOH D 3 .  ? 3.202   -10.033 -11.981 1.00 46.38 ? 2023 HOH A O     1 
HETATM 516 O  O     . HOH D 3 .  ? 7.286   2.585   -9.949  1.00 34.52 ? 2024 HOH A O     1 
HETATM 517 O  O     . HOH D 3 .  ? 3.540   -5.897  -13.963 1.00 42.32 ? 2025 HOH A O     1 
HETATM 518 O  O     . HOH D 3 .  ? 13.961  -2.972  -15.178 1.00 40.98 ? 2026 HOH A O     1 
HETATM 519 O  O     . HOH D 3 .  ? 20.887  1.481   -7.994  1.00 42.81 ? 2027 HOH A O     1 
HETATM 520 O  O     . HOH D 3 .  ? 3.531   12.516  12.516  1.00 34.08 ? 2028 HOH A O     1 
HETATM 521 O  O     . HOH D 3 .  ? -7.329  8.846   2.679   1.00 16.95 ? 2029 HOH A O     1 
HETATM 522 O  O     . HOH D 3 .  ? -3.789  10.460  3.180   1.00 42.47 ? 2030 HOH A O     1 
HETATM 523 O  O     . HOH D 3 .  ? -1.680  7.686   3.479   1.00 42.26 ? 2031 HOH A O     1 
HETATM 524 O  O     . HOH D 3 .  ? 2.309   5.872   8.772   1.00 42.95 ? 2032 HOH A O     1 
HETATM 525 O  O     . HOH D 3 .  ? 0.417   7.534   5.155   1.00 36.92 ? 2033 HOH A O     1 
HETATM 526 O  O     . HOH D 3 .  ? -8.130  0.048   5.388   1.00 25.94 ? 2034 HOH A O     1 
HETATM 527 O  O     . HOH D 3 .  ? -4.673  1.230   9.353   1.00 30.78 ? 2035 HOH A O     1 
HETATM 528 O  O     . HOH D 3 .  ? -6.795  -4.067  9.843   1.00 46.43 ? 2036 HOH A O     1 
HETATM 529 O  O     . HOH D 3 .  ? 1.642   2.550   5.370   1.00 39.42 ? 2037 HOH A O     1 
HETATM 530 O  O     . HOH D 3 .  ? -5.680  -1.587  5.555   1.00 29.79 ? 2038 HOH A O     1 
HETATM 531 O  O     . HOH D 3 .  ? -6.168  -7.430  9.527   1.00 41.45 ? 2039 HOH A O     1 
HETATM 532 O  O     . HOH D 3 .  ? -0.656  -6.334  5.860   1.00 35.57 ? 2040 HOH A O     1 
HETATM 533 O  O     . HOH D 3 .  ? -9.302  -6.595  3.052   1.00 34.20 ? 2041 HOH A O     1 
HETATM 534 O  O     . HOH D 3 .  ? 1.720   -2.306  5.265   1.00 34.24 ? 2042 HOH A O     1 
HETATM 535 O  O     . HOH D 3 .  ? 2.891   -0.269  4.306   1.00 30.76 ? 2043 HOH A O     1 
HETATM 536 O  O     . HOH D 3 .  ? -5.635  -1.831  0.380   1.00 17.03 ? 2044 HOH A O     1 
HETATM 537 O  O     . HOH D 3 .  ? -8.056  -10.020 4.201   1.00 19.27 ? 2045 HOH A O     1 
HETATM 538 O  O     . HOH D 3 .  ? -8.840  -8.642  0.080   1.00 38.49 ? 2046 HOH A O     1 
HETATM 539 O  O     . HOH D 3 .  ? -2.380  -8.438  1.450   1.00 19.44 ? 2047 HOH A O     1 
HETATM 540 O  O     . HOH D 3 .  ? -3.346  -1.203  -3.582  1.00 16.94 ? 2048 HOH A O     1 
HETATM 541 O  O     . HOH D 3 .  ? 3.125   -3.981  3.192   1.00 23.85 ? 2049 HOH A O     1 
HETATM 542 O  O     . HOH D 3 .  ? -2.558  -9.465  -3.248  1.00 39.03 ? 2050 HOH A O     1 
HETATM 543 O  O     . HOH D 3 .  ? 0.459   -0.260  -6.077  1.00 15.98 ? 2051 HOH A O     1 
HETATM 544 O  O     . HOH D 3 .  ? 3.178   -7.331  0.091   1.00 26.56 ? 2052 HOH A O     1 
HETATM 545 O  O     . HOH D 3 .  ? 0.534   -6.563  -10.548 1.00 37.96 ? 2053 HOH A O     1 
HETATM 546 O  O     . HOH D 3 .  ? 2.208   2.252   -10.066 1.00 35.69 ? 2054 HOH A O     1 
HETATM 547 O  O     . HOH D 3 .  ? 4.754   -0.041  -6.885  1.00 15.74 ? 2055 HOH A O     1 
HETATM 548 O  O     . HOH D 3 .  ? 2.826   -9.315  -4.124  1.00 22.06 ? 2056 HOH A O     1 
HETATM 549 O  O     . HOH D 3 .  ? -2.448  -2.611  -12.965 1.00 44.52 ? 2057 HOH A O     1 
HETATM 550 O  O     . HOH D 3 .  ? 3.971   -10.924 -6.132  1.00 43.56 ? 2058 HOH A O     1 
HETATM 551 O  O     . HOH D 3 .  ? 2.523   -8.122  -9.864  1.00 22.91 ? 2059 HOH A O     1 
HETATM 552 O  O     . HOH D 3 .  ? -1.408  -8.701  -5.320  1.00 41.52 ? 2060 HOH A O     1 
HETATM 553 O  O     . HOH D 3 .  ? 3.546   2.476   -14.416 1.00 41.42 ? 2061 HOH A O     1 
HETATM 554 O  O     . HOH D 3 .  ? 8.309   -1.912  -8.667  1.00 17.56 ? 2062 HOH A O     1 
HETATM 555 O  O     . HOH D 3 .  ? 5.147   -10.124 -9.936  1.00 51.92 ? 2063 HOH A O     1 
HETATM 556 O  O     . HOH D 3 .  ? 6.212   -10.674 -8.078  1.00 34.18 ? 2064 HOH A O     1 
HETATM 557 O  O     . HOH D 3 .  ? 7.337   2.515   -12.642 1.00 45.59 ? 2065 HOH A O     1 
HETATM 558 O  O     . HOH D 3 .  ? 9.127   -4.698  -15.437 1.00 50.27 ? 2066 HOH A O     1 
HETATM 559 O  O     . HOH D 3 .  ? 6.641   -7.287  -13.435 1.00 25.10 ? 2067 HOH A O     1 
HETATM 560 O  O     . HOH D 3 .  ? 15.739  -2.150  -13.566 1.00 36.75 ? 2068 HOH A O     1 
HETATM 561 O  O     . HOH D 3 .  ? 18.983  -0.180  -8.904  1.00 31.87 ? 2069 HOH A O     1 
HETATM 562 O  O     . HOH D 3 .  ? 12.237  -5.029  -14.818 1.00 33.54 ? 2070 HOH A O     1 
HETATM 563 O  O     . HOH D 3 .  ? -7.548  11.245  1.100   1.00 17.81 ? 2071 HOH A O     1 
HETATM 564 O  O     . HOH D 3 .  ? -9.941  9.550   1.568   1.00 16.20 ? 2072 HOH A O     1 
HETATM 565 O  O     . HOH D 3 .  ? -9.844  12.138  2.920   1.00 14.85 ? 2073 HOH A O     1 
HETATM 566 O  O     . HOH E 3 .  ? 15.695  -1.412  1.760   1.00 38.60 ? 2001 HOH B O     1 
HETATM 567 O  O     . HOH E 3 .  ? -0.260  7.954   -0.938  1.00 41.45 ? 2002 HOH B O     1 
HETATM 568 O  O     . HOH E 3 .  ? -3.729  -0.096  -8.395  1.00 37.11 ? 2003 HOH B O     1 
HETATM 569 O  O     . HOH E 3 .  ? -8.704  0.619   -7.789  1.00 45.40 ? 2004 HOH B O     1 
HETATM 570 O  O     . HOH E 3 .  ? -8.802  5.735   -3.691  1.00 41.09 ? 2005 HOH B O     1 
HETATM 571 O  O     . HOH E 3 .  ? -11.623 5.372   0.141   1.00 32.58 ? 2006 HOH B O     1 
HETATM 572 O  O     . HOH E 3 .  ? -14.600 4.967   3.951   1.00 30.30 ? 2007 HOH B O     1 
HETATM 573 O  O     . HOH E 3 .  ? -11.590 -3.225  6.871   1.00 44.58 ? 2008 HOH B O     1 
HETATM 574 O  O     . HOH E 3 .  ? -15.243 7.698   6.985   1.00 40.51 ? 2009 HOH B O     1 
HETATM 575 O  O     . HOH E 3 .  ? -10.135 1.220   18.913  1.00 45.37 ? 2010 HOH B O     1 
HETATM 576 O  O     . HOH E 3 .  ? -17.294 2.234   11.432  1.00 47.69 ? 2011 HOH B O     1 
HETATM 577 O  O     . HOH E 3 .  ? -6.582  -1.882  -6.868  1.00 47.53 ? 2012 HOH B O     1 
HETATM 578 O  O     . HOH E 3 .  ? 13.091  -18.834 -4.535  1.00 39.08 ? 2013 HOH B O     1 
HETATM 579 O  O     . HOH E 3 .  ? 7.530   -11.493 -13.455 1.00 27.00 ? 2014 HOH B O     1 
HETATM 580 O  O     . HOH E 3 .  ? 11.927  -16.673 -0.151  1.00 47.60 ? 2015 HOH B O     1 
HETATM 581 O  O     . HOH E 3 .  ? 7.967   -14.406 -4.129  1.00 46.36 ? 2016 HOH B O     1 
HETATM 582 O  O     . HOH E 3 .  ? 15.556  -12.581 0.211   1.00 22.73 ? 2017 HOH B O     1 
HETATM 583 O  O     . HOH E 3 .  ? 8.765   -10.015 0.537   1.00 41.20 ? 2018 HOH B O     1 
HETATM 584 O  O     . HOH E 3 .  ? 5.359   -11.260 -3.139  1.00 42.33 ? 2019 HOH B O     1 
HETATM 585 O  O     . HOH E 3 .  ? 16.120  -4.434  2.201   1.00 38.24 ? 2020 HOH B O     1 
HETATM 586 O  O     . HOH E 3 .  ? 10.030  -8.259  2.570   1.00 46.66 ? 2021 HOH B O     1 
HETATM 587 O  O     . HOH E 3 .  ? 7.495   -7.091  0.657   1.00 47.12 ? 2022 HOH B O     1 
HETATM 588 O  O     . HOH E 3 .  ? 5.376   -7.769  -1.098  1.00 35.49 ? 2023 HOH B O     1 
HETATM 589 O  O     . HOH E 3 .  ? 11.686  4.988   -1.655  1.00 40.24 ? 2024 HOH B O     1 
HETATM 590 O  O     . HOH E 3 .  ? 8.095   3.175   0.762   1.00 37.49 ? 2025 HOH B O     1 
HETATM 591 O  O     . HOH E 3 .  ? 6.790   -1.856  1.755   1.00 30.55 ? 2026 HOH B O     1 
HETATM 592 O  O     . HOH E 3 .  ? 5.539   -4.236  1.809   1.00 30.86 ? 2027 HOH B O     1 
HETATM 593 O  O     . HOH E 3 .  ? 6.231   7.714   -6.992  1.00 45.47 ? 2028 HOH B O     1 
HETATM 594 O  O     . HOH E 3 .  ? 5.218   5.550   -2.038  1.00 33.01 ? 2029 HOH B O     1 
HETATM 595 O  O     . HOH E 3 .  ? 2.316   1.009   -7.721  1.00 20.66 ? 2030 HOH B O     1 
HETATM 596 O  O     . HOH E 3 .  ? 5.462   2.274   0.934   1.00 25.97 ? 2031 HOH B O     1 
HETATM 597 O  O     . HOH E 3 .  ? 4.778   0.129   2.398   1.00 27.67 ? 2032 HOH B O     1 
HETATM 598 O  O     . HOH E 3 .  ? -2.088  6.027   -9.544  1.00 49.18 ? 2033 HOH B O     1 
HETATM 599 O  O     . HOH E 3 .  ? -0.062  6.789   -3.535  1.00 29.04 ? 2034 HOH B O     1 
HETATM 600 O  O     . HOH E 3 .  ? 4.209   8.030   -5.079  1.00 42.01 ? 2035 HOH B O     1 
HETATM 601 O  O     . HOH E 3 .  ? 3.538   7.554   -3.006  1.00 40.23 ? 2036 HOH B O     1 
HETATM 602 O  O     . HOH E 3 .  ? -5.043  2.099   -9.169  1.00 46.87 ? 2037 HOH B O     1 
HETATM 603 O  O     . HOH E 3 .  ? 2.716   3.835   2.487   1.00 42.44 ? 2038 HOH B O     1 
HETATM 604 O  O     . HOH E 3 .  ? -8.250  3.353   -7.608  1.00 41.44 ? 2039 HOH B O     1 
HETATM 605 O  O     . HOH E 3 .  ? -4.887  5.467   -9.904  1.00 46.89 ? 2040 HOH B O     1 
HETATM 606 O  O     . HOH E 3 .  ? -6.119  7.959   -6.820  1.00 45.72 ? 2041 HOH B O     1 
HETATM 607 O  O     . HOH E 3 .  ? -5.903  5.963   -3.455  1.00 26.52 ? 2042 HOH B O     1 
HETATM 608 O  O     . HOH E 3 .  ? -2.441  7.861   -4.663  1.00 40.42 ? 2043 HOH B O     1 
HETATM 609 O  O     . HOH E 3 .  ? -0.661  6.556   1.403   1.00 25.98 ? 2044 HOH B O     1 
HETATM 610 O  O     . HOH E 3 .  ? -10.119 4.107   -1.761  1.00 34.13 ? 2045 HOH B O     1 
HETATM 611 O  O     . HOH E 3 .  ? -4.765  8.425   0.990   1.00 34.17 ? 2046 HOH B O     1 
HETATM 612 O  O     . HOH E 3 .  ? -9.818  6.783   1.666   1.00 18.02 ? 2047 HOH B O     1 
HETATM 613 O  O     . HOH E 3 .  ? -8.091  -3.138  -3.520  1.00 30.51 ? 2048 HOH B O     1 
HETATM 614 O  O     . HOH E 3 .  ? -15.418 -1.527  4.333   1.00 38.08 ? 2049 HOH B O     1 
HETATM 615 O  O     . HOH E 3 .  ? -15.984 1.695   2.031   1.00 37.16 ? 2050 HOH B O     1 
HETATM 616 O  O     . HOH E 3 .  ? -12.943 3.674   2.239   1.00 27.49 ? 2051 HOH B O     1 
HETATM 617 O  O     . HOH E 3 .  ? -8.563  1.542   8.512   1.00 20.35 ? 2052 HOH B O     1 
HETATM 618 O  O     . HOH E 3 .  ? -14.138 -1.980  7.215   1.00 44.30 ? 2053 HOH B O     1 
HETATM 619 O  O     . HOH E 3 .  ? -15.620 -1.651  10.480  1.00 36.40 ? 2054 HOH B O     1 
HETATM 620 O  O     . HOH E 3 .  ? -15.373 5.014   9.387   1.00 23.79 ? 2055 HOH B O     1 
HETATM 621 O  O     . HOH E 3 .  ? -16.015 3.315   5.774   1.00 25.31 ? 2056 HOH B O     1 
HETATM 622 O  O     . HOH E 3 .  ? -13.435 -0.785  14.825  1.00 46.09 ? 2057 HOH B O     1 
HETATM 623 O  O     . HOH E 3 .  ? -13.344 6.771   5.488   1.00 22.09 ? 2058 HOH B O     1 
HETATM 624 O  O     . HOH E 3 .  ? -13.163 0.925   18.351  1.00 45.63 ? 2059 HOH B O     1 
HETATM 625 O  O     . HOH E 3 .  ? -16.760 3.447   14.834  1.00 29.32 ? 2060 HOH B O     1 
HETATM 626 O  O     . HOH E 3 .  ? -14.505 5.581   11.926  1.00 21.28 ? 2061 HOH B O     1 
HETATM 627 O  O     . HOH E 3 .  ? -9.864  3.975   19.788  1.00 29.60 ? 2062 HOH B O     1 
HETATM 628 O  O     . HOH E 3 .  ? -14.540 8.148   9.376   1.00 32.53 ? 2063 HOH B O     1 
# 
loop_
_atom_site_anisotrop.id 
_atom_site_anisotrop.type_symbol 
_atom_site_anisotrop.pdbx_label_atom_id 
_atom_site_anisotrop.pdbx_label_alt_id 
_atom_site_anisotrop.pdbx_label_comp_id 
_atom_site_anisotrop.pdbx_label_asym_id 
_atom_site_anisotrop.pdbx_label_seq_id 
_atom_site_anisotrop.pdbx_PDB_ins_code 
_atom_site_anisotrop.U[1][1] 
_atom_site_anisotrop.U[2][2] 
_atom_site_anisotrop.U[3][3] 
_atom_site_anisotrop.U[1][2] 
_atom_site_anisotrop.U[1][3] 
_atom_site_anisotrop.U[2][3] 
_atom_site_anisotrop.pdbx_auth_seq_id 
_atom_site_anisotrop.pdbx_auth_comp_id 
_atom_site_anisotrop.pdbx_auth_asym_id 
_atom_site_anisotrop.pdbx_auth_atom_id 
1   O  "O5'" . DC  A 1  ? 0.3154 0.2499 0.3046 0.0191  -0.0448 -0.0105 1    DC  A "O5'" 
2   C  "C5'" . DC  A 1  ? 0.2785 0.1994 0.2731 0.0033  -0.0528 -0.0360 1    DC  A "C5'" 
3   C  "C4'" . DC  A 1  ? 0.2366 0.2158 0.2462 0.0071  -0.0556 -0.0418 1    DC  A "C4'" 
4   O  "O4'" . DC  A 1  ? 0.2629 0.2096 0.2328 0.0260  -0.0137 -0.0470 1    DC  A "O4'" 
5   C  "C3'" . DC  A 1  ? 0.2235 0.2371 0.2641 -0.0172 -0.0552 -0.0496 1    DC  A "C3'" 
6   O  "O3'" . DC  A 1  ? 0.2245 0.2896 0.3220 -0.0160 -0.0760 -0.0321 1    DC  A "O3'" 
7   C  "C2'" . DC  A 1  ? 0.2566 0.2456 0.2197 0.0263  -0.0363 -0.0316 1    DC  A "C2'" 
8   C  "C1'" . DC  A 1  ? 0.2389 0.1952 0.2016 0.0179  -0.0189 -0.0324 1    DC  A "C1'" 
9   N  N1    . DC  A 1  ? 0.2240 0.2190 0.1501 0.0092  -0.0246 -0.0379 1    DC  A N1    
10  C  C2    . DC  A 1  ? 0.2014 0.2299 0.1692 0.0016  -0.0124 -0.0149 1    DC  A C2    
11  O  O2    . DC  A 1  ? 0.1994 0.2627 0.2050 -0.0313 -0.0151 0.0093  1    DC  A O2    
12  N  N3    . DC  A 1  ? 0.1822 0.2058 0.1401 0.0169  -0.0102 -0.0199 1    DC  A N3    
13  C  C4    . DC  A 1  ? 0.1846 0.2058 0.1832 0.0089  -0.0116 -0.0345 1    DC  A C4    
14  N  N4    . DC  A 1  ? 0.2234 0.2377 0.1383 0.0249  -0.0326 -0.0276 1    DC  A N4    
15  C  C5    . DC  A 1  ? 0.2247 0.2546 0.1732 0.0202  -0.0116 -0.0524 1    DC  A C5    
16  C  C6    . DC  A 1  ? 0.2186 0.1962 0.1728 -0.0025 -0.0133 -0.0462 1    DC  A C6    
17  P  P     . DG  A 2  ? 0.2462 0.3291 0.3924 -0.0172 -0.0690 -0.0284 2    DG  A P     
18  O  OP1   . DG  A 2  ? 0.2616 0.3515 0.4858 -0.0573 -0.0447 -0.0373 2    DG  A OP1   
19  O  OP2   . DG  A 2  ? 0.2304 0.4736 0.3772 0.0451  -0.0636 0.0229  2    DG  A OP2   
20  O  "O5'" . DG  A 2  ? 0.2723 0.2927 0.3248 0.0187  -0.0540 -0.0047 2    DG  A "O5'" 
21  C  "C5'" . DG  A 2  ? 0.2324 0.2682 0.3072 -0.0319 -0.0399 -0.0700 2    DG  A "C5'" 
22  C  "C4'" . DG  A 2  ? 0.1752 0.2501 0.2929 -0.0766 -0.0089 -0.0848 2    DG  A "C4'" 
23  O  "O4'" . DG  A 2  ? 0.1566 0.2895 0.3115 -0.0629 0.0056  -0.1402 2    DG  A "O4'" 
24  C  "C3'" . DG  A 2  ? 0.1810 0.2293 0.2482 -0.0537 -0.0061 -0.0204 2    DG  A "C3'" 
25  O  "O3'" . DG  A 2  ? 0.1593 0.3248 0.2568 -0.0511 -0.0370 -0.0052 2    DG  A "O3'" 
26  C  "C2'" . DG  A 2  ? 0.1411 0.2597 0.2243 -0.0678 -0.0205 -0.0323 2    DG  A "C2'" 
27  C  "C1'" . DG  A 2  ? 0.1761 0.2523 0.2352 -0.0488 -0.0115 -0.0791 2    DG  A "C1'" 
28  N  N9    . DG  A 2  ? 0.1554 0.2082 0.1990 -0.0449 -0.0154 -0.0688 2    DG  A N9    
29  C  C8    . DG  A 2  ? 0.1296 0.2135 0.2176 -0.0189 -0.0201 -0.0490 2    DG  A C8    
30  N  N7    . DG  A 2  ? 0.1086 0.1966 0.2325 -0.0074 -0.0184 -0.0509 2    DG  A N7    
31  C  C5    . DG  A 2  ? 0.1307 0.1782 0.1892 -0.0171 -0.0058 -0.0523 2    DG  A C5    
32  C  C6    . DG  A 2  ? 0.1217 0.1905 0.1722 -0.0100 -0.0108 -0.0467 2    DG  A C6    
33  O  O6    . DG  A 2  ? 0.1472 0.1917 0.1690 -0.0176 -0.0190 -0.0552 2    DG  A O6    
34  N  N1    . DG  A 2  ? 0.1330 0.1821 0.1652 -0.0251 -0.0096 -0.0723 2    DG  A N1    
35  C  C2    . DG  A 2  ? 0.1223 0.1982 0.1617 -0.0374 -0.0081 -0.0676 2    DG  A C2    
36  N  N2    . DG  A 2  ? 0.1641 0.2168 0.1636 -0.0384 0.0118  -0.0708 2    DG  A N2    
37  N  N3    . DG  A 2  ? 0.1593 0.2027 0.1685 -0.0499 0.0008  -0.0710 2    DG  A N3    
38  C  C4    . DG  A 2  ? 0.1277 0.1858 0.2014 -0.0325 -0.0043 -0.0470 2    DG  A C4    
39  P  P     . DC  A 3  ? 0.1495 0.3119 0.2987 -0.0538 -0.0425 -0.0025 3    DC  A P     
40  O  OP1   . DC  A 3  ? 0.1745 0.2773 0.3259 -0.0396 -0.0681 -0.0535 3    DC  A OP1   
41  O  OP2   . DC  A 3  ? 0.1862 0.3957 0.3483 -0.0235 -0.0022 0.0522  3    DC  A OP2   
42  O  "O5'" . DC  A 3  ? 0.2456 0.2859 0.2821 -0.0311 0.0001  -0.0327 3    DC  A "O5'" 
43  C  "C5'" . DC  A 3  ? 0.2705 0.2222 0.2447 -0.0326 -0.0057 -0.0746 3    DC  A "C5'" 
44  C  "C4'" . DC  A 3  ? 0.2551 0.1853 0.2575 -0.0493 0.0033  -0.0888 3    DC  A "C4'" 
45  O  "O4'" . DC  A 3  ? 0.2030 0.2216 0.2751 -0.0342 0.0211  -0.0907 3    DC  A "O4'" 
46  C  "C3'" . DC  A 3  ? 0.2341 0.2094 0.3035 -0.0402 -0.0108 -0.0821 3    DC  A "C3'" 
47  O  "O3'" . DC  A 3  ? 0.2461 0.2627 0.3493 -0.0192 -0.0433 -0.0663 3    DC  A "O3'" 
48  C  "C2'" . DC  A 3  ? 0.2298 0.2785 0.2932 0.0152  -0.0159 -0.0812 3    DC  A "C2'" 
49  C  "C1'" . DC  A 3  ? 0.2029 0.2200 0.2533 -0.0408 0.0049  -0.0927 3    DC  A "C1'" 
50  N  N1    . DC  A 3  ? 0.1920 0.1937 0.2349 -0.0240 0.0081  -0.0932 3    DC  A N1    
51  C  C2    . DC  A 3  ? 0.1894 0.1758 0.1982 -0.0104 0.0110  -0.0744 3    DC  A C2    
52  O  O2    . DC  A 3  ? 0.2132 0.1931 0.2074 -0.0195 0.0106  -0.0810 3    DC  A O2    
53  N  N3    . DC  A 3  ? 0.2108 0.1975 0.2121 0.0107  0.0356  -0.0523 3    DC  A N3    
54  C  C4    . DC  A 3  ? 0.1935 0.1990 0.2256 -0.0178 0.0422  -0.0645 3    DC  A C4    
55  N  N4    . DC  A 3  ? 0.1920 0.2261 0.2195 0.0066  0.0356  -0.0556 3    DC  A N4    
56  C  C5    . DC  A 3  ? 0.2027 0.2108 0.2471 -0.0297 0.0417  -0.0765 3    DC  A C5    
57  C  C6    . DC  A 3  ? 0.1817 0.2195 0.2598 -0.0226 0.0303  -0.0825 3    DC  A C6    
58  P  P     . DG  A 4  ? 0.2660 0.2918 0.4114 -0.0310 -0.0497 -0.0773 4    DG  A P     
59  O  OP1   . DG  A 4  ? 0.3146 0.3151 0.3961 -0.0218 -0.0773 -0.0902 4    DG  A OP1   
60  O  OP2   . DG  A 4  ? 0.2278 0.2808 0.4545 -0.0366 -0.0132 -0.0868 4    DG  A OP2   
61  O  "O5'" . DG  A 4  ? 0.2041 0.2525 0.4023 -0.0272 -0.0529 -0.0974 4    DG  A "O5'" 
62  C  "C5'" . DG  A 4  ? 0.2366 0.2670 0.4410 0.0122  -0.0416 -0.0896 4    DG  A "C5'" 
63  C  "C4'" . DG  A 4  ? 0.2293 0.2717 0.4916 0.0481  -0.0445 -0.1166 4    DG  A "C4'" 
64  O  "O4'" . DG  A 4  ? 0.1898 0.2976 0.5009 0.0415  -0.0466 -0.1691 4    DG  A "O4'" 
65  C  "C3'" . DG  A 4  ? 0.2500 0.2838 0.5306 0.0437  -0.0408 -0.1249 4    DG  A "C3'" 
66  O  "O3'" . DG  A 4  ? 0.3222 0.2884 0.5572 0.0348  -0.0370 -0.1112 4    DG  A "O3'" 
67  C  "C2'" . DG  A 4  ? 0.2209 0.3118 0.5155 0.0470  -0.0300 -0.1590 4    DG  A "C2'" 
68  C  "C1'" . DG  A 4  ? 0.1797 0.3053 0.4760 0.0573  -0.0389 -0.1834 4    DG  A "C1'" 
69  N  N9    . DG  A 4  ? 0.1973 0.3084 0.4162 0.0277  -0.0175 -0.2081 4    DG  A N9    
70  C  C8    . DG  A 4  ? 0.2079 0.2897 0.4179 0.0064  0.0028  -0.2018 4    DG  A C8    
71  N  N7    . DG  A 4  ? 0.2170 0.3110 0.4593 -0.0348 0.0496  -0.2064 4    DG  A N7    
72  C  C5    . DG  A 4  ? 0.1937 0.2844 0.3949 -0.0143 0.0169  -0.1958 4    DG  A C5    
73  C  C6    . DG  A 4  ? 0.1791 0.2697 0.4029 0.0013  0.0334  -0.1821 4    DG  A C6    
74  O  O6    . DG  A 4  ? 0.2071 0.2988 0.4374 -0.0431 0.0922  -0.1890 4    DG  A O6    
75  N  N1    . DG  A 4  ? 0.1766 0.2865 0.3613 0.0071  0.0224  -0.1840 4    DG  A N1    
76  C  C2    . DG  A 4  ? 0.1308 0.2621 0.3654 0.0103  0.0015  -0.1715 4    DG  A C2    
77  N  N2    . DG  A 4  ? 0.1401 0.2453 0.3219 -0.0028 0.0123  -0.1290 4    DG  A N2    
78  N  N3    . DG  A 4  ? 0.1380 0.2862 0.3709 0.0148  -0.0158 -0.1919 4    DG  A N3    
79  C  C4    . DG  A 4  ? 0.1966 0.2902 0.3962 0.0179  0.0013  -0.1959 4    DG  A C4    
80  P  P     . DA  A 5  ? 0.4685 0.3226 0.5078 0.0452  -0.0264 -0.1015 5    DA  A P     
81  O  OP1   . DA  A 5  ? 0.4488 0.3396 0.3301 0.0253  -0.1160 -0.1140 5    DA  A OP1   
82  O  OP2   . DA  A 5  ? 0.4625 0.3736 0.6076 0.1126  -0.0164 -0.0886 5    DA  A OP2   
83  O  "O5'" . DA  A 5  ? 0.4538 0.2499 0.4249 -0.0165 -0.0316 -0.0712 5    DA  A "O5'" 
84  C  "C5'" . DA  A 5  ? 0.5046 0.2356 0.2926 -0.0254 -0.0364 -0.0687 5    DA  A "C5'" 
85  C  "C4'" . DA  A 5  ? 0.5547 0.2154 0.2248 -0.0281 -0.0167 -0.0782 5    DA  A "C4'" 
86  O  "O4'" . DA  A 5  ? 0.5357 0.2049 0.1969 0.0060  0.0141  -0.0612 5    DA  A "O4'" 
87  C  "C3'" . DA  A 5  ? 0.5819 0.3241 0.2095 -0.0136 -0.0429 -0.0616 5    DA  A "C3'" 
88  O  "O3'" . DA  A 5  ? 0.6607 0.3022 0.2244 -0.0572 -0.0536 -0.0736 5    DA  A "O3'" 
89  C  "C2'" . DA  A 5  ? 0.5390 0.3125 0.2080 0.0298  -0.0138 -0.0448 5    DA  A "C2'" 
90  C  "C1'" . DA  A 5  ? 0.4673 0.2761 0.1792 0.0591  -0.0039 -0.0274 5    DA  A "C1'" 
91  N  N9    . DA  A 5  ? 0.3632 0.2792 0.1578 0.0777  -0.0065 -0.0271 5    DA  A N9    
92  C  C8    . DA  A 5  ? 0.3572 0.2472 0.1726 0.1007  -0.0113 -0.0678 5    DA  A C8    
93  N  N7    . DA  A 5  ? 0.3118 0.2574 0.1606 0.1088  -0.0273 -0.0587 5    DA  A N7    
94  C  C5    . DA  A 5  ? 0.2633 0.2038 0.1770 0.0863  -0.0067 -0.0563 5    DA  A C5    
95  C  C6    . DA  A 5  ? 0.2297 0.2287 0.1691 0.0793  -0.0026 -0.0480 5    DA  A C6    
96  N  N6    . DA  A 5  ? 0.2701 0.2301 0.1897 0.0588  0.0231  -0.0514 5    DA  A N6    
97  N  N1    . DA  A 5  ? 0.2195 0.2160 0.1863 0.0745  0.0079  -0.0439 5    DA  A N1    
98  C  C2    . DA  A 5  ? 0.2529 0.2093 0.2037 0.0477  0.0402  -0.0422 5    DA  A C2    
99  N  N3    . DA  A 5  ? 0.3039 0.2320 0.1799 0.0793  0.0296  -0.0447 5    DA  A N3    
100 C  C4    . DA  A 5  ? 0.3175 0.2414 0.1563 0.0837  -0.0006 -0.0508 5    DA  A C4    
101 P  P     . DA  A 6  ? 0.7051 0.3151 0.2605 -0.0742 -0.0655 -0.0845 6    DA  A P     
102 O  OP1   . DA  A 6  ? 0.8302 0.3582 0.2952 -0.0932 -0.0246 -0.0804 6    DA  A OP1   
103 O  OP2   . DA  A 6  ? 0.6349 0.3110 0.2775 0.0002  -0.0980 -0.1153 6    DA  A OP2   
104 O  "O5'" . DA  A 6  ? 0.5595 0.2720 0.1980 -0.0492 -0.0471 -0.0730 6    DA  A "O5'" 
105 C  "C5'" . DA  A 6  ? 0.4586 0.2811 0.1946 -0.0502 0.0124  -0.0828 6    DA  A "C5'" 
106 C  "C4'" . DA  A 6  ? 0.2967 0.2132 0.1875 -0.0687 0.0347  -0.0906 6    DA  A "C4'" 
107 O  "O4'" . DA  A 6  ? 0.2052 0.1917 0.2222 -0.0301 0.0436  -0.0748 6    DA  A "O4'" 
108 C  "C3'" . DA  A 6  ? 0.2365 0.2140 0.1658 -0.0446 0.0277  -0.0798 6    DA  A "C3'" 
109 O  "O3'" . DA  A 6  ? 0.1726 0.2434 0.1672 -0.0423 0.0102  -0.0652 6    DA  A "O3'" 
110 C  "C2'" . DA  A 6  ? 0.1853 0.2024 0.1572 -0.0299 0.0088  -0.0670 6    DA  A "C2'" 
111 C  "C1'" . DA  A 6  ? 0.1614 0.2017 0.1799 -0.0161 0.0225  -0.0597 6    DA  A "C1'" 
112 N  N9    . DA  A 6  ? 0.1691 0.1843 0.1734 0.0000  0.0077  -0.0505 6    DA  A N9    
113 C  C8    . DA  A 6  ? 0.1757 0.1894 0.1687 0.0028  0.0048  -0.0362 6    DA  A C8    
114 N  N7    . DA  A 6  ? 0.1695 0.1962 0.1546 -0.0088 0.0155  -0.0460 6    DA  A N7    
115 C  C5    . DA  A 6  ? 0.1686 0.1937 0.1521 0.0189  0.0248  -0.0501 6    DA  A C5    
116 C  C6    . DA  A 6  ? 0.1576 0.1745 0.1820 -0.0105 0.0176  -0.0744 6    DA  A C6    
117 N  N6    . DA  A 6  ? 0.1752 0.1890 0.1656 0.0087  0.0127  -0.0686 6    DA  A N6    
118 N  N1    . DA  A 6  ? 0.1562 0.1601 0.1890 -0.0162 0.0128  -0.0684 6    DA  A N1    
119 C  C2    . DA  A 6  ? 0.1625 0.1642 0.1685 0.0021  -0.0081 -0.0585 6    DA  A C2    
120 N  N3    . DA  A 6  ? 0.1577 0.1796 0.1704 -0.0099 -0.0034 -0.0497 6    DA  A N3    
121 C  C4    . DA  A 6  ? 0.1780 0.1889 0.1533 0.0149  0.0206  -0.0462 6    DA  A C4    
122 P  P     . DT  A 7  ? 0.1814 0.2119 0.1620 -0.0315 0.0097  -0.0391 7    DT  A P     
123 O  OP1   . DT  A 7  ? 0.2007 0.2185 0.2058 -0.0390 0.0210  -0.0309 7    DT  A OP1   
124 O  OP2   . DT  A 7  ? 0.2018 0.2096 0.1449 -0.0273 0.0105  -0.0485 7    DT  A OP2   
125 O  "O5'" . DT  A 7  ? 0.1601 0.2449 0.1563 -0.0013 0.0069  -0.0235 7    DT  A "O5'" 
126 C  "C5'" . DT  A 7  ? 0.1707 0.2637 0.1700 -0.0095 0.0069  -0.0258 7    DT  A "C5'" 
127 C  "C4'" . DT  A 7  ? 0.1544 0.2438 0.1535 -0.0074 -0.0188 -0.0150 7    DT  A "C4'" 
128 O  "O4'" . DT  A 7  ? 0.1599 0.2150 0.1776 -0.0143 -0.0158 -0.0258 7    DT  A "O4'" 
129 C  "C3'" . DT  A 7  ? 0.1820 0.2455 0.1408 -0.0479 -0.0236 -0.0251 7    DT  A "C3'" 
130 O  "O3'" . DT  A 7  ? 0.2025 0.3013 0.1690 -0.1038 -0.0169 -0.0244 7    DT  A "O3'" 
131 C  "C2'" . DT  A 7  ? 0.1836 0.2151 0.1824 -0.0234 0.0055  -0.0426 7    DT  A "C2'" 
132 C  "C1'" . DT  A 7  ? 0.1617 0.2146 0.1703 -0.0116 -0.0019 -0.0113 7    DT  A "C1'" 
133 N  N1    . DT  A 7  ? 0.1461 0.1880 0.1467 -0.0188 0.0046  -0.0310 7    DT  A N1    
134 C  C2    . DT  A 7  ? 0.1314 0.1876 0.1691 -0.0081 0.0021  -0.0231 7    DT  A C2    
135 O  O2    . DT  A 7  ? 0.1541 0.2140 0.1750 -0.0210 -0.0087 -0.0271 7    DT  A O2    
136 N  N3    . DT  A 7  ? 0.1474 0.1860 0.1488 0.0030  0.0101  -0.0389 7    DT  A N3    
137 C  C4    . DT  A 7  ? 0.1293 0.1946 0.1621 0.0074  0.0088  -0.0535 7    DT  A C4    
138 O  O4    . DT  A 7  ? 0.1437 0.1992 0.1701 -0.0048 0.0109  -0.0333 7    DT  A O4    
139 C  C5    . DT  A 7  ? 0.1390 0.1836 0.1843 0.0055  0.0071  -0.0394 7    DT  A C5    
140 C  C7    . DT  A 7  ? 0.1557 0.2117 0.1735 0.0002  -0.0121 -0.0464 7    DT  A C7    
141 C  C6    . DT  A 7  ? 0.1499 0.1727 0.1548 -0.0134 0.0034  -0.0390 7    DT  A C6    
142 P  P     . DT  A 8  ? 0.2724 0.3060 0.1915 -0.1003 -0.0446 -0.0285 8    DT  A P     
143 O  OP1   . DT  A 8  ? 0.2942 0.4006 0.2273 -0.1277 -0.0644 -0.0254 8    DT  A OP1   
144 O  OP2   . DT  A 8  ? 0.3937 0.3263 0.1949 -0.0448 -0.0317 -0.0403 8    DT  A OP2   
145 O  "O5'" . DT  A 8  ? 0.2442 0.2890 0.1659 -0.0775 -0.0210 -0.0280 8    DT  A "O5'" 
146 C  "C5'" . DT  A 8  ? 0.1749 0.3013 0.2156 -0.0656 -0.0139 -0.0214 8    DT  A "C5'" 
147 C  "C4'" . DT  A 8  ? 0.1661 0.2949 0.1926 -0.0650 -0.0102 -0.0391 8    DT  A "C4'" 
148 O  "O4'" . DT  A 8  ? 0.1584 0.3016 0.1755 -0.0320 -0.0281 -0.0528 8    DT  A "O4'" 
149 C  "C3'" . DT  A 8  ? 0.1786 0.3099 0.1781 -0.0861 -0.0075 -0.0374 8    DT  A "C3'" 
150 O  "O3'" . DT  A 8  ? 0.1794 0.4019 0.2068 -0.0578 -0.0298 0.0097  8    DT  A "O3'" 
151 C  "C2'" . DT  A 8  ? 0.1955 0.2821 0.1704 -0.0739 -0.0102 -0.0690 8    DT  A "C2'" 
152 C  "C1'" . DT  A 8  ? 0.1608 0.2250 0.2018 -0.0323 0.0041  -0.0452 8    DT  A "C1'" 
153 N  N1    . DT  A 8  ? 0.1526 0.2030 0.1764 -0.0153 0.0007  -0.0562 8    DT  A N1    
154 C  C2    . DT  A 8  ? 0.1673 0.1843 0.1823 -0.0255 0.0062  -0.0502 8    DT  A C2    
155 O  O2    . DT  A 8  ? 0.1481 0.2027 0.1983 -0.0184 -0.0007 -0.0182 8    DT  A O2    
156 N  N3    . DT  A 8  ? 0.1473 0.2021 0.1686 -0.0336 0.0083  -0.0316 8    DT  A N3    
157 C  C4    . DT  A 8  ? 0.1879 0.1888 0.1700 0.0021  0.0248  -0.0360 8    DT  A C4    
158 O  O4    . DT  A 8  ? 0.1726 0.1889 0.1757 -0.0133 0.0234  -0.0335 8    DT  A O4    
159 C  C5    . DT  A 8  ? 0.1454 0.1749 0.1916 -0.0306 0.0119  -0.0310 8    DT  A C5    
160 C  C7    . DT  A 8  ? 0.1694 0.1840 0.2426 -0.0315 0.0177  -0.0318 8    DT  A C7    
161 C  C6    . DT  A 8  ? 0.2051 0.1881 0.1582 -0.0218 0.0126  -0.0489 8    DT  A C6    
162 P  P     . 5HC A 9  ? 0.2564 0.3981 0.1956 -0.0857 -0.0142 -0.0221 9    5HC A P     
163 O  OP1   . 5HC A 9  ? 0.2384 0.4520 0.2393 -0.0422 -0.0335 0.0178  9    5HC A OP1   
164 O  OP2   . 5HC A 9  ? 0.3459 0.3793 0.2209 -0.1329 0.0131  -0.0632 9    5HC A OP2   
165 O  "O5'" . 5HC A 9  ? 0.2027 0.3316 0.1986 -0.1083 -0.0126 -0.0383 9    5HC A "O5'" 
166 C  "C5'" . 5HC A 9  ? 0.1957 0.3156 0.1860 -0.0766 -0.0243 -0.0214 9    5HC A "C5'" 
167 C  "C4'" . 5HC A 9  ? 0.2001 0.2958 0.2000 -0.0522 -0.0155 0.0076  9    5HC A "C4'" 
168 O  "O4'" . 5HC A 9  ? 0.1849 0.2840 0.1889 -0.0078 -0.0382 -0.0108 9    5HC A "O4'" 
169 C  "C3'" . 5HC A 9  ? 0.2141 0.3369 0.1990 -0.0264 -0.0076 0.0458  9    5HC A "C3'" 
170 O  "O3'" . 5HC A 9  ? 0.2256 0.4403 0.2725 0.0004  0.0107  0.1112  9    5HC A "O3'" 
171 C  "C2'" . 5HC A 9  ? 0.2106 0.3075 0.1803 -0.0430 -0.0004 0.0124  9    5HC A "C2'" 
172 C  "C1'" . 5HC A 9  ? 0.1675 0.2918 0.1857 -0.0080 -0.0108 -0.0056 9    5HC A "C1'" 
173 N  N1    . 5HC A 9  ? 0.1366 0.2284 0.1865 -0.0200 -0.0233 -0.0449 9    5HC A N1    
174 C  C2    . 5HC A 9  ? 0.1365 0.2204 0.1890 -0.0357 -0.0152 -0.0182 9    5HC A C2    
175 O  O2    . 5HC A 9  ? 0.1549 0.2323 0.1964 -0.0321 -0.0204 -0.0103 9    5HC A O2    
176 N  N3    . 5HC A 9  ? 0.1337 0.2052 0.1763 -0.0221 0.0025  -0.0253 9    5HC A N3    
177 C  C4    . 5HC A 9  ? 0.1516 0.2131 0.1608 -0.0151 0.0022  -0.0478 9    5HC A C4    
178 N  N4    . 5HC A 9  ? 0.1632 0.2148 0.1931 -0.0308 0.0065  -0.0543 9    5HC A N4    
179 C  C5    . 5HC A 9  ? 0.1646 0.2353 0.1671 -0.0411 -0.0107 -0.0705 9    5HC A C5    
180 C  C5M   . 5HC A 9  ? 0.2053 0.2481 0.2084 -0.0316 -0.0140 -0.0949 9    5HC A C5M   
181 O  O5    A 5HC A 9  ? 0.2579 0.2669 0.2498 -0.0449 -0.0104 -0.0779 9    5HC A O5    
182 O  O5    B 5HC A 9  ? 0.2401 0.3182 0.2790 -0.0269 0.0133  -0.0848 9    5HC A O5    
183 C  C6    . 5HC A 9  ? 0.1697 0.2289 0.1575 -0.0225 0.0038  -0.0538 9    5HC A C6    
184 P  P     . DG  A 10 ? 0.2470 0.5423 0.2754 -0.0352 -0.0187 0.1094  10   DG  A P     
185 O  OP1   . DG  A 10 ? 0.2585 0.5777 0.3562 0.0032  0.0057  0.1875  10   DG  A OP1   
186 O  OP2   . DG  A 10 ? 0.2836 0.5957 0.2173 -0.0804 -0.0187 0.0220  10   DG  A OP2   
187 O  "O5'" . DG  A 10 ? 0.1822 0.4789 0.2776 -0.0423 -0.0360 0.1115  10   DG  A "O5'" 
188 C  "C5'" . DG  A 10 ? 0.1820 0.3978 0.2939 -0.0302 -0.0163 0.0981  10   DG  A "C5'" 
189 C  "C4'" . DG  A 10 ? 0.1790 0.3324 0.2546 -0.0304 -0.0247 0.0597  10   DG  A "C4'" 
190 O  "O4'" . DG  A 10 ? 0.2253 0.2523 0.2198 -0.0341 -0.0154 0.0198  10   DG  A "O4'" 
191 C  "C3'" . DG  A 10 ? 0.2050 0.3832 0.2311 -0.0214 -0.0239 0.0717  10   DG  A "C3'" 
192 O  "O3'" . DG  A 10 ? 0.2254 0.4008 0.3098 -0.0396 0.0303  0.1174  10   DG  A "O3'" 
193 C  "C2'" . DG  A 10 ? 0.2179 0.3606 0.2112 -0.0134 -0.0412 0.0288  10   DG  A "C2'" 
194 C  "C1'" . DG  A 10 ? 0.2222 0.2595 0.1838 -0.0429 -0.0251 -0.0122 10   DG  A "C1'" 
195 N  N9    . DG  A 10 ? 0.1694 0.2549 0.1817 -0.0409 -0.0118 -0.0175 10   DG  A N9    
196 C  C8    . DG  A 10 ? 0.1764 0.2758 0.1706 -0.0387 -0.0148 -0.0266 10   DG  A C8    
197 N  N7    . DG  A 10 ? 0.1775 0.2415 0.1414 -0.0450 -0.0074 -0.0368 10   DG  A N7    
198 C  C5    . DG  A 10 ? 0.1518 0.2272 0.1259 -0.0268 -0.0253 -0.0487 10   DG  A C5    
199 C  C6    . DG  A 10 ? 0.1676 0.2012 0.1751 -0.0233 -0.0033 -0.0586 10   DG  A C6    
200 O  O6    . DG  A 10 ? 0.1771 0.2120 0.1720 -0.0253 0.0025  -0.0385 10   DG  A O6    
201 N  N1    . DG  A 10 ? 0.1665 0.1708 0.1739 -0.0367 0.0049  -0.0481 10   DG  A N1    
202 C  C2    . DG  A 10 ? 0.1272 0.2208 0.1622 -0.0280 -0.0046 -0.0360 10   DG  A C2    
203 N  N2    . DG  A 10 ? 0.1320 0.2226 0.1677 -0.0357 -0.0069 -0.0386 10   DG  A N2    
204 N  N3    . DG  A 10 ? 0.1466 0.2404 0.1592 -0.0235 -0.0124 -0.0207 10   DG  A N3    
205 C  C4    . DG  A 10 ? 0.1380 0.2600 0.1474 -0.0216 -0.0156 -0.0332 10   DG  A C4    
206 P  P     . DC  A 11 ? 0.2437 0.4643 0.3129 -0.0273 0.0387  0.1237  11   DC  A P     
207 O  OP1   . DC  A 11 ? 0.2758 0.4913 0.3209 0.0042  0.0081  0.1351  11   DC  A OP1   
208 O  OP2   . DC  A 11 ? 0.2988 0.5206 0.2982 -0.0271 0.0605  0.0990  11   DC  A OP2   
209 O  "O5'" . DC  A 11 ? 0.1889 0.3558 0.3105 -0.0709 0.0114  0.0718  11   DC  A "O5'" 
210 C  "C5'" . DC  A 11 ? 0.2118 0.3637 0.3240 -0.0278 0.0208  0.0526  11   DC  A "C5'" 
211 C  "C4'" . DC  A 11 ? 0.1824 0.2874 0.3175 -0.0269 0.0267  0.0555  11   DC  A "C4'" 
212 O  "O4'" . DC  A 11 ? 0.1959 0.2323 0.2984 -0.0375 0.0386  0.0027  11   DC  A "O4'" 
213 C  "C3'" . DC  A 11 ? 0.2115 0.2937 0.3171 -0.0237 0.0152  0.0352  11   DC  A "C3'" 
214 O  "O3'" . DC  A 11 ? 0.2077 0.2892 0.3801 -0.0554 0.0056  0.0181  11   DC  A "O3'" 
215 C  "C2'" . DC  A 11 ? 0.2200 0.2748 0.2831 -0.0169 0.0291  0.0147  11   DC  A "C2'" 
216 C  "C1'" . DC  A 11 ? 0.2043 0.2253 0.2498 -0.0350 0.0267  -0.0234 11   DC  A "C1'" 
217 N  N1    . DC  A 11 ? 0.2002 0.2472 0.1914 -0.0202 0.0244  -0.0138 11   DC  A N1    
218 C  C2    . DC  A 11 ? 0.1657 0.2145 0.1894 -0.0174 0.0133  -0.0290 11   DC  A C2    
219 O  O2    . DC  A 11 ? 0.1692 0.2209 0.1938 -0.0279 0.0100  -0.0258 11   DC  A O2    
220 N  N3    . DC  A 11 ? 0.1664 0.2210 0.1854 -0.0167 0.0052  -0.0440 11   DC  A N3    
221 C  C4    . DC  A 11 ? 0.2023 0.2477 0.1897 -0.0232 -0.0125 -0.0202 11   DC  A C4    
222 N  N4    . DC  A 11 ? 0.2192 0.2862 0.1977 -0.0290 -0.0244 -0.0335 11   DC  A N4    
223 C  C5    . DC  A 11 ? 0.2353 0.2881 0.1976 -0.0107 -0.0033 -0.0013 11   DC  A C5    
224 C  C6    . DC  A 11 ? 0.2530 0.2802 0.2031 -0.0231 0.0275  -0.0072 11   DC  A C6    
225 P  P     . DG  A 12 ? 0.2282 0.3432 0.4430 -0.0430 -0.0028 0.0455  12   DG  A P     
226 O  OP1   . DG  A 12 ? 0.2804 0.3399 0.4681 -0.0782 -0.0298 -0.0282 12   DG  A OP1   
227 O  OP2   . DG  A 12 ? 0.2840 0.4189 0.5318 -0.0458 0.0769  0.0875  12   DG  A OP2   
228 O  "O5'" . DG  A 12 ? 0.2628 0.3681 0.3784 -0.0105 0.0134  0.0368  12   DG  A "O5'" 
229 C  "C5'" . DG  A 12 ? 0.3093 0.3087 0.2303 -0.0428 0.0178  -0.0036 12   DG  A "C5'" 
230 C  "C4'" . DG  A 12 ? 0.2287 0.2334 0.2149 -0.0729 -0.0012 -0.0247 12   DG  A "C4'" 
231 O  "O4'" . DG  A 12 ? 0.2148 0.3085 0.2782 -0.0717 0.0294  -0.0636 12   DG  A "O4'" 
232 C  "C3'" . DG  A 12 ? 0.1788 0.2421 0.2392 -0.0783 -0.0168 -0.0080 12   DG  A "C3'" 
233 O  "O3'" . DG  A 12 ? 0.2015 0.2824 0.2498 -0.0883 -0.0144 -0.0222 12   DG  A "O3'" 
234 C  "C2'" . DG  A 12 ? 0.1613 0.2610 0.2904 -0.0708 -0.0042 -0.0236 12   DG  A "C2'" 
235 C  "C1'" . DG  A 12 ? 0.1574 0.2187 0.2912 -0.0538 -0.0019 -0.0504 12   DG  A "C1'" 
236 N  N9    . DG  A 12 ? 0.1297 0.2267 0.2632 -0.0113 -0.0267 -0.0433 12   DG  A N9    
237 C  C8    . DG  A 12 ? 0.1566 0.2824 0.2622 -0.0037 -0.0380 -0.0221 12   DG  A C8    
238 N  N7    . DG  A 12 ? 0.1524 0.2746 0.2701 -0.0011 -0.0417 -0.0447 12   DG  A N7    
239 C  C5    . DG  A 12 ? 0.1711 0.2222 0.2637 -0.0202 -0.0340 -0.0662 12   DG  A C5    
240 C  C6    . DG  A 12 ? 0.1572 0.2557 0.2780 -0.0214 -0.0507 -0.0788 12   DG  A C6    
241 O  O6    . DG  A 12 ? 0.1820 0.2549 0.3454 -0.0179 -0.0764 -0.0828 12   DG  A O6    
242 N  N1    . DG  A 12 ? 0.1391 0.2048 0.2693 -0.0447 -0.0225 -0.1004 12   DG  A N1    
243 C  C2    . DG  A 12 ? 0.1157 0.2457 0.2344 -0.0375 -0.0069 -0.0747 12   DG  A C2    
244 N  N2    . DG  A 12 ? 0.1317 0.2581 0.2090 -0.0565 0.0040  -0.0578 12   DG  A N2    
245 N  N3    . DG  A 12 ? 0.1088 0.2414 0.2317 -0.0411 -0.0093 -0.0684 12   DG  A N3    
246 C  C4    . DG  A 12 ? 0.1268 0.2255 0.2400 -0.0491 -0.0169 -0.0628 12   DG  A C4    
247 O  "O5'" . DC  B 1  ? 0.3722 0.4089 0.4680 -0.1601 0.0009  -0.1222 13   DC  B "O5'" 
248 C  "C5'" . DC  B 1  ? 0.3112 0.3552 0.4007 -0.1383 -0.0137 -0.0958 13   DC  B "C5'" 
249 C  "C4'" . DC  B 1  ? 0.2818 0.3130 0.3498 -0.1214 0.0014  -0.0716 13   DC  B "C4'" 
250 O  "O4'" . DC  B 1  ? 0.2428 0.2530 0.3035 -0.0929 -0.0163 -0.0750 13   DC  B "O4'" 
251 C  "C3'" . DC  B 1  ? 0.3180 0.3499 0.3928 -0.0874 0.0471  -0.0496 13   DC  B "C3'" 
252 O  "O3'" . DC  B 1  ? 0.3683 0.3997 0.3654 -0.0482 0.0506  -0.0497 13   DC  B "O3'" 
253 C  "C2'" . DC  B 1  ? 0.2703 0.2800 0.4139 -0.0904 0.0471  -0.0521 13   DC  B "C2'" 
254 C  "C1'" . DC  B 1  ? 0.2248 0.2429 0.3833 -0.0937 0.0181  -0.0563 13   DC  B "C1'" 
255 N  N1    . DC  B 1  ? 0.1756 0.2639 0.3743 -0.0906 -0.0132 -0.0785 13   DC  B N1    
256 C  C2    . DC  B 1  ? 0.1773 0.2348 0.3539 -0.0800 0.0048  -0.1021 13   DC  B C2    
257 O  O2    . DC  B 1  ? 0.1737 0.2436 0.3894 -0.0801 0.0374  -0.1114 13   DC  B O2    
258 N  N3    . DC  B 1  ? 0.2074 0.2670 0.3151 -0.0507 -0.0056 -0.1029 13   DC  B N3    
259 C  C4    . DC  B 1  ? 0.2282 0.2805 0.3204 -0.0404 -0.0049 -0.0913 13   DC  B C4    
260 N  N4    . DC  B 1  ? 0.2345 0.3145 0.2604 -0.0035 -0.0156 -0.0838 13   DC  B N4    
261 C  C5    . DC  B 1  ? 0.2312 0.3287 0.3237 -0.0391 -0.0273 -0.0770 13   DC  B C5    
262 C  C6    . DC  B 1  ? 0.1897 0.3059 0.3662 -0.0645 -0.0200 -0.0720 13   DC  B C6    
263 P  P     . DG  B 2  ? 0.3855 0.4112 0.3504 -0.0145 0.0268  -0.0562 14   DG  B P     
264 O  OP1   . DG  B 2  ? 0.4717 0.4256 0.4143 -0.0005 0.0624  -0.0599 14   DG  B OP1   
265 O  OP2   . DG  B 2  ? 0.3626 0.4851 0.3728 0.0300  -0.0212 -0.1442 14   DG  B OP2   
266 O  "O5'" . DG  B 2  ? 0.3607 0.2772 0.2384 -0.0756 0.0029  -0.0820 14   DG  B "O5'" 
267 C  "C5'" . DG  B 2  ? 0.2730 0.2856 0.2513 -0.0516 0.0020  -0.0234 14   DG  B "C5'" 
268 C  "C4'" . DG  B 2  ? 0.1999 0.2915 0.2378 -0.0700 -0.0244 -0.0141 14   DG  B "C4'" 
269 O  "O4'" . DG  B 2  ? 0.2097 0.2805 0.2345 -0.0320 -0.0442 -0.0049 14   DG  B "O4'" 
270 C  "C3'" . DG  B 2  ? 0.2563 0.2744 0.2389 -0.0432 -0.0016 -0.0383 14   DG  B "C3'" 
271 O  "O3'" . DG  B 2  ? 0.2186 0.2876 0.1973 -0.0241 -0.0015 -0.0233 14   DG  B "O3'" 
272 C  "C2'" . DG  B 2  ? 0.2871 0.2757 0.2286 -0.0451 0.0174  -0.0054 14   DG  B "C2'" 
273 C  "C1'" . DG  B 2  ? 0.2876 0.2631 0.1982 -0.0293 -0.0200 0.0069  14   DG  B "C1'" 
274 N  N9    . DG  B 2  ? 0.2296 0.2223 0.2185 -0.0238 -0.0598 -0.0071 14   DG  B N9    
275 C  C8    . DG  B 2  ? 0.2341 0.2308 0.2586 -0.0447 -0.0258 -0.0263 14   DG  B C8    
276 N  N7    . DG  B 2  ? 0.2165 0.2279 0.2260 -0.0377 -0.0182 -0.0379 14   DG  B N7    
277 C  C5    . DG  B 2  ? 0.1816 0.2217 0.1428 -0.0199 -0.0380 -0.0432 14   DG  B C5    
278 C  C6    . DG  B 2  ? 0.1795 0.2138 0.1337 -0.0221 -0.0292 -0.0652 14   DG  B C6    
279 O  O6    . DG  B 2  ? 0.1912 0.2341 0.1631 -0.0248 -0.0318 -0.0510 14   DG  B O6    
280 N  N1    . DG  B 2  ? 0.1618 0.2002 0.1622 -0.0198 -0.0138 -0.0284 14   DG  B N1    
281 C  C2    . DG  B 2  ? 0.1646 0.1985 0.1772 -0.0110 -0.0015 -0.0269 14   DG  B C2    
282 N  N2    . DG  B 2  ? 0.1454 0.2278 0.1823 -0.0087 -0.0238 -0.0127 14   DG  B N2    
283 N  N3    . DG  B 2  ? 0.1814 0.1982 0.1878 -0.0160 -0.0231 -0.0278 14   DG  B N3    
284 C  C4    . DG  B 2  ? 0.1838 0.1793 0.1640 -0.0283 -0.0502 -0.0178 14   DG  B C4    
285 P  P     . DC  B 3  ? 0.2093 0.3036 0.2333 0.0008  0.0265  0.0100  15   DC  B P     
286 O  OP1   . DC  B 3  ? 0.2310 0.3424 0.2379 0.0367  -0.0063 0.0171  15   DC  B OP1   
287 O  OP2   . DC  B 3  ? 0.2545 0.3402 0.3016 -0.0165 0.0667  -0.0149 15   DC  B OP2   
288 O  "O5'" . DC  B 3  ? 0.1758 0.2742 0.2424 -0.0125 0.0083  -0.0045 15   DC  B "O5'" 
289 C  "C5'" . DC  B 3  ? 0.1621 0.2877 0.1916 -0.0005 -0.0188 -0.0345 15   DC  B "C5'" 
290 C  "C4'" . DC  B 3  ? 0.1564 0.2644 0.1836 -0.0134 -0.0190 -0.0336 15   DC  B "C4'" 
291 O  "O4'" . DC  B 3  ? 0.1866 0.2538 0.1697 0.0022  -0.0189 -0.0416 15   DC  B "O4'" 
292 C  "C3'" . DC  B 3  ? 0.1513 0.2796 0.1597 -0.0143 -0.0389 -0.0591 15   DC  B "C3'" 
293 O  "O3'" . DC  B 3  ? 0.1617 0.3185 0.1792 -0.0023 -0.0215 -0.0511 15   DC  B "O3'" 
294 C  "C2'" . DC  B 3  ? 0.1838 0.2681 0.1814 0.0028  -0.0298 -0.0717 15   DC  B "C2'" 
295 C  "C1'" . DC  B 3  ? 0.1867 0.2539 0.1807 -0.0004 -0.0247 -0.0405 15   DC  B "C1'" 
296 N  N1    . DC  B 3  ? 0.1834 0.2341 0.1914 -0.0205 -0.0003 -0.0345 15   DC  B N1    
297 C  C2    . DC  B 3  ? 0.1675 0.1834 0.1899 -0.0317 0.0051  -0.0529 15   DC  B C2    
298 O  O2    . DC  B 3  ? 0.1582 0.2174 0.1583 -0.0220 -0.0049 -0.0450 15   DC  B O2    
299 N  N3    . DC  B 3  ? 0.1792 0.2082 0.1728 -0.0149 0.0045  -0.0394 15   DC  B N3    
300 C  C4    . DC  B 3  ? 0.1833 0.2358 0.2033 -0.0063 0.0037  -0.0177 15   DC  B C4    
301 N  N4    . DC  B 3  ? 0.1926 0.2368 0.2319 -0.0277 0.0018  0.0005  15   DC  B N4    
302 C  C5    . DC  B 3  ? 0.1878 0.2728 0.2039 -0.0331 0.0081  0.0023  15   DC  B C5    
303 C  C6    . DC  B 3  ? 0.2104 0.2565 0.1879 -0.0389 -0.0071 -0.0214 15   DC  B C6    
304 P  P     . DG  B 4  ? 0.2205 0.3340 0.1715 -0.0046 -0.0264 -0.0712 16   DG  B P     
305 O  OP1   . DG  B 4  ? 0.2797 0.3565 0.1894 -0.0084 -0.0529 -0.0968 16   DG  B OP1   
306 O  OP2   . DG  B 4  ? 0.2712 0.3333 0.1747 -0.0076 0.0130  -0.0623 16   DG  B OP2   
307 O  "O5'" . DG  B 4  ? 0.1918 0.2741 0.1999 -0.0036 -0.0177 -0.0670 16   DG  B "O5'" 
308 C  "C5'" . DG  B 4  ? 0.1795 0.2792 0.2423 -0.0167 -0.0109 -0.0761 16   DG  B "C5'" 
309 C  "C4'" . DG  B 4  ? 0.1683 0.2717 0.1956 -0.0204 -0.0205 -0.0799 16   DG  B "C4'" 
310 O  "O4'" . DG  B 4  ? 0.1245 0.2782 0.2151 -0.0219 -0.0155 -0.0744 16   DG  B "O4'" 
311 C  "C3'" . DG  B 4  ? 0.1911 0.2705 0.2274 -0.0100 -0.0301 -0.1008 16   DG  B "C3'" 
312 O  "O3'" . DG  B 4  ? 0.1870 0.2758 0.2974 -0.0224 -0.0161 -0.1007 16   DG  B "O3'" 
313 C  "C2'" . DG  B 4  ? 0.1473 0.2532 0.1995 -0.0337 -0.0342 -0.0989 16   DG  B "C2'" 
314 C  "C1'" . DG  B 4  ? 0.1259 0.2534 0.1995 -0.0361 -0.0183 -0.0746 16   DG  B "C1'" 
315 N  N9    . DG  B 4  ? 0.1289 0.2420 0.1711 -0.0087 -0.0111 -0.0602 16   DG  B N9    
316 C  C8    . DG  B 4  ? 0.1463 0.2999 0.1647 0.0202  -0.0044 -0.0469 16   DG  B C8    
317 N  N7    . DG  B 4  ? 0.1160 0.2682 0.1745 -0.0006 -0.0104 -0.0554 16   DG  B N7    
318 C  C5    . DG  B 4  ? 0.1055 0.2262 0.1738 -0.0152 -0.0025 -0.0449 16   DG  B C5    
319 C  C6    . DG  B 4  ? 0.1513 0.2223 0.1705 0.0071  0.0261  -0.0318 16   DG  B C6    
320 O  O6    . DG  B 4  ? 0.1492 0.2230 0.1830 -0.0329 0.0288  -0.0209 16   DG  B O6    
321 N  N1    . DG  B 4  ? 0.1552 0.2100 0.1644 -0.0045 0.0250  -0.0402 16   DG  B N1    
322 C  C2    . DG  B 4  ? 0.1361 0.2347 0.1528 0.0087  0.0045  -0.0567 16   DG  B C2    
323 N  N2    . DG  B 4  ? 0.1412 0.2248 0.1772 -0.0068 -0.0132 -0.0411 16   DG  B N2    
324 N  N3    . DG  B 4  ? 0.1320 0.2341 0.1563 -0.0091 -0.0044 -0.0727 16   DG  B N3    
325 C  C4    . DG  B 4  ? 0.1317 0.2365 0.1630 -0.0001 0.0003  -0.0591 16   DG  B C4    
326 P  P     . DA  B 5  ? 0.2138 0.2876 0.3023 -0.0437 -0.0117 -0.1373 17   DA  B P     
327 O  OP1   . DA  B 5  ? 0.2308 0.2960 0.3673 -0.0353 -0.0196 -0.1578 17   DA  B OP1   
328 O  OP2   . DA  B 5  ? 0.2789 0.3231 0.2936 -0.0048 -0.0115 -0.1692 17   DA  B OP2   
329 O  "O5'" . DA  B 5  ? 0.1959 0.2640 0.2885 -0.0260 0.0018  -0.1174 17   DA  B "O5'" 
330 C  "C5'" . DA  B 5  ? 0.1589 0.2474 0.3257 -0.0551 0.0465  -0.0544 17   DA  B "C5'" 
331 C  "C4'" . DA  B 5  ? 0.1645 0.2535 0.2974 -0.0364 0.0241  -0.0466 17   DA  B "C4'" 
332 O  "O4'" . DA  B 5  ? 0.1407 0.1988 0.2852 -0.0464 0.0118  -0.0639 17   DA  B "O4'" 
333 C  "C3'" . DA  B 5  ? 0.1810 0.2922 0.3330 -0.0459 0.0085  -0.0444 17   DA  B "C3'" 
334 O  "O3'" . DA  B 5  ? 0.1891 0.3069 0.4008 -0.0446 0.0081  0.0136  17   DA  B "O3'" 
335 C  "C2'" . DA  B 5  ? 0.1604 0.2459 0.2768 -0.0342 -0.0097 -0.0721 17   DA  B "C2'" 
336 C  "C1'" . DA  B 5  ? 0.1367 0.1901 0.2542 -0.0357 0.0056  -0.0552 17   DA  B "C1'" 
337 N  N9    . DA  B 5  ? 0.1325 0.2040 0.1979 -0.0149 0.0073  -0.0579 17   DA  B N9    
338 C  C8    . DA  B 5  ? 0.1373 0.2510 0.1936 -0.0071 -0.0055 -0.0634 17   DA  B C8    
339 N  N7    . DA  B 5  ? 0.1332 0.2310 0.2290 -0.0161 0.0015  -0.0603 17   DA  B N7    
340 C  C5    . DA  B 5  ? 0.1172 0.2423 0.1808 -0.0009 0.0003  -0.0458 17   DA  B C5    
341 C  C6    . DA  B 5  ? 0.1417 0.2182 0.1761 0.0012  0.0278  -0.0407 17   DA  B C6    
342 N  N6    . DA  B 5  ? 0.1541 0.2151 0.1689 0.0008  0.0189  -0.0511 17   DA  B N6    
343 N  N1    . DA  B 5  ? 0.1553 0.2010 0.1809 -0.0060 0.0257  -0.0408 17   DA  B N1    
344 C  C2    . DA  B 5  ? 0.1164 0.2305 0.1931 -0.0052 0.0318  -0.0297 17   DA  B C2    
345 N  N3    . DA  B 5  ? 0.1165 0.2022 0.2024 -0.0178 0.0155  -0.0530 17   DA  B N3    
346 C  C4    . DA  B 5  ? 0.1089 0.2282 0.1699 -0.0124 -0.0031 -0.0542 17   DA  B C4    
347 P  P     . DA  B 6  ? 0.2495 0.3072 0.4323 -0.0449 -0.0024 0.0200  18   DA  B P     
348 O  OP1   . DA  B 6  ? 0.2771 0.3536 0.5234 -0.0786 0.0517  0.0275  18   DA  B OP1   
349 O  OP2   . DA  B 6  ? 0.2697 0.3405 0.4520 -0.0154 -0.0152 0.0128  18   DA  B OP2   
350 O  "O5'" . DA  B 6  ? 0.2301 0.2525 0.3604 -0.0269 -0.0224 -0.0060 18   DA  B "O5'" 
351 C  "C5'" . DA  B 6  ? 0.2342 0.2376 0.3542 -0.0106 0.0338  0.0192  18   DA  B "C5'" 
352 C  "C4'" . DA  B 6  ? 0.2039 0.2217 0.3386 -0.0098 0.0570  0.0334  18   DA  B "C4'" 
353 O  "O4'" . DA  B 6  ? 0.1928 0.1968 0.3080 0.0072  0.0496  0.0081  18   DA  B "O4'" 
354 C  "C3'" . DA  B 6  ? 0.2223 0.2421 0.3621 -0.0042 0.0742  0.0695  18   DA  B "C3'" 
355 O  "O3'" . DA  B 6  ? 0.2473 0.3083 0.4356 0.0009  0.0932  0.1173  18   DA  B "O3'" 
356 C  "C2'" . DA  B 6  ? 0.2201 0.1938 0.3392 0.0112  0.0614  0.0224  18   DA  B "C2'" 
357 C  "C1'" . DA  B 6  ? 0.1720 0.1913 0.2866 0.0030  0.0404  0.0031  18   DA  B "C1'" 
358 N  N9    . DA  B 6  ? 0.1588 0.1790 0.2692 -0.0248 0.0335  -0.0346 18   DA  B N9    
359 C  C8    . DA  B 6  ? 0.1721 0.1762 0.3151 -0.0374 0.0685  -0.0575 18   DA  B C8    
360 N  N7    . DA  B 6  ? 0.1597 0.1759 0.2597 -0.0346 0.0518  -0.0554 18   DA  B N7    
361 C  C5    . DA  B 6  ? 0.1377 0.1775 0.2026 -0.0186 0.0263  -0.0527 18   DA  B C5    
362 C  C6    . DA  B 6  ? 0.1608 0.1689 0.1887 -0.0150 0.0391  -0.0493 18   DA  B C6    
363 N  N6    . DA  B 6  ? 0.1608 0.2175 0.1645 0.0054  0.0109  -0.0386 18   DA  B N6    
364 N  N1    . DA  B 6  ? 0.1440 0.1878 0.1950 -0.0123 0.0064  -0.0490 18   DA  B N1    
365 C  C2    . DA  B 6  ? 0.1300 0.1998 0.2155 -0.0126 0.0033  -0.0443 18   DA  B C2    
366 N  N3    . DA  B 6  ? 0.1310 0.2081 0.2067 -0.0171 0.0031  -0.0227 18   DA  B N3    
367 C  C4    . DA  B 6  ? 0.1311 0.1918 0.2255 -0.0203 0.0281  -0.0337 18   DA  B C4    
368 P  P     . DT  B 7  ? 0.2410 0.3278 0.5005 0.0029  0.0447  0.1143  19   DT  B P     
369 O  OP1   . DT  B 7  ? 0.3233 0.3904 0.5482 0.0222  0.0895  0.1658  19   DT  B OP1   
370 O  OP2   . DT  B 7  ? 0.2787 0.3100 0.5349 0.0278  0.0069  0.0673  19   DT  B OP2   
371 O  "O5'" . DT  B 7  ? 0.1900 0.3069 0.3804 0.0204  0.0345  0.0739  19   DT  B "O5'" 
372 C  "C5'" . DT  B 7  ? 0.2451 0.2809 0.2753 0.0047  0.0569  0.0478  19   DT  B "C5'" 
373 C  "C4'" . DT  B 7  ? 0.2414 0.2773 0.1976 0.0079  0.0287  0.0081  19   DT  B "C4'" 
374 O  "O4'" . DT  B 7  ? 0.2239 0.2615 0.1860 0.0181  0.0114  -0.0132 19   DT  B "O4'" 
375 C  "C3'" . DT  B 7  ? 0.1853 0.3147 0.2001 0.0203  -0.0006 0.0127  19   DT  B "C3'" 
376 O  "O3'" . DT  B 7  ? 0.2328 0.3717 0.2132 0.0336  0.0061  0.0346  19   DT  B "O3'" 
377 C  "C2'" . DT  B 7  ? 0.2074 0.2695 0.2162 0.0283  0.0126  -0.0126 19   DT  B "C2'" 
378 C  "C1'" . DT  B 7  ? 0.2215 0.2484 0.2089 0.0086  0.0369  0.0018  19   DT  B "C1'" 
379 N  N1    . DT  B 7  ? 0.1828 0.2078 0.2181 0.0049  0.0235  -0.0027 19   DT  B N1    
380 C  C2    . DT  B 7  ? 0.1686 0.2040 0.1849 0.0127  0.0089  -0.0171 19   DT  B C2    
381 O  O2    . DT  B 7  ? 0.1673 0.2043 0.1865 -0.0092 0.0130  -0.0380 19   DT  B O2    
382 N  N3    . DT  B 7  ? 0.1584 0.1671 0.1793 -0.0052 0.0132  -0.0282 19   DT  B N3    
383 C  C4    . DT  B 7  ? 0.1693 0.1636 0.1983 -0.0086 0.0132  -0.0474 19   DT  B C4    
384 O  O4    . DT  B 7  ? 0.1573 0.2139 0.1969 0.0070  0.0179  -0.0428 19   DT  B O4    
385 C  C5    . DT  B 7  ? 0.1924 0.1932 0.2174 0.0136  0.0157  -0.0434 19   DT  B C5    
386 C  C7    . DT  B 7  ? 0.2115 0.2016 0.2415 -0.0064 0.0423  -0.0440 19   DT  B C7    
387 C  C6    . DT  B 7  ? 0.1943 0.1963 0.1948 0.0021  0.0234  -0.0248 19   DT  B C6    
388 P  P     . DT  B 8  ? 0.2228 0.3920 0.2799 0.0207  -0.0039 0.0522  20   DT  B P     
389 O  OP1   . DT  B 8  ? 0.3024 0.4479 0.2489 0.0514  -0.0310 0.0314  20   DT  B OP1   
390 O  OP2   . DT  B 8  ? 0.2695 0.3724 0.3586 0.0485  0.0276  0.0789  20   DT  B OP2   
391 O  "O5'" . DT  B 8  ? 0.1883 0.3884 0.2449 0.0257  0.0041  0.0483  20   DT  B "O5'" 
392 C  "C5'" . DT  B 8  ? 0.1631 0.4096 0.2072 0.0154  0.0071  0.0376  20   DT  B "C5'" 
393 C  "C4'" . DT  B 8  ? 0.1664 0.3718 0.1928 0.0219  0.0000  0.0011  20   DT  B "C4'" 
394 O  "O4'" . DT  B 8  ? 0.1506 0.3110 0.2020 0.0514  -0.0057 -0.0293 20   DT  B "O4'" 
395 C  "C3'" . DT  B 8  ? 0.1910 0.3393 0.1979 0.0124  0.0018  -0.0092 20   DT  B "C3'" 
396 O  "O3'" . DT  B 8  ? 0.1865 0.4123 0.1990 -0.0006 -0.0154 -0.0372 20   DT  B "O3'" 
397 C  "C2'" . DT  B 8  ? 0.1521 0.3017 0.2361 0.0260  0.0011  -0.0097 20   DT  B "C2'" 
398 C  "C1'" . DT  B 8  ? 0.1542 0.2594 0.2130 0.0313  0.0056  -0.0283 20   DT  B "C1'" 
399 N  N1    . DT  B 8  ? 0.1775 0.2103 0.1886 0.0243  0.0122  -0.0221 20   DT  B N1    
400 C  C2    . DT  B 8  ? 0.1900 0.2093 0.1824 0.0406  0.0065  -0.0480 20   DT  B C2    
401 O  O2    . DT  B 8  ? 0.2100 0.2220 0.1927 0.0328  0.0303  -0.0304 20   DT  B O2    
402 N  N3    . DT  B 8  ? 0.2033 0.2076 0.1765 0.0482  -0.0103 -0.0537 20   DT  B N3    
403 C  C4    . DT  B 8  ? 0.2118 0.2090 0.2083 0.0320  0.0112  -0.0537 20   DT  B C4    
404 O  O4    . DT  B 8  ? 0.1972 0.2031 0.2192 0.0142  -0.0057 -0.0349 20   DT  B O4    
405 C  C5    . DT  B 8  ? 0.1755 0.2092 0.2247 0.0185  0.0182  -0.0167 20   DT  B C5    
406 C  C7    . DT  B 8  ? 0.2272 0.2084 0.2498 0.0144  0.0252  -0.0195 20   DT  B C7    
407 C  C6    . DT  B 8  ? 0.2005 0.1913 0.2050 0.0180  0.0241  -0.0199 20   DT  B C6    
408 P  P     . 5HC B 9  ? 0.2028 0.5967 0.1964 -0.0015 -0.0230 -0.0038 21   5HC B P     
409 O  OP1   . 5HC B 9  ? 0.2228 0.6331 0.2154 -0.0589 -0.0179 -0.0454 21   5HC B OP1   
410 O  OP2   . 5HC B 9  ? 0.1822 0.6970 0.2614 0.0448  0.0070  0.0750  21   5HC B OP2   
411 O  "O5'" . 5HC B 9  ? 0.1911 0.4498 0.1881 0.0035  0.0040  -0.0082 21   5HC B "O5'" 
412 C  "C5'" . 5HC B 9  ? 0.2210 0.3387 0.1630 -0.0068 0.0064  -0.0478 21   5HC B "C5'" 
413 C  "C4'" . 5HC B 9  ? 0.2426 0.2529 0.1663 0.0009  0.0066  -0.0469 21   5HC B "C4'" 
414 O  "O4'" . 5HC B 9  ? 0.2218 0.2430 0.2167 -0.0017 0.0173  -0.0551 21   5HC B "O4'" 
415 C  "C3'" . 5HC B 9  ? 0.2840 0.2656 0.1919 0.0058  0.0400  -0.0583 21   5HC B "C3'" 
416 O  "O3'" . 5HC B 9  ? 0.2472 0.3389 0.2192 -0.0083 0.0497  -0.0639 21   5HC B "O3'" 
417 C  "C2'" . 5HC B 9  ? 0.2713 0.2532 0.1983 -0.0099 0.0458  -0.0667 21   5HC B "C2'" 
418 C  "C1'" . 5HC B 9  ? 0.2569 0.2342 0.1749 -0.0202 0.0330  -0.0721 21   5HC B "C1'" 
419 N  N1    . 5HC B 9  ? 0.2430 0.2389 0.2183 -0.0112 0.0437  -0.0704 21   5HC B N1    
420 C  C2    . 5HC B 9  ? 0.2287 0.2249 0.2065 -0.0183 0.0434  -0.0863 21   5HC B C2    
421 O  O2    . 5HC B 9  ? 0.2374 0.2482 0.2265 -0.0229 0.0465  -0.0743 21   5HC B O2    
422 N  N3    . 5HC B 9  ? 0.2182 0.2428 0.2812 0.0102  0.0646  -0.0882 21   5HC B N3    
423 C  C4    . 5HC B 9  ? 0.2195 0.2369 0.2960 -0.0046 0.0673  -0.0839 21   5HC B C4    
424 N  N4    . 5HC B 9  ? 0.2057 0.2443 0.3065 -0.0053 0.0748  -0.0984 21   5HC B N4    
425 C  C5    . 5HC B 9  ? 0.2270 0.2312 0.2756 0.0237  0.0473  -0.0574 21   5HC B C5    
426 C  C5M   . 5HC B 9  ? 0.2818 0.2460 0.3325 0.0401  0.0784  -0.0405 21   5HC B C5M   
427 O  O5    . 5HC B 9  ? 0.2951 0.2751 0.3127 0.0395  0.0769  -0.0178 21   5HC B O5    
428 C  C6    . 5HC B 9  ? 0.2536 0.2203 0.2213 0.0182  0.0290  -0.0844 21   5HC B C6    
429 P  P     . DG  B 10 ? 0.2484 0.3540 0.2059 -0.0744 -0.0013 -0.0984 22   DG  B P     
430 O  OP1   . DG  B 10 ? 0.2979 0.3441 0.2337 -0.0973 0.0407  -0.0857 22   DG  B OP1   
431 O  OP2   . DG  B 10 ? 0.2268 0.3962 0.2312 -0.0595 -0.0075 -0.0883 22   DG  B OP2   
432 O  "O5'" . DG  B 10 ? 0.2400 0.3099 0.1568 -0.0717 -0.0063 -0.0814 22   DG  B "O5'" 
433 C  "C5'" . DG  B 10 ? 0.2569 0.2818 0.1514 -0.0921 0.0339  -0.0698 22   DG  B "C5'" 
434 C  "C4'" . DG  B 10 ? 0.2090 0.2619 0.1653 -0.0580 0.0088  -0.0815 22   DG  B "C4'" 
435 O  "O4'" . DG  B 10 ? 0.2001 0.2254 0.2011 -0.0426 0.0237  -0.0764 22   DG  B "O4'" 
436 C  "C3'" . DG  B 10 ? 0.2149 0.2828 0.1777 -0.0648 0.0208  -0.0708 22   DG  B "C3'" 
437 O  "O3'" . DG  B 10 ? 0.1681 0.2979 0.1589 -0.0853 -0.0010 -0.0638 22   DG  B "O3'" 
438 C  "C2'" . DG  B 10 ? 0.2178 0.2802 0.1729 -0.0400 0.0080  -0.0564 22   DG  B "C2'" 
439 C  "C1'" . DG  B 10 ? 0.2014 0.2421 0.1996 -0.0298 0.0265  -0.0528 22   DG  B "C1'" 
440 N  N9    . DG  B 10 ? 0.1900 0.2439 0.1565 -0.0177 -0.0024 -0.0674 22   DG  B N9    
441 C  C8    . DG  B 10 ? 0.1794 0.2276 0.1877 -0.0166 0.0059  -0.0539 22   DG  B C8    
442 N  N7    . DG  B 10 ? 0.2015 0.2406 0.1817 -0.0046 0.0080  -0.0499 22   DG  B N7    
443 C  C5    . DG  B 10 ? 0.2068 0.1753 0.1966 -0.0142 0.0219  -0.0795 22   DG  B C5    
444 C  C6    . DG  B 10 ? 0.2212 0.1783 0.2110 -0.0108 0.0519  -0.0652 22   DG  B C6    
445 O  O6    . DG  B 10 ? 0.1975 0.2036 0.2180 -0.0146 0.0319  -0.0445 22   DG  B O6    
446 N  N1    . DG  B 10 ? 0.2305 0.1992 0.1886 0.0251  0.0485  -0.0517 22   DG  B N1    
447 C  C2    . DG  B 10 ? 0.1902 0.2182 0.1986 0.0044  0.0312  -0.0672 22   DG  B C2    
448 N  N2    . DG  B 10 ? 0.1982 0.1893 0.2119 0.0073  0.0235  -0.0804 22   DG  B N2    
449 N  N3    . DG  B 10 ? 0.1502 0.2061 0.2037 -0.0182 0.0117  -0.0735 22   DG  B N3    
450 C  C4    . DG  B 10 ? 0.1925 0.1979 0.1802 -0.0081 0.0028  -0.0832 22   DG  B C4    
451 P  P     . DC  B 11 ? 0.1829 0.2875 0.1938 -0.0923 -0.0085 -0.0656 23   DC  B P     
452 O  OP1   . DC  B 11 ? 0.2260 0.2862 0.2159 -0.1042 0.0018  -0.0656 23   DC  B OP1   
453 O  OP2   . DC  B 11 ? 0.1966 0.3264 0.2068 -0.0658 -0.0294 -0.0588 23   DC  B OP2   
454 O  "O5'" . DC  B 11 ? 0.1787 0.2737 0.1694 -0.0652 -0.0265 -0.0589 23   DC  B "O5'" 
455 C  "C5'" . DC  B 11 ? 0.1948 0.2231 0.1942 -0.0823 -0.0015 -0.0708 23   DC  B "C5'" 
456 C  "C4'" . DC  B 11 ? 0.1933 0.1969 0.1860 -0.0729 -0.0117 -0.0792 23   DC  B "C4'" 
457 O  "O4'" . DC  B 11 ? 0.1947 0.2066 0.2294 -0.0471 -0.0028 -0.0648 23   DC  B "O4'" 
458 C  "C3'" . DC  B 11 ? 0.2143 0.2415 0.1854 -0.0771 -0.0197 -0.0904 23   DC  B "C3'" 
459 O  "O3'" . DC  B 11 ? 0.2511 0.2423 0.1736 -0.0969 0.0058  -0.0818 23   DC  B "O3'" 
460 C  "C2'" . DC  B 11 ? 0.2288 0.2548 0.1989 -0.0524 -0.0045 -0.0862 23   DC  B "C2'" 
461 C  "C1'" . DC  B 11 ? 0.2200 0.1758 0.2334 -0.0483 -0.0080 -0.0826 23   DC  B "C1'" 
462 N  N1    . DC  B 11 ? 0.1820 0.1741 0.1711 -0.0427 -0.0363 -0.0546 23   DC  B N1    
463 C  C2    . DC  B 11 ? 0.1359 0.1766 0.2100 -0.0406 -0.0186 -0.0733 23   DC  B C2    
464 O  O2    . DC  B 11 ? 0.1610 0.1894 0.2070 -0.0717 -0.0140 -0.0633 23   DC  B O2    
465 N  N3    . DC  B 11 ? 0.1358 0.1812 0.1822 -0.0515 -0.0117 -0.0700 23   DC  B N3    
466 C  C4    . DC  B 11 ? 0.1184 0.1897 0.2040 -0.0485 -0.0140 -0.0735 23   DC  B C4    
467 N  N4    . DC  B 11 ? 0.1280 0.2225 0.1958 -0.0296 -0.0145 -0.0499 23   DC  B N4    
468 C  C5    . DC  B 11 ? 0.1344 0.1991 0.1835 -0.0404 -0.0341 -0.0810 23   DC  B C5    
469 C  C6    . DC  B 11 ? 0.1330 0.2086 0.1694 -0.0403 -0.0543 -0.0583 23   DC  B C6    
470 P  P     . DG  B 12 ? 0.2368 0.2816 0.1914 -0.0991 -0.0025 -0.0737 24   DG  B P     
471 O  OP1   . DG  B 12 ? 0.3254 0.2773 0.2109 -0.1144 0.0201  -0.0576 24   DG  B OP1   
472 O  OP2   . DG  B 12 ? 0.2155 0.3084 0.2080 -0.0730 -0.0199 -0.0757 24   DG  B OP2   
473 O  "O5'" . DG  B 12 ? 0.2024 0.2347 0.1616 -0.0703 -0.0211 -0.0739 24   DG  B "O5'" 
474 C  "C5'" . DG  B 12 ? 0.1990 0.2071 0.1529 -0.0553 -0.0156 -0.0540 24   DG  B "C5'" 
475 C  "C4'" . DG  B 12 ? 0.1827 0.1902 0.1533 -0.0297 -0.0049 -0.0582 24   DG  B "C4'" 
476 O  "O4'" . DG  B 12 ? 0.1766 0.1964 0.1575 -0.0132 -0.0047 -0.0652 24   DG  B "O4'" 
477 C  "C3'" . DG  B 12 ? 0.1885 0.2067 0.1710 -0.0342 -0.0020 -0.0662 24   DG  B "C3'" 
478 O  "O3'" . DG  B 12 ? 0.2199 0.2246 0.1418 -0.0099 -0.0137 -0.0522 24   DG  B "O3'" 
479 C  "C2'" . DG  B 12 ? 0.1951 0.1869 0.1622 -0.0214 -0.0127 -0.0594 24   DG  B "C2'" 
480 C  "C1'" . DG  B 12 ? 0.1580 0.1922 0.1748 -0.0113 -0.0226 -0.0571 24   DG  B "C1'" 
481 N  N9    . DG  B 12 ? 0.1405 0.2246 0.1325 -0.0012 -0.0354 -0.0421 24   DG  B N9    
482 C  C8    . DG  B 12 ? 0.1308 0.2520 0.1564 -0.0203 -0.0244 -0.0420 24   DG  B C8    
483 N  N7    . DG  B 12 ? 0.1595 0.2181 0.1774 -0.0217 -0.0213 -0.0579 24   DG  B N7    
484 C  C5    . DG  B 12 ? 0.1541 0.2041 0.1406 -0.0123 -0.0195 -0.0551 24   DG  B C5    
485 C  C6    . DG  B 12 ? 0.1599 0.2075 0.1553 -0.0206 -0.0163 -0.0437 24   DG  B C6    
486 O  O6    . DG  B 12 ? 0.1677 0.2465 0.1561 -0.0072 -0.0312 -0.0482 24   DG  B O6    
487 N  N1    . DG  B 12 ? 0.1575 0.2182 0.1303 -0.0057 -0.0164 -0.0361 24   DG  B N1    
488 C  C2    . DG  B 12 ? 0.1513 0.2369 0.1385 -0.0054 0.0039  -0.0305 24   DG  B C2    
489 N  N2    . DG  B 12 ? 0.1594 0.2496 0.1504 -0.0135 0.0005  -0.0208 24   DG  B N2    
490 N  N3    . DG  B 12 ? 0.1518 0.2352 0.1380 -0.0088 -0.0068 -0.0496 24   DG  B N3    
491 C  C4    . DG  B 12 ? 0.1194 0.2048 0.1269 -0.0102 -0.0289 -0.0516 24   DG  B C4    
492 MG MG    . MG  C .  ? 0.1811 0.1963 0.1896 -0.0282 -0.0213 -0.0448 101  MG  A MG    
493 O  O     . HOH D .  ? 0.2066 0.6203 0.2939 -0.0882 -0.0650 0.1193  2001 HOH A O     
494 O  O     . HOH D .  ? 0.3211 0.4005 0.3448 0.0600  0.0141  0.0042  2002 HOH A O     
495 O  O     . HOH D .  ? 0.3792 0.4777 0.4728 0.0556  0.1112  -0.0591 2003 HOH A O     
496 O  O     . HOH D .  ? 0.2241 0.3045 0.4091 -0.0666 0.0176  -0.0732 2004 HOH A O     
497 O  O     . HOH D .  ? 0.2877 0.4809 0.4001 0.0502  -0.0112 0.1095  2005 HOH A O     
498 O  O     . HOH D .  ? 0.2865 0.5301 0.2444 0.1456  -0.0063 0.0381  2006 HOH A O     
499 O  O     . HOH D .  ? 0.5205 0.3873 0.5171 -0.0308 0.0220  0.0802  2007 HOH A O     
500 O  O     . HOH D .  ? 0.4423 0.4847 0.4340 -0.1232 -0.0386 0.0615  2008 HOH A O     
501 O  O     . HOH D .  ? 0.2721 0.2562 0.2757 -0.0249 -0.0038 -0.0778 2009 HOH A O     
502 O  O     . HOH D .  ? 0.3486 0.7577 0.6182 -0.1061 -0.1727 0.2926  2010 HOH A O     
503 O  O     . HOH D .  ? 0.3109 0.4066 0.7696 -0.0473 0.0704  -0.0408 2011 HOH A O     
504 O  O     . HOH D .  ? 0.3303 0.3533 0.5776 0.0597  0.1445  0.0838  2012 HOH A O     
505 O  O     . HOH D .  ? 0.1976 0.3248 0.2836 -0.0590 -0.0387 0.0025  2013 HOH A O     
506 O  O     . HOH D .  ? 0.2646 0.7926 0.4263 0.0910  -0.1055 -0.0904 2014 HOH A O     
507 O  O     . HOH D .  ? 0.2493 0.3352 0.2333 -0.0044 -0.0086 -0.0012 2015 HOH A O     
508 O  O     . HOH D .  ? 0.6319 0.6672 0.6280 -0.2725 0.0734  -0.0112 2016 HOH A O     
509 O  O     . HOH D .  ? 0.2018 0.3560 0.3747 -0.0531 -0.0246 0.0270  2017 HOH A O     
510 O  O     . HOH D .  ? 0.1784 0.2053 0.2330 -0.0201 -0.0297 -0.0355 2018 HOH A O     
511 O  O     . HOH D .  ? 0.1904 0.2049 0.1681 -0.0271 -0.0251 -0.0638 2019 HOH A O     
512 O  O     . HOH D .  ? 0.3611 0.6130 0.6168 -0.0483 -0.0877 0.0399  2020 HOH A O     
513 O  O     . HOH D .  ? 0.4385 0.2885 0.5067 -0.0120 0.2450  0.0716  2021 HOH A O     
514 O  O     . HOH D .  ? 0.6663 0.4867 0.6243 -0.0383 -0.0395 0.0461  2022 HOH A O     
515 O  O     . HOH D .  ? 0.4244 0.6043 0.7335 -0.0936 0.1942  0.1772  2023 HOH A O     
516 O  O     . HOH D .  ? 0.5043 0.4195 0.3879 -0.0224 0.1274  0.1198  2024 HOH A O     
517 O  O     . HOH D .  ? 0.5755 0.6263 0.4061 -0.1755 -0.2435 0.0394  2025 HOH A O     
518 O  O     . HOH D .  ? 0.4629 0.4006 0.6937 -0.0077 0.1114  -0.0532 2026 HOH A O     
519 O  O     . HOH D .  ? 0.5409 0.6964 0.3892 0.0677  -0.0089 -0.1867 2027 HOH A O     
520 O  O     . HOH D .  ? 0.2595 0.6027 0.4325 -0.0875 -0.1433 0.0364  2028 HOH A O     
521 O  O     . HOH D .  ? 0.2046 0.2260 0.2136 -0.0140 -0.0046 -0.0554 2029 HOH A O     
522 O  O     . HOH D .  ? 0.8135 0.4216 0.3784 -0.0530 0.1669  0.0607  2030 HOH A O     
523 O  O     . HOH D .  ? 0.6166 0.4506 0.5383 -0.2392 0.2954  -0.2262 2031 HOH A O     
524 O  O     . HOH D .  ? 0.2373 0.4703 0.9243 0.0064  0.0437  -0.0655 2032 HOH A O     
525 O  O     . HOH D .  ? 0.2551 0.6819 0.4659 -0.0580 0.0507  -0.0615 2033 HOH A O     
526 O  O     . HOH D .  ? 0.2522 0.4317 0.3019 0.0373  0.0568  -0.0255 2034 HOH A O     
527 O  O     . HOH D .  ? 0.3840 0.3857 0.3997 0.1607  -0.1270 -0.2052 2035 HOH A O     
528 O  O     . HOH D .  ? 0.8464 0.4117 0.5060 0.1979  0.3242  0.0747  2036 HOH A O     
529 O  O     . HOH D .  ? 0.3652 0.6594 0.4732 -0.0401 0.1381  -0.1504 2037 HOH A O     
530 O  O     . HOH D .  ? 0.5221 0.2801 0.3297 -0.0526 0.0838  -0.0336 2038 HOH A O     
531 O  O     . HOH D .  ? 0.6623 0.4948 0.4177 0.1385  0.1488  -0.1778 2039 HOH A O     
532 O  O     . HOH D .  ? 0.5141 0.3659 0.4715 -0.0452 -0.2394 0.0903  2040 HOH A O     
533 O  O     . HOH D .  ? 0.2546 0.3091 0.7357 -0.0167 0.0835  -0.0127 2041 HOH A O     
534 O  O     . HOH D .  ? 0.3144 0.4900 0.4966 0.0077  -0.1806 -0.1204 2042 HOH A O     
535 O  O     . HOH D .  ? 0.2626 0.5580 0.3481 0.0179  -0.0152 0.0354  2043 HOH A O     
536 O  O     . HOH D .  ? 0.1572 0.2566 0.2334 -0.0170 -0.0152 -0.0460 2044 HOH A O     
537 O  O     . HOH D .  ? 0.1671 0.2874 0.2776 -0.0445 -0.0065 0.0314  2045 HOH A O     
538 O  O     . HOH D .  ? 0.4958 0.3984 0.5682 0.1198  -0.3046 -0.1281 2046 HOH A O     
539 O  O     . HOH D .  ? 0.1943 0.1704 0.3739 -0.0168 -0.0023 -0.0260 2047 HOH A O     
540 O  O     . HOH D .  ? 0.2030 0.2341 0.2066 -0.0199 -0.0147 -0.0367 2048 HOH A O     
541 O  O     . HOH D .  ? 0.2576 0.3752 0.2734 -0.0468 -0.0547 -0.0058 2049 HOH A O     
542 O  O     . HOH D .  ? 0.4363 0.6148 0.4317 -0.1855 0.0658  -0.1842 2050 HOH A O     
543 O  O     . HOH D .  ? 0.1907 0.2241 0.1924 -0.0228 0.0028  -0.0261 2051 HOH A O     
544 O  O     . HOH D .  ? 0.2377 0.4090 0.3625 0.0382  0.0586  0.1349  2052 HOH A O     
545 O  O     . HOH D .  ? 0.4811 0.3698 0.5913 0.0754  -0.1538 0.0073  2053 HOH A O     
546 O  O     . HOH D .  ? 0.6938 0.3909 0.2713 0.1175  0.0041  0.0532  2054 HOH A O     
547 O  O     . HOH D .  ? 0.1750 0.2217 0.2012 -0.0242 0.0080  -0.0318 2055 HOH A O     
548 O  O     . HOH D .  ? 0.2834 0.2303 0.3245 -0.0323 0.0357  -0.0463 2056 HOH A O     
549 O  O     . HOH D .  ? 0.4063 0.9406 0.3449 -0.0719 -0.0166 0.2024  2057 HOH A O     
550 O  O     . HOH D .  ? 0.5373 0.4443 0.6735 0.1061  -0.0250 -0.1902 2058 HOH A O     
551 O  O     . HOH D .  ? 0.2429 0.3704 0.2573 -0.0585 -0.0236 -0.0887 2059 HOH A O     
552 O  O     . HOH D .  ? 0.6103 0.3194 0.6477 -0.1743 -0.2300 0.0354  2060 HOH A O     
553 O  O     . HOH D .  ? 0.5623 0.5720 0.4392 0.0354  0.0766  0.0892  2061 HOH A O     
554 O  O     . HOH D .  ? 0.1867 0.2456 0.2349 -0.0365 0.0260  -0.0053 2062 HOH A O     
555 O  O     . HOH D .  ? 0.7248 0.3748 0.8730 -0.0178 0.0225  -0.1540 2063 HOH A O     
556 O  O     . HOH D .  ? 0.2611 0.3754 0.6623 -0.0004 0.0050  0.0852  2064 HOH A O     
557 O  O     . HOH D .  ? 0.7056 0.4809 0.5458 0.0799  0.1346  0.2159  2065 HOH A O     
558 O  O     . HOH D .  ? 0.7944 0.7952 0.3206 0.2584  -0.1263 0.0086  2066 HOH A O     
559 O  O     . HOH D .  ? 0.3353 0.3876 0.2309 -0.0645 -0.1267 -0.0813 2067 HOH A O     
560 O  O     . HOH D .  ? 0.3914 0.6363 0.3687 -0.2452 -0.0634 0.0584  2068 HOH A O     
561 O  O     . HOH D .  ? 0.3124 0.3667 0.5318 -0.0779 -0.0002 -0.0152 2069 HOH A O     
562 O  O     . HOH D .  ? 0.3424 0.6324 0.2995 -0.0784 -0.1142 0.0800  2070 HOH A O     
563 O  O     . HOH D .  ? 0.1881 0.2660 0.2226 -0.0234 -0.0150 0.0030  2071 HOH A O     
564 O  O     . HOH D .  ? 0.2201 0.2125 0.1828 -0.0381 -0.0138 -0.0705 2072 HOH A O     
565 O  O     . HOH D .  ? 0.1933 0.1918 0.1790 -0.0180 -0.0524 -0.0442 2073 HOH A O     
566 O  O     . HOH E .  ? 0.5622 0.6170 0.2876 -0.2398 0.0014  -0.0383 2001 HOH B O     
567 O  O     . HOH E .  ? 0.6512 0.3807 0.5432 0.0385  0.1575  0.0306  2002 HOH B O     
568 O  O     . HOH E .  ? 0.5489 0.5768 0.2843 0.2511  -0.1364 -0.1139 2003 HOH B O     
569 O  O     . HOH E .  ? 0.4529 0.7910 0.4812 -0.0878 -0.0794 0.1056  2004 HOH B O     
570 O  O     . HOH E .  ? 0.3424 0.7213 0.4975 0.1415  0.0997  0.1402  2005 HOH B O     
571 O  O     . HOH E .  ? 0.3781 0.4763 0.3836 -0.1866 -0.0078 -0.1655 2006 HOH B O     
572 O  O     . HOH E .  ? 0.2567 0.5082 0.3865 0.0791  -0.0987 -0.1328 2007 HOH B O     
573 O  O     . HOH E .  ? 0.3081 0.6019 0.7838 -0.1360 -0.1185 0.2558  2008 HOH B O     
574 O  O     . HOH E .  ? 0.3608 0.7017 0.4768 0.0034  0.0437  -0.1802 2009 HOH B O     
575 O  O     . HOH E .  ? 0.8747 0.3719 0.4772 -0.2069 -0.1372 0.0672  2010 HOH B O     
576 O  O     . HOH E .  ? 0.5493 0.5551 0.7077 -0.0623 0.3248  -0.0166 2011 HOH B O     
577 O  O     . HOH E .  ? 0.3880 0.7680 0.6499 0.0866  -0.1793 0.0388  2012 HOH B O     
578 O  O     . HOH E .  ? 0.4800 0.4708 0.5339 -0.1199 0.0697  0.0851  2013 HOH B O     
579 O  O     . HOH E .  ? 0.2406 0.4563 0.3291 -0.0480 -0.1103 -0.1142 2014 HOH B O     
580 O  O     . HOH E .  ? 0.6948 0.4976 0.6163 -0.0314 -0.1144 0.0964  2015 HOH B O     
581 O  O     . HOH E .  ? 0.3927 0.8163 0.5522 -0.1941 -0.0099 0.2918  2016 HOH B O     
582 O  O     . HOH E .  ? 0.2333 0.4196 0.2109 -0.0040 -0.0538 0.0104  2017 HOH B O     
583 O  O     . HOH E .  ? 0.3042 0.6367 0.6244 0.0642  0.1688  0.2350  2018 HOH B O     
584 O  O     . HOH E .  ? 0.3482 0.5115 0.7488 -0.1616 -0.0399 0.2325  2019 HOH B O     
585 O  O     . HOH E .  ? 0.2923 0.8414 0.3194 0.1402  -0.0322 -0.2085 2020 HOH B O     
586 O  O     . HOH E .  ? 0.7065 0.5981 0.4681 -0.2093 0.2598  -0.0192 2021 HOH B O     
587 O  O     . HOH E .  ? 0.7767 0.6157 0.3982 -0.2693 0.0275  0.0814  2022 HOH B O     
588 O  O     . HOH E .  ? 0.3811 0.4882 0.4792 0.1047  0.2045  0.2115  2023 HOH B O     
589 O  O     . HOH E .  ? 0.4589 0.3745 0.6956 -0.0200 -0.1251 -0.1138 2024 HOH B O     
590 O  O     . HOH E .  ? 0.3753 0.6183 0.4309 -0.0399 -0.0668 -0.2544 2025 HOH B O     
591 O  O     . HOH E .  ? 0.2064 0.6514 0.3028 -0.0427 0.0027  -0.0001 2026 HOH B O     
592 O  O     . HOH E .  ? 0.2563 0.5705 0.3459 -0.0260 -0.0406 0.0682  2027 HOH B O     
593 O  O     . HOH E .  ? 0.5692 0.4334 0.7252 -0.1615 -0.0211 0.1813  2028 HOH B O     
594 O  O     . HOH E .  ? 0.3359 0.2611 0.6571 -0.1128 -0.0340 -0.0664 2029 HOH B O     
595 O  O     . HOH E .  ? 0.1709 0.3357 0.2782 -0.0103 0.0023  0.0741  2030 HOH B O     
596 O  O     . HOH E .  ? 0.3366 0.3412 0.3088 -0.0688 -0.0023 -0.0979 2031 HOH B O     
597 O  O     . HOH E .  ? 0.2467 0.5101 0.2944 -0.0856 -0.0056 -0.0177 2032 HOH B O     
598 O  O     . HOH E .  ? 0.5613 0.6923 0.6149 0.1352  0.0753  0.2737  2033 HOH B O     
599 O  O     . HOH E .  ? 0.5554 0.2381 0.3097 0.0337  -0.0208 -0.0208 2034 HOH B O     
600 O  O     . HOH E .  ? 0.5204 0.4952 0.5805 0.0576  -0.0327 -0.0903 2035 HOH B O     
601 O  O     . HOH E .  ? 0.6328 0.3313 0.5643 0.0447  0.0116  -0.0914 2036 HOH B O     
602 O  O     . HOH E .  ? 0.7254 0.5530 0.5026 0.2161  -0.2440 -0.1193 2037 HOH B O     
603 O  O     . HOH E .  ? 0.7410 0.3679 0.5035 0.0105  -0.1988 -0.0292 2038 HOH B O     
604 O  O     . HOH E .  ? 0.3229 0.9333 0.3184 -0.0006 -0.0761 0.0968  2039 HOH B O     
605 O  O     . HOH E .  ? 0.8364 0.5713 0.3739 0.1696  0.1002  0.0750  2040 HOH B O     
606 O  O     . HOH E .  ? 0.7534 0.5317 0.4522 0.1443  -0.0683 0.1647  2041 HOH B O     
607 O  O     . HOH E .  ? 0.3766 0.3214 0.3097 0.0932  -0.0161 0.0172  2042 HOH B O     
608 O  O     . HOH E .  ? 0.5999 0.4330 0.5028 0.1910  0.0997  0.0406  2043 HOH B O     
609 O  O     . HOH E .  ? 0.3835 0.2435 0.3602 -0.0546 0.0775  -0.0532 2044 HOH B O     
610 O  O     . HOH E .  ? 0.4295 0.3382 0.5290 0.1128  -0.1524 -0.1304 2045 HOH B O     
611 O  O     . HOH E .  ? 0.5752 0.2485 0.4746 -0.0529 0.1477  -0.0422 2046 HOH B O     
612 O  O     . HOH E .  ? 0.2747 0.2028 0.2071 -0.0195 -0.0182 -0.0698 2047 HOH B O     
613 O  O     . HOH E .  ? 0.2719 0.4928 0.3947 -0.0169 -0.0744 -0.0987 2048 HOH B O     
614 O  O     . HOH E .  ? 0.4008 0.6463 0.3998 -0.0197 0.0357  -0.1094 2049 HOH B O     
615 O  O     . HOH E .  ? 0.2497 0.6683 0.4941 -0.0166 0.0650  -0.0039 2050 HOH B O     
616 O  O     . HOH E .  ? 0.3202 0.4291 0.2952 0.0285  -0.0634 -0.0431 2051 HOH B O     
617 O  O     . HOH E .  ? 0.2626 0.2697 0.2409 -0.0466 -0.0207 -0.0348 2052 HOH B O     
618 O  O     . HOH E .  ? 0.5599 0.5252 0.5981 -0.1878 0.2526  -0.0029 2053 HOH B O     
619 O  O     . HOH E .  ? 0.4239 0.4425 0.5165 -0.2413 -0.0569 0.0203  2054 HOH B O     
620 O  O     . HOH E .  ? 0.2093 0.4104 0.2842 -0.0498 -0.0235 -0.0433 2055 HOH B O     
621 O  O     . HOH E .  ? 0.2702 0.3579 0.3337 -0.0095 -0.0834 -0.0749 2056 HOH B O     
622 O  O     . HOH E .  ? 1.0543 0.2806 0.4162 0.0222  0.0789  -0.0423 2057 HOH B O     
623 O  O     . HOH E .  ? 0.2069 0.3787 0.2538 -0.0373 -0.0389 -0.0072 2058 HOH B O     
624 O  O     . HOH E .  ? 1.0009 0.3691 0.3637 -0.0696 -0.0510 0.0107  2059 HOH B O     
625 O  O     . HOH E .  ? 0.1962 0.5342 0.3836 -0.1119 -0.0310 -0.0877 2060 HOH B O     
626 O  O     . HOH E .  ? 0.1681 0.3100 0.3307 -0.0572 -0.0233 -0.1393 2061 HOH B O     
627 O  O     . HOH E .  ? 0.3034 0.4934 0.3277 -0.0582 -0.0507 0.1095  2062 HOH B O     
628 O  O     . HOH E .  ? 0.2053 0.6848 0.3458 -0.0288 -0.0551 -0.1023 2063 HOH B O     
# 
loop_
_pdbx_poly_seq_scheme.asym_id 
_pdbx_poly_seq_scheme.entity_id 
_pdbx_poly_seq_scheme.seq_id 
_pdbx_poly_seq_scheme.mon_id 
_pdbx_poly_seq_scheme.ndb_seq_num 
_pdbx_poly_seq_scheme.pdb_seq_num 
_pdbx_poly_seq_scheme.auth_seq_num 
_pdbx_poly_seq_scheme.pdb_mon_id 
_pdbx_poly_seq_scheme.auth_mon_id 
_pdbx_poly_seq_scheme.pdb_strand_id 
_pdbx_poly_seq_scheme.pdb_ins_code 
_pdbx_poly_seq_scheme.hetero 
A 1 1  DC  1  1  1  DC  DC  A . n 
A 1 2  DG  2  2  2  DG  DG  A . n 
A 1 3  DC  3  3  3  DC  DC  A . n 
A 1 4  DG  4  4  4  DG  DG  A . n 
A 1 5  DA  5  5  5  DA  DA  A . n 
A 1 6  DA  6  6  6  DA  DA  A . n 
A 1 7  DT  7  7  7  DT  DT  A . n 
A 1 8  DT  8  8  8  DT  DT  A . n 
A 1 9  5HC 9  9  9  5HC 5HC A . n 
A 1 10 DG  10 10 10 DG  DG  A . n 
A 1 11 DC  11 11 11 DC  DC  A . n 
A 1 12 DG  12 12 12 DG  DG  A . n 
B 1 1  DC  1  13 13 DC  DC  B . n 
B 1 2  DG  2  14 14 DG  DG  B . n 
B 1 3  DC  3  15 15 DC  DC  B . n 
B 1 4  DG  4  16 16 DG  DG  B . n 
B 1 5  DA  5  17 17 DA  DA  B . n 
B 1 6  DA  6  18 18 DA  DA  B . n 
B 1 7  DT  7  19 19 DT  DT  B . n 
B 1 8  DT  8  20 20 DT  DT  B . n 
B 1 9  5HC 9  21 21 5HC 5HC B . n 
B 1 10 DG  10 22 22 DG  DG  B . n 
B 1 11 DC  11 23 23 DC  DC  B . n 
B 1 12 DG  12 24 24 DG  DG  B . n 
# 
loop_
_pdbx_nonpoly_scheme.asym_id 
_pdbx_nonpoly_scheme.entity_id 
_pdbx_nonpoly_scheme.mon_id 
_pdbx_nonpoly_scheme.ndb_seq_num 
_pdbx_nonpoly_scheme.pdb_seq_num 
_pdbx_nonpoly_scheme.auth_seq_num 
_pdbx_nonpoly_scheme.pdb_mon_id 
_pdbx_nonpoly_scheme.auth_mon_id 
_pdbx_nonpoly_scheme.pdb_strand_id 
_pdbx_nonpoly_scheme.pdb_ins_code 
C 2 MG  1  101  101  MG  MG  A . 
D 3 HOH 1  2001 2001 HOH HOH A . 
D 3 HOH 2  2002 2002 HOH HOH A . 
D 3 HOH 3  2003 2003 HOH HOH A . 
D 3 HOH 4  2004 2004 HOH HOH A . 
D 3 HOH 5  2005 2005 HOH HOH A . 
D 3 HOH 6  2006 2006 HOH HOH A . 
D 3 HOH 7  2007 2007 HOH HOH A . 
D 3 HOH 8  2008 2008 HOH HOH A . 
D 3 HOH 9  2009 2009 HOH HOH A . 
D 3 HOH 10 2010 2010 HOH HOH A . 
D 3 HOH 11 2011 2011 HOH HOH A . 
D 3 HOH 12 2012 2012 HOH HOH A . 
D 3 HOH 13 2013 2013 HOH HOH A . 
D 3 HOH 14 2014 2014 HOH HOH A . 
D 3 HOH 15 2015 2015 HOH HOH A . 
D 3 HOH 16 2016 2016 HOH HOH A . 
D 3 HOH 17 2017 2017 HOH HOH A . 
D 3 HOH 18 2018 2018 HOH HOH A . 
D 3 HOH 19 2019 2019 HOH HOH A . 
D 3 HOH 20 2020 2020 HOH HOH A . 
D 3 HOH 21 2021 2021 HOH HOH A . 
D 3 HOH 22 2022 2022 HOH HOH A . 
D 3 HOH 23 2023 2023 HOH HOH A . 
D 3 HOH 24 2024 2024 HOH HOH A . 
D 3 HOH 25 2025 2025 HOH HOH A . 
D 3 HOH 26 2026 2026 HOH HOH A . 
D 3 HOH 27 2027 2027 HOH HOH A . 
D 3 HOH 28 2028 2028 HOH HOH A . 
D 3 HOH 29 2029 2029 HOH HOH A . 
D 3 HOH 30 2030 2030 HOH HOH A . 
D 3 HOH 31 2031 2031 HOH HOH A . 
D 3 HOH 32 2032 2032 HOH HOH A . 
D 3 HOH 33 2033 2033 HOH HOH A . 
D 3 HOH 34 2034 2034 HOH HOH A . 
D 3 HOH 35 2035 2035 HOH HOH A . 
D 3 HOH 36 2036 2036 HOH HOH A . 
D 3 HOH 37 2037 2037 HOH HOH A . 
D 3 HOH 38 2038 2038 HOH HOH A . 
D 3 HOH 39 2039 2039 HOH HOH A . 
D 3 HOH 40 2040 2040 HOH HOH A . 
D 3 HOH 41 2041 2041 HOH HOH A . 
D 3 HOH 42 2042 2042 HOH HOH A . 
D 3 HOH 43 2043 2043 HOH HOH A . 
D 3 HOH 44 2044 2044 HOH HOH A . 
D 3 HOH 45 2045 2045 HOH HOH A . 
D 3 HOH 46 2046 2046 HOH HOH A . 
D 3 HOH 47 2047 2047 HOH HOH A . 
D 3 HOH 48 2048 2048 HOH HOH A . 
D 3 HOH 49 2049 2049 HOH HOH A . 
D 3 HOH 50 2050 2050 HOH HOH A . 
D 3 HOH 51 2051 2051 HOH HOH A . 
D 3 HOH 52 2052 2052 HOH HOH A . 
D 3 HOH 53 2053 2053 HOH HOH A . 
D 3 HOH 54 2054 2054 HOH HOH A . 
D 3 HOH 55 2055 2055 HOH HOH A . 
D 3 HOH 56 2056 2056 HOH HOH A . 
D 3 HOH 57 2057 2057 HOH HOH A . 
D 3 HOH 58 2058 2058 HOH HOH A . 
D 3 HOH 59 2059 2059 HOH HOH A . 
D 3 HOH 60 2060 2060 HOH HOH A . 
D 3 HOH 61 2061 2061 HOH HOH A . 
D 3 HOH 62 2062 2062 HOH HOH A . 
D 3 HOH 63 2063 2063 HOH HOH A . 
D 3 HOH 64 2064 2064 HOH HOH A . 
D 3 HOH 65 2065 2065 HOH HOH A . 
D 3 HOH 66 2066 2066 HOH HOH A . 
D 3 HOH 67 2067 2067 HOH HOH A . 
D 3 HOH 68 2068 2068 HOH HOH A . 
D 3 HOH 69 2069 2069 HOH HOH A . 
D 3 HOH 70 2070 2070 HOH HOH A . 
D 3 HOH 71 2071 2071 HOH HOH A . 
D 3 HOH 72 2072 2072 HOH HOH A . 
D 3 HOH 73 2073 2073 HOH HOH A . 
E 3 HOH 1  2001 2001 HOH HOH B . 
E 3 HOH 2  2002 2002 HOH HOH B . 
E 3 HOH 3  2003 2003 HOH HOH B . 
E 3 HOH 4  2004 2004 HOH HOH B . 
E 3 HOH 5  2005 2005 HOH HOH B . 
E 3 HOH 6  2006 2006 HOH HOH B . 
E 3 HOH 7  2007 2007 HOH HOH B . 
E 3 HOH 8  2008 2008 HOH HOH B . 
E 3 HOH 9  2009 2009 HOH HOH B . 
E 3 HOH 10 2010 2010 HOH HOH B . 
E 3 HOH 11 2011 2011 HOH HOH B . 
E 3 HOH 12 2012 2012 HOH HOH B . 
E 3 HOH 13 2013 2013 HOH HOH B . 
E 3 HOH 14 2014 2014 HOH HOH B . 
E 3 HOH 15 2015 2015 HOH HOH B . 
E 3 HOH 16 2016 2016 HOH HOH B . 
E 3 HOH 17 2017 2017 HOH HOH B . 
E 3 HOH 18 2018 2018 HOH HOH B . 
E 3 HOH 19 2019 2019 HOH HOH B . 
E 3 HOH 20 2020 2020 HOH HOH B . 
E 3 HOH 21 2021 2021 HOH HOH B . 
E 3 HOH 22 2022 2022 HOH HOH B . 
E 3 HOH 23 2023 2023 HOH HOH B . 
E 3 HOH 24 2024 2024 HOH HOH B . 
E 3 HOH 25 2025 2025 HOH HOH B . 
E 3 HOH 26 2026 2026 HOH HOH B . 
E 3 HOH 27 2027 2027 HOH HOH B . 
E 3 HOH 28 2028 2028 HOH HOH B . 
E 3 HOH 29 2029 2029 HOH HOH B . 
E 3 HOH 30 2030 2030 HOH HOH B . 
E 3 HOH 31 2031 2031 HOH HOH B . 
E 3 HOH 32 2032 2032 HOH HOH B . 
E 3 HOH 33 2033 2033 HOH HOH B . 
E 3 HOH 34 2034 2034 HOH HOH B . 
E 3 HOH 35 2035 2035 HOH HOH B . 
E 3 HOH 36 2036 2036 HOH HOH B . 
E 3 HOH 37 2037 2037 HOH HOH B . 
E 3 HOH 38 2038 2038 HOH HOH B . 
E 3 HOH 39 2039 2039 HOH HOH B . 
E 3 HOH 40 2040 2040 HOH HOH B . 
E 3 HOH 41 2041 2041 HOH HOH B . 
E 3 HOH 42 2042 2042 HOH HOH B . 
E 3 HOH 43 2043 2043 HOH HOH B . 
E 3 HOH 44 2044 2044 HOH HOH B . 
E 3 HOH 45 2045 2045 HOH HOH B . 
E 3 HOH 46 2046 2046 HOH HOH B . 
E 3 HOH 47 2047 2047 HOH HOH B . 
E 3 HOH 48 2048 2048 HOH HOH B . 
E 3 HOH 49 2049 2049 HOH HOH B . 
E 3 HOH 50 2050 2050 HOH HOH B . 
E 3 HOH 51 2051 2051 HOH HOH B . 
E 3 HOH 52 2052 2052 HOH HOH B . 
E 3 HOH 53 2053 2053 HOH HOH B . 
E 3 HOH 54 2054 2054 HOH HOH B . 
E 3 HOH 55 2055 2055 HOH HOH B . 
E 3 HOH 56 2056 2056 HOH HOH B . 
E 3 HOH 57 2057 2057 HOH HOH B . 
E 3 HOH 58 2058 2058 HOH HOH B . 
E 3 HOH 59 2059 2059 HOH HOH B . 
E 3 HOH 60 2060 2060 HOH HOH B . 
E 3 HOH 61 2061 2061 HOH HOH B . 
E 3 HOH 62 2062 2062 HOH HOH B . 
E 3 HOH 63 2063 2063 HOH HOH B . 
# 
loop_
_pdbx_struct_mod_residue.id 
_pdbx_struct_mod_residue.label_asym_id 
_pdbx_struct_mod_residue.label_comp_id 
_pdbx_struct_mod_residue.label_seq_id 
_pdbx_struct_mod_residue.auth_asym_id 
_pdbx_struct_mod_residue.auth_comp_id 
_pdbx_struct_mod_residue.auth_seq_id 
_pdbx_struct_mod_residue.PDB_ins_code 
_pdbx_struct_mod_residue.parent_comp_id 
_pdbx_struct_mod_residue.details 
1 A 5HC 9 A 5HC 9  ? DC ? 
2 B 5HC 9 B 5HC 21 ? DC ? 
# 
_pdbx_struct_assembly.id                   1 
_pdbx_struct_assembly.details              author_and_software_defined_assembly 
_pdbx_struct_assembly.method_details       PISA 
_pdbx_struct_assembly.oligomeric_details   dimeric 
_pdbx_struct_assembly.oligomeric_count     2 
# 
_pdbx_struct_assembly_gen.assembly_id       1 
_pdbx_struct_assembly_gen.oper_expression   1 
_pdbx_struct_assembly_gen.asym_id_list      A,B,C,D,E 
# 
loop_
_pdbx_struct_assembly_prop.biol_id 
_pdbx_struct_assembly_prop.type 
_pdbx_struct_assembly_prop.value 
_pdbx_struct_assembly_prop.details 
1 'ABSA (A^2)' 1180 ? 
1 MORE         -6.7 ? 
1 'SSA (A^2)'  4590 ? 
# 
_pdbx_struct_oper_list.id                   1 
_pdbx_struct_oper_list.type                 'identity operation' 
_pdbx_struct_oper_list.name                 1_555 
_pdbx_struct_oper_list.symmetry_operation   x,y,z 
_pdbx_struct_oper_list.matrix[1][1]         1.0000000000 
_pdbx_struct_oper_list.matrix[1][2]         0.0000000000 
_pdbx_struct_oper_list.matrix[1][3]         0.0000000000 
_pdbx_struct_oper_list.vector[1]            0.0000000000 
_pdbx_struct_oper_list.matrix[2][1]         0.0000000000 
_pdbx_struct_oper_list.matrix[2][2]         1.0000000000 
_pdbx_struct_oper_list.matrix[2][3]         0.0000000000 
_pdbx_struct_oper_list.vector[2]            0.0000000000 
_pdbx_struct_oper_list.matrix[3][1]         0.0000000000 
_pdbx_struct_oper_list.matrix[3][2]         0.0000000000 
_pdbx_struct_oper_list.matrix[3][3]         1.0000000000 
_pdbx_struct_oper_list.vector[3]            0.0000000000 
# 
loop_
_pdbx_struct_conn_angle.id 
_pdbx_struct_conn_angle.ptnr1_label_atom_id 
_pdbx_struct_conn_angle.ptnr1_label_alt_id 
_pdbx_struct_conn_angle.ptnr1_label_asym_id 
_pdbx_struct_conn_angle.ptnr1_label_comp_id 
_pdbx_struct_conn_angle.ptnr1_label_seq_id 
_pdbx_struct_conn_angle.ptnr1_auth_atom_id 
_pdbx_struct_conn_angle.ptnr1_auth_asym_id 
_pdbx_struct_conn_angle.ptnr1_auth_comp_id 
_pdbx_struct_conn_angle.ptnr1_auth_seq_id 
_pdbx_struct_conn_angle.ptnr1_PDB_ins_code 
_pdbx_struct_conn_angle.ptnr1_symmetry 
_pdbx_struct_conn_angle.ptnr2_label_atom_id 
_pdbx_struct_conn_angle.ptnr2_label_alt_id 
_pdbx_struct_conn_angle.ptnr2_label_asym_id 
_pdbx_struct_conn_angle.ptnr2_label_comp_id 
_pdbx_struct_conn_angle.ptnr2_label_seq_id 
_pdbx_struct_conn_angle.ptnr2_auth_atom_id 
_pdbx_struct_conn_angle.ptnr2_auth_asym_id 
_pdbx_struct_conn_angle.ptnr2_auth_comp_id 
_pdbx_struct_conn_angle.ptnr2_auth_seq_id 
_pdbx_struct_conn_angle.ptnr2_PDB_ins_code 
_pdbx_struct_conn_angle.ptnr2_symmetry 
_pdbx_struct_conn_angle.ptnr3_label_atom_id 
_pdbx_struct_conn_angle.ptnr3_label_alt_id 
_pdbx_struct_conn_angle.ptnr3_label_asym_id 
_pdbx_struct_conn_angle.ptnr3_label_comp_id 
_pdbx_struct_conn_angle.ptnr3_label_seq_id 
_pdbx_struct_conn_angle.ptnr3_auth_atom_id 
_pdbx_struct_conn_angle.ptnr3_auth_asym_id 
_pdbx_struct_conn_angle.ptnr3_auth_comp_id 
_pdbx_struct_conn_angle.ptnr3_auth_seq_id 
_pdbx_struct_conn_angle.ptnr3_PDB_ins_code 
_pdbx_struct_conn_angle.ptnr3_symmetry 
_pdbx_struct_conn_angle.value 
_pdbx_struct_conn_angle.value_esd 
1  O ? D HOH . ? A HOH 2018 ? 1_555 MG ? C MG . ? A MG 101 ? 1_555 O ? D HOH . ? A HOH 2019 ? 1_555 92.4  ? 
2  O ? D HOH . ? A HOH 2018 ? 1_555 MG ? C MG . ? A MG 101 ? 1_555 O ? D HOH . ? A HOH 2029 ? 1_555 92.7  ? 
3  O ? D HOH . ? A HOH 2019 ? 1_555 MG ? C MG . ? A MG 101 ? 1_555 O ? D HOH . ? A HOH 2029 ? 1_555 85.9  ? 
4  O ? D HOH . ? A HOH 2018 ? 1_555 MG ? C MG . ? A MG 101 ? 1_555 O ? D HOH . ? A HOH 2071 ? 1_555 91.2  ? 
5  O ? D HOH . ? A HOH 2019 ? 1_555 MG ? C MG . ? A MG 101 ? 1_555 O ? D HOH . ? A HOH 2071 ? 1_555 173.3 ? 
6  O ? D HOH . ? A HOH 2029 ? 1_555 MG ? C MG . ? A MG 101 ? 1_555 O ? D HOH . ? A HOH 2071 ? 1_555 88.3  ? 
7  O ? D HOH . ? A HOH 2018 ? 1_555 MG ? C MG . ? A MG 101 ? 1_555 O ? D HOH . ? A HOH 2072 ? 1_555 177.2 ? 
8  O ? D HOH . ? A HOH 2019 ? 1_555 MG ? C MG . ? A MG 101 ? 1_555 O ? D HOH . ? A HOH 2072 ? 1_555 86.7  ? 
9  O ? D HOH . ? A HOH 2029 ? 1_555 MG ? C MG . ? A MG 101 ? 1_555 O ? D HOH . ? A HOH 2072 ? 1_555 89.9  ? 
10 O ? D HOH . ? A HOH 2071 ? 1_555 MG ? C MG . ? A MG 101 ? 1_555 O ? D HOH . ? A HOH 2072 ? 1_555 90.0  ? 
11 O ? D HOH . ? A HOH 2018 ? 1_555 MG ? C MG . ? A MG 101 ? 1_555 O ? D HOH . ? A HOH 2073 ? 1_555 89.6  ? 
12 O ? D HOH . ? A HOH 2019 ? 1_555 MG ? C MG . ? A MG 101 ? 1_555 O ? D HOH . ? A HOH 2073 ? 1_555 92.4  ? 
13 O ? D HOH . ? A HOH 2029 ? 1_555 MG ? C MG . ? A MG 101 ? 1_555 O ? D HOH . ? A HOH 2073 ? 1_555 177.1 ? 
14 O ? D HOH . ? A HOH 2071 ? 1_555 MG ? C MG . ? A MG 101 ? 1_555 O ? D HOH . ? A HOH 2073 ? 1_555 93.3  ? 
15 O ? D HOH . ? A HOH 2072 ? 1_555 MG ? C MG . ? A MG 101 ? 1_555 O ? D HOH . ? A HOH 2073 ? 1_555 87.8  ? 
# 
loop_
_pdbx_audit_revision_history.ordinal 
_pdbx_audit_revision_history.data_content_type 
_pdbx_audit_revision_history.major_revision 
_pdbx_audit_revision_history.minor_revision 
_pdbx_audit_revision_history.revision_date 
1 'Structure model' 1 0 2013-10-02 
2 'Structure model' 1 1 2013-12-11 
3 'Structure model' 1 2 2014-02-12 
4 'Structure model' 1 3 2018-02-21 
5 'Structure model' 1 4 2023-12-20 
# 
_pdbx_audit_revision_details.ordinal             1 
_pdbx_audit_revision_details.revision_ordinal    1 
_pdbx_audit_revision_details.data_content_type   'Structure model' 
_pdbx_audit_revision_details.provider            repository 
_pdbx_audit_revision_details.type                'Initial release' 
_pdbx_audit_revision_details.description         ? 
_pdbx_audit_revision_details.details             ? 
# 
loop_
_pdbx_audit_revision_group.ordinal 
_pdbx_audit_revision_group.revision_ordinal 
_pdbx_audit_revision_group.data_content_type 
_pdbx_audit_revision_group.group 
1 2 'Structure model' 'Database references'    
2 3 'Structure model' 'Database references'    
3 4 'Structure model' 'Database references'    
4 5 'Structure model' 'Data collection'        
5 5 'Structure model' 'Database references'    
6 5 'Structure model' 'Derived calculations'   
7 5 'Structure model' Other                    
8 5 'Structure model' 'Refinement description' 
# 
loop_
_pdbx_audit_revision_category.ordinal 
_pdbx_audit_revision_category.revision_ordinal 
_pdbx_audit_revision_category.data_content_type 
_pdbx_audit_revision_category.category 
1  4 'Structure model' citation                      
2  4 'Structure model' citation_author               
3  5 'Structure model' chem_comp_atom                
4  5 'Structure model' chem_comp_bond                
5  5 'Structure model' database_2                    
6  5 'Structure model' pdbx_database_status          
7  5 'Structure model' pdbx_initial_refinement_model 
8  5 'Structure model' pdbx_struct_conn_angle        
9  5 'Structure model' struct_conn                   
10 5 'Structure model' struct_site                   
# 
loop_
_pdbx_audit_revision_item.ordinal 
_pdbx_audit_revision_item.revision_ordinal 
_pdbx_audit_revision_item.data_content_type 
_pdbx_audit_revision_item.item 
1  4 'Structure model' '_citation.journal_abbrev'                  
2  4 'Structure model' '_citation.journal_id_ISSN'                 
3  4 'Structure model' '_citation.page_last'                       
4  4 'Structure model' '_citation.pdbx_database_id_DOI'            
5  4 'Structure model' '_citation.title'                           
6  4 'Structure model' '_citation_author.name'                     
7  5 'Structure model' '_database_2.pdbx_DOI'                      
8  5 'Structure model' '_database_2.pdbx_database_accession'       
9  5 'Structure model' '_pdbx_database_status.status_code_sf'      
10 5 'Structure model' '_pdbx_struct_conn_angle.ptnr1_auth_seq_id' 
11 5 'Structure model' '_pdbx_struct_conn_angle.ptnr3_auth_seq_id' 
12 5 'Structure model' '_pdbx_struct_conn_angle.value'             
13 5 'Structure model' '_struct_conn.conn_type_id'                 
14 5 'Structure model' '_struct_conn.id'                           
15 5 'Structure model' '_struct_conn.pdbx_dist_value'              
16 5 'Structure model' '_struct_conn.pdbx_leaving_atom_flag'       
17 5 'Structure model' '_struct_conn.ptnr1_auth_asym_id'           
18 5 'Structure model' '_struct_conn.ptnr1_auth_comp_id'           
19 5 'Structure model' '_struct_conn.ptnr1_auth_seq_id'            
20 5 'Structure model' '_struct_conn.ptnr1_label_asym_id'          
21 5 'Structure model' '_struct_conn.ptnr1_label_atom_id'          
22 5 'Structure model' '_struct_conn.ptnr1_label_comp_id'          
23 5 'Structure model' '_struct_conn.ptnr1_label_seq_id'           
24 5 'Structure model' '_struct_conn.ptnr2_auth_asym_id'           
25 5 'Structure model' '_struct_conn.ptnr2_auth_comp_id'           
26 5 'Structure model' '_struct_conn.ptnr2_auth_seq_id'            
27 5 'Structure model' '_struct_conn.ptnr2_label_asym_id'          
28 5 'Structure model' '_struct_conn.ptnr2_label_atom_id'          
29 5 'Structure model' '_struct_conn.ptnr2_label_comp_id'          
30 5 'Structure model' '_struct_conn.ptnr2_label_seq_id'           
31 5 'Structure model' '_struct_site.pdbx_auth_asym_id'            
32 5 'Structure model' '_struct_site.pdbx_auth_comp_id'            
33 5 'Structure model' '_struct_site.pdbx_auth_seq_id'             
# 
loop_
_software.name 
_software.classification 
_software.version 
_software.citation_id 
_software.pdbx_ordinal 
PHENIX refinement       '(PHENIX.REFINE)' ? 1 
xia2   'data reduction' .                 ? 2 
SCALA  'data scaling'   .                 ? 3 
PHASER phasing          .                 ? 4 
# 
loop_
_pdbx_validate_close_contact.id 
_pdbx_validate_close_contact.PDB_model_num 
_pdbx_validate_close_contact.auth_atom_id_1 
_pdbx_validate_close_contact.auth_asym_id_1 
_pdbx_validate_close_contact.auth_comp_id_1 
_pdbx_validate_close_contact.auth_seq_id_1 
_pdbx_validate_close_contact.PDB_ins_code_1 
_pdbx_validate_close_contact.label_alt_id_1 
_pdbx_validate_close_contact.auth_atom_id_2 
_pdbx_validate_close_contact.auth_asym_id_2 
_pdbx_validate_close_contact.auth_comp_id_2 
_pdbx_validate_close_contact.auth_seq_id_2 
_pdbx_validate_close_contact.PDB_ins_code_2 
_pdbx_validate_close_contact.label_alt_id_2 
_pdbx_validate_close_contact.dist 
1 1 O A HOH 2009 ? ? O A HOH 2038 ? ? 2.03 
2 1 O A HOH 2009 ? ? O A HOH 2034 ? ? 2.15 
# 
loop_
_pdbx_validate_rmsd_bond.id 
_pdbx_validate_rmsd_bond.PDB_model_num 
_pdbx_validate_rmsd_bond.auth_atom_id_1 
_pdbx_validate_rmsd_bond.auth_asym_id_1 
_pdbx_validate_rmsd_bond.auth_comp_id_1 
_pdbx_validate_rmsd_bond.auth_seq_id_1 
_pdbx_validate_rmsd_bond.PDB_ins_code_1 
_pdbx_validate_rmsd_bond.label_alt_id_1 
_pdbx_validate_rmsd_bond.auth_atom_id_2 
_pdbx_validate_rmsd_bond.auth_asym_id_2 
_pdbx_validate_rmsd_bond.auth_comp_id_2 
_pdbx_validate_rmsd_bond.auth_seq_id_2 
_pdbx_validate_rmsd_bond.PDB_ins_code_2 
_pdbx_validate_rmsd_bond.label_alt_id_2 
_pdbx_validate_rmsd_bond.bond_value 
_pdbx_validate_rmsd_bond.bond_target_value 
_pdbx_validate_rmsd_bond.bond_deviation 
_pdbx_validate_rmsd_bond.bond_standard_deviation 
_pdbx_validate_rmsd_bond.linker_flag 
1 1 C2    B DC 13 ? ? O2    B DC 13 ? ? 1.146 1.240 -0.094 0.009 N 
2 1 "O3'" B DG 14 ? ? "C3'" B DG 14 ? ? 1.364 1.419 -0.055 0.006 N 
# 
loop_
_pdbx_validate_rmsd_angle.id 
_pdbx_validate_rmsd_angle.PDB_model_num 
_pdbx_validate_rmsd_angle.auth_atom_id_1 
_pdbx_validate_rmsd_angle.auth_asym_id_1 
_pdbx_validate_rmsd_angle.auth_comp_id_1 
_pdbx_validate_rmsd_angle.auth_seq_id_1 
_pdbx_validate_rmsd_angle.PDB_ins_code_1 
_pdbx_validate_rmsd_angle.label_alt_id_1 
_pdbx_validate_rmsd_angle.auth_atom_id_2 
_pdbx_validate_rmsd_angle.auth_asym_id_2 
_pdbx_validate_rmsd_angle.auth_comp_id_2 
_pdbx_validate_rmsd_angle.auth_seq_id_2 
_pdbx_validate_rmsd_angle.PDB_ins_code_2 
_pdbx_validate_rmsd_angle.label_alt_id_2 
_pdbx_validate_rmsd_angle.auth_atom_id_3 
_pdbx_validate_rmsd_angle.auth_asym_id_3 
_pdbx_validate_rmsd_angle.auth_comp_id_3 
_pdbx_validate_rmsd_angle.auth_seq_id_3 
_pdbx_validate_rmsd_angle.PDB_ins_code_3 
_pdbx_validate_rmsd_angle.label_alt_id_3 
_pdbx_validate_rmsd_angle.angle_value 
_pdbx_validate_rmsd_angle.angle_target_value 
_pdbx_validate_rmsd_angle.angle_deviation 
_pdbx_validate_rmsd_angle.angle_standard_deviation 
_pdbx_validate_rmsd_angle.linker_flag 
1  1 "C3'" A DG 4  ? ? "C2'" A DG 4  ? ? "C1'" A DG 4  ? ? 96.18  102.40 -6.22  0.80 N 
2  1 "O5'" A DA 6  ? ? P     A DA 6  ? ? OP2   A DA 6  ? ? 98.41  105.70 -7.29  0.90 N 
3  1 "O5'" A DG 10 ? ? P     A DG 10 ? ? OP2   A DG 10 ? ? 95.01  105.70 -10.69 0.90 N 
4  1 "O4'" A DG 12 ? ? "C1'" A DG 12 ? ? N9    A DG 12 ? ? 100.54 108.00 -7.46  0.70 N 
5  1 C4    A DG 12 ? ? C5    A DG 12 ? ? N7    A DG 12 ? ? 108.28 110.80 -2.52  0.40 N 
6  1 N9    A DG 12 ? ? C4    A DG 12 ? ? C5    A DG 12 ? ? 108.46 105.40 3.06   0.40 N 
7  1 "O4'" B DC 13 ? ? "C1'" B DC 13 ? ? N1    B DC 13 ? ? 101.57 108.00 -6.43  0.70 N 
8  1 OP1   B DG 14 ? ? P     B DG 14 ? ? OP2   B DG 14 ? ? 129.58 119.60 9.98   1.50 N 
9  1 "O5'" B DG 14 ? ? P     B DG 14 ? ? OP2   B DG 14 ? ? 94.49  105.70 -11.21 0.90 N 
10 1 P     B DG 14 ? ? "O5'" B DG 14 ? ? "C5'" B DG 14 ? ? 109.56 120.90 -11.34 1.60 N 
11 1 "C1'" B DG 14 ? ? "O4'" B DG 14 ? ? "C4'" B DG 14 ? ? 102.00 110.10 -8.10  1.00 N 
12 1 "O4'" B DG 14 ? ? "C1'" B DG 14 ? ? N9    B DG 14 ? ? 102.35 108.00 -5.65  0.70 N 
13 1 "O4'" B DG 16 ? ? "C1'" B DG 16 ? ? N9    B DG 16 ? ? 113.66 108.30 5.36   0.30 N 
14 1 N1    B DA 17 ? ? C2    B DA 17 ? ? N3    B DA 17 ? ? 125.89 129.30 -3.41  0.50 N 
15 1 "O4'" B DG 22 ? ? "C1'" B DG 22 ? ? N9    B DG 22 ? ? 110.43 108.30 2.13   0.30 N 
16 1 "O4'" B DC 23 ? ? "C4'" B DC 23 ? ? "C3'" B DC 23 ? ? 101.13 104.50 -3.37  0.40 N 
# 
loop_
_pdbx_validate_planes.id 
_pdbx_validate_planes.PDB_model_num 
_pdbx_validate_planes.auth_comp_id 
_pdbx_validate_planes.auth_asym_id 
_pdbx_validate_planes.auth_seq_id 
_pdbx_validate_planes.PDB_ins_code 
_pdbx_validate_planes.label_alt_id 
_pdbx_validate_planes.rmsd 
_pdbx_validate_planes.type 
1 1 DC A 11 ? ? 0.060 'SIDE CHAIN' 
2 1 DC B 23 ? ? 0.095 'SIDE CHAIN' 
# 
loop_
_chem_comp_atom.comp_id 
_chem_comp_atom.atom_id 
_chem_comp_atom.type_symbol 
_chem_comp_atom.pdbx_aromatic_flag 
_chem_comp_atom.pdbx_stereo_config 
_chem_comp_atom.pdbx_ordinal 
5HC P      P  N N 1   
5HC OP1    O  N N 2   
5HC OP2    O  N N 3   
5HC "O5'"  O  N N 4   
5HC "C5'"  C  N N 5   
5HC "C4'"  C  N R 6   
5HC "O4'"  O  N N 7   
5HC "C3'"  C  N S 8   
5HC "O3'"  O  N N 9   
5HC "C2'"  C  N N 10  
5HC "C1'"  C  N R 11  
5HC N1     N  N N 12  
5HC C2     C  N N 13  
5HC O2     O  N N 14  
5HC N3     N  N N 15  
5HC C4     C  N N 16  
5HC N4     N  N N 17  
5HC C5     C  N N 18  
5HC C5M    C  N N 19  
5HC O5     O  N N 20  
5HC C6     C  N N 21  
5HC OP3    O  N N 22  
5HC HOP2   H  N N 23  
5HC "H5'"  H  N N 24  
5HC "H5''" H  N N 25  
5HC H4     H  N N 26  
5HC "H3'"  H  N N 27  
5HC "HO3'" H  N N 28  
5HC "H2'"  H  N N 29  
5HC "H2''" H  N N 30  
5HC "H1'"  H  N N 31  
5HC HN41   H  N N 32  
5HC HN42   H  N N 33  
5HC H5M2   H  N N 34  
5HC H5M1   H  N N 35  
5HC HO5    H  N N 36  
5HC H6     H  N N 37  
5HC HOP3   H  N N 38  
DA  OP3    O  N N 39  
DA  P      P  N N 40  
DA  OP1    O  N N 41  
DA  OP2    O  N N 42  
DA  "O5'"  O  N N 43  
DA  "C5'"  C  N N 44  
DA  "C4'"  C  N R 45  
DA  "O4'"  O  N N 46  
DA  "C3'"  C  N S 47  
DA  "O3'"  O  N N 48  
DA  "C2'"  C  N N 49  
DA  "C1'"  C  N R 50  
DA  N9     N  Y N 51  
DA  C8     C  Y N 52  
DA  N7     N  Y N 53  
DA  C5     C  Y N 54  
DA  C6     C  Y N 55  
DA  N6     N  N N 56  
DA  N1     N  Y N 57  
DA  C2     C  Y N 58  
DA  N3     N  Y N 59  
DA  C4     C  Y N 60  
DA  HOP3   H  N N 61  
DA  HOP2   H  N N 62  
DA  "H5'"  H  N N 63  
DA  "H5''" H  N N 64  
DA  "H4'"  H  N N 65  
DA  "H3'"  H  N N 66  
DA  "HO3'" H  N N 67  
DA  "H2'"  H  N N 68  
DA  "H2''" H  N N 69  
DA  "H1'"  H  N N 70  
DA  H8     H  N N 71  
DA  H61    H  N N 72  
DA  H62    H  N N 73  
DA  H2     H  N N 74  
DC  OP3    O  N N 75  
DC  P      P  N N 76  
DC  OP1    O  N N 77  
DC  OP2    O  N N 78  
DC  "O5'"  O  N N 79  
DC  "C5'"  C  N N 80  
DC  "C4'"  C  N R 81  
DC  "O4'"  O  N N 82  
DC  "C3'"  C  N S 83  
DC  "O3'"  O  N N 84  
DC  "C2'"  C  N N 85  
DC  "C1'"  C  N R 86  
DC  N1     N  N N 87  
DC  C2     C  N N 88  
DC  O2     O  N N 89  
DC  N3     N  N N 90  
DC  C4     C  N N 91  
DC  N4     N  N N 92  
DC  C5     C  N N 93  
DC  C6     C  N N 94  
DC  HOP3   H  N N 95  
DC  HOP2   H  N N 96  
DC  "H5'"  H  N N 97  
DC  "H5''" H  N N 98  
DC  "H4'"  H  N N 99  
DC  "H3'"  H  N N 100 
DC  "HO3'" H  N N 101 
DC  "H2'"  H  N N 102 
DC  "H2''" H  N N 103 
DC  "H1'"  H  N N 104 
DC  H41    H  N N 105 
DC  H42    H  N N 106 
DC  H5     H  N N 107 
DC  H6     H  N N 108 
DG  OP3    O  N N 109 
DG  P      P  N N 110 
DG  OP1    O  N N 111 
DG  OP2    O  N N 112 
DG  "O5'"  O  N N 113 
DG  "C5'"  C  N N 114 
DG  "C4'"  C  N R 115 
DG  "O4'"  O  N N 116 
DG  "C3'"  C  N S 117 
DG  "O3'"  O  N N 118 
DG  "C2'"  C  N N 119 
DG  "C1'"  C  N R 120 
DG  N9     N  Y N 121 
DG  C8     C  Y N 122 
DG  N7     N  Y N 123 
DG  C5     C  Y N 124 
DG  C6     C  N N 125 
DG  O6     O  N N 126 
DG  N1     N  N N 127 
DG  C2     C  N N 128 
DG  N2     N  N N 129 
DG  N3     N  N N 130 
DG  C4     C  Y N 131 
DG  HOP3   H  N N 132 
DG  HOP2   H  N N 133 
DG  "H5'"  H  N N 134 
DG  "H5''" H  N N 135 
DG  "H4'"  H  N N 136 
DG  "H3'"  H  N N 137 
DG  "HO3'" H  N N 138 
DG  "H2'"  H  N N 139 
DG  "H2''" H  N N 140 
DG  "H1'"  H  N N 141 
DG  H8     H  N N 142 
DG  H1     H  N N 143 
DG  H21    H  N N 144 
DG  H22    H  N N 145 
DT  OP3    O  N N 146 
DT  P      P  N N 147 
DT  OP1    O  N N 148 
DT  OP2    O  N N 149 
DT  "O5'"  O  N N 150 
DT  "C5'"  C  N N 151 
DT  "C4'"  C  N R 152 
DT  "O4'"  O  N N 153 
DT  "C3'"  C  N S 154 
DT  "O3'"  O  N N 155 
DT  "C2'"  C  N N 156 
DT  "C1'"  C  N R 157 
DT  N1     N  N N 158 
DT  C2     C  N N 159 
DT  O2     O  N N 160 
DT  N3     N  N N 161 
DT  C4     C  N N 162 
DT  O4     O  N N 163 
DT  C5     C  N N 164 
DT  C7     C  N N 165 
DT  C6     C  N N 166 
DT  HOP3   H  N N 167 
DT  HOP2   H  N N 168 
DT  "H5'"  H  N N 169 
DT  "H5''" H  N N 170 
DT  "H4'"  H  N N 171 
DT  "H3'"  H  N N 172 
DT  "HO3'" H  N N 173 
DT  "H2'"  H  N N 174 
DT  "H2''" H  N N 175 
DT  "H1'"  H  N N 176 
DT  H3     H  N N 177 
DT  H71    H  N N 178 
DT  H72    H  N N 179 
DT  H73    H  N N 180 
DT  H6     H  N N 181 
HOH O      O  N N 182 
HOH H1     H  N N 183 
HOH H2     H  N N 184 
MG  MG     MG N N 185 
# 
loop_
_chem_comp_bond.comp_id 
_chem_comp_bond.atom_id_1 
_chem_comp_bond.atom_id_2 
_chem_comp_bond.value_order 
_chem_comp_bond.pdbx_aromatic_flag 
_chem_comp_bond.pdbx_stereo_config 
_chem_comp_bond.pdbx_ordinal 
5HC "O4'" "C4'"  sing N N 1   
5HC "O4'" "C1'"  sing N N 2   
5HC "C4'" "C5'"  sing N N 3   
5HC "C4'" "C3'"  sing N N 4   
5HC O2    C2     doub N N 5   
5HC "C1'" N1     sing N N 6   
5HC "C1'" "C2'"  sing N N 7   
5HC "C5'" "O5'"  sing N N 8   
5HC C2    N1     sing N N 9   
5HC C2    N3     sing N N 10  
5HC N1    C6     sing N N 11  
5HC N3    C4     doub N N 12  
5HC "O5'" P      sing N N 13  
5HC "C2'" "C3'"  sing N N 14  
5HC C6    C5     doub N N 15  
5HC "C3'" "O3'"  sing N N 16  
5HC P     OP1    doub N N 17  
5HC P     OP2    sing N N 18  
5HC C4    C5     sing N N 19  
5HC C4    N4     sing N N 20  
5HC C5    C5M    sing N N 21  
5HC C5M   O5     sing N N 22  
5HC P     OP3    sing N N 23  
5HC OP2   HOP2   sing N N 24  
5HC "C5'" "H5'"  sing N N 25  
5HC "C5'" "H5''" sing N N 26  
5HC "C4'" H4     sing N N 27  
5HC "C3'" "H3'"  sing N N 28  
5HC "O3'" "HO3'" sing N N 29  
5HC "C2'" "H2'"  sing N N 30  
5HC "C2'" "H2''" sing N N 31  
5HC "C1'" "H1'"  sing N N 32  
5HC N4    HN41   sing N N 33  
5HC N4    HN42   sing N N 34  
5HC C5M   H5M2   sing N N 35  
5HC C5M   H5M1   sing N N 36  
5HC O5    HO5    sing N N 37  
5HC C6    H6     sing N N 38  
5HC OP3   HOP3   sing N N 39  
DA  OP3   P      sing N N 40  
DA  OP3   HOP3   sing N N 41  
DA  P     OP1    doub N N 42  
DA  P     OP2    sing N N 43  
DA  P     "O5'"  sing N N 44  
DA  OP2   HOP2   sing N N 45  
DA  "O5'" "C5'"  sing N N 46  
DA  "C5'" "C4'"  sing N N 47  
DA  "C5'" "H5'"  sing N N 48  
DA  "C5'" "H5''" sing N N 49  
DA  "C4'" "O4'"  sing N N 50  
DA  "C4'" "C3'"  sing N N 51  
DA  "C4'" "H4'"  sing N N 52  
DA  "O4'" "C1'"  sing N N 53  
DA  "C3'" "O3'"  sing N N 54  
DA  "C3'" "C2'"  sing N N 55  
DA  "C3'" "H3'"  sing N N 56  
DA  "O3'" "HO3'" sing N N 57  
DA  "C2'" "C1'"  sing N N 58  
DA  "C2'" "H2'"  sing N N 59  
DA  "C2'" "H2''" sing N N 60  
DA  "C1'" N9     sing N N 61  
DA  "C1'" "H1'"  sing N N 62  
DA  N9    C8     sing Y N 63  
DA  N9    C4     sing Y N 64  
DA  C8    N7     doub Y N 65  
DA  C8    H8     sing N N 66  
DA  N7    C5     sing Y N 67  
DA  C5    C6     sing Y N 68  
DA  C5    C4     doub Y N 69  
DA  C6    N6     sing N N 70  
DA  C6    N1     doub Y N 71  
DA  N6    H61    sing N N 72  
DA  N6    H62    sing N N 73  
DA  N1    C2     sing Y N 74  
DA  C2    N3     doub Y N 75  
DA  C2    H2     sing N N 76  
DA  N3    C4     sing Y N 77  
DC  OP3   P      sing N N 78  
DC  OP3   HOP3   sing N N 79  
DC  P     OP1    doub N N 80  
DC  P     OP2    sing N N 81  
DC  P     "O5'"  sing N N 82  
DC  OP2   HOP2   sing N N 83  
DC  "O5'" "C5'"  sing N N 84  
DC  "C5'" "C4'"  sing N N 85  
DC  "C5'" "H5'"  sing N N 86  
DC  "C5'" "H5''" sing N N 87  
DC  "C4'" "O4'"  sing N N 88  
DC  "C4'" "C3'"  sing N N 89  
DC  "C4'" "H4'"  sing N N 90  
DC  "O4'" "C1'"  sing N N 91  
DC  "C3'" "O3'"  sing N N 92  
DC  "C3'" "C2'"  sing N N 93  
DC  "C3'" "H3'"  sing N N 94  
DC  "O3'" "HO3'" sing N N 95  
DC  "C2'" "C1'"  sing N N 96  
DC  "C2'" "H2'"  sing N N 97  
DC  "C2'" "H2''" sing N N 98  
DC  "C1'" N1     sing N N 99  
DC  "C1'" "H1'"  sing N N 100 
DC  N1    C2     sing N N 101 
DC  N1    C6     sing N N 102 
DC  C2    O2     doub N N 103 
DC  C2    N3     sing N N 104 
DC  N3    C4     doub N N 105 
DC  C4    N4     sing N N 106 
DC  C4    C5     sing N N 107 
DC  N4    H41    sing N N 108 
DC  N4    H42    sing N N 109 
DC  C5    C6     doub N N 110 
DC  C5    H5     sing N N 111 
DC  C6    H6     sing N N 112 
DG  OP3   P      sing N N 113 
DG  OP3   HOP3   sing N N 114 
DG  P     OP1    doub N N 115 
DG  P     OP2    sing N N 116 
DG  P     "O5'"  sing N N 117 
DG  OP2   HOP2   sing N N 118 
DG  "O5'" "C5'"  sing N N 119 
DG  "C5'" "C4'"  sing N N 120 
DG  "C5'" "H5'"  sing N N 121 
DG  "C5'" "H5''" sing N N 122 
DG  "C4'" "O4'"  sing N N 123 
DG  "C4'" "C3'"  sing N N 124 
DG  "C4'" "H4'"  sing N N 125 
DG  "O4'" "C1'"  sing N N 126 
DG  "C3'" "O3'"  sing N N 127 
DG  "C3'" "C2'"  sing N N 128 
DG  "C3'" "H3'"  sing N N 129 
DG  "O3'" "HO3'" sing N N 130 
DG  "C2'" "C1'"  sing N N 131 
DG  "C2'" "H2'"  sing N N 132 
DG  "C2'" "H2''" sing N N 133 
DG  "C1'" N9     sing N N 134 
DG  "C1'" "H1'"  sing N N 135 
DG  N9    C8     sing Y N 136 
DG  N9    C4     sing Y N 137 
DG  C8    N7     doub Y N 138 
DG  C8    H8     sing N N 139 
DG  N7    C5     sing Y N 140 
DG  C5    C6     sing N N 141 
DG  C5    C4     doub Y N 142 
DG  C6    O6     doub N N 143 
DG  C6    N1     sing N N 144 
DG  N1    C2     sing N N 145 
DG  N1    H1     sing N N 146 
DG  C2    N2     sing N N 147 
DG  C2    N3     doub N N 148 
DG  N2    H21    sing N N 149 
DG  N2    H22    sing N N 150 
DG  N3    C4     sing N N 151 
DT  OP3   P      sing N N 152 
DT  OP3   HOP3   sing N N 153 
DT  P     OP1    doub N N 154 
DT  P     OP2    sing N N 155 
DT  P     "O5'"  sing N N 156 
DT  OP2   HOP2   sing N N 157 
DT  "O5'" "C5'"  sing N N 158 
DT  "C5'" "C4'"  sing N N 159 
DT  "C5'" "H5'"  sing N N 160 
DT  "C5'" "H5''" sing N N 161 
DT  "C4'" "O4'"  sing N N 162 
DT  "C4'" "C3'"  sing N N 163 
DT  "C4'" "H4'"  sing N N 164 
DT  "O4'" "C1'"  sing N N 165 
DT  "C3'" "O3'"  sing N N 166 
DT  "C3'" "C2'"  sing N N 167 
DT  "C3'" "H3'"  sing N N 168 
DT  "O3'" "HO3'" sing N N 169 
DT  "C2'" "C1'"  sing N N 170 
DT  "C2'" "H2'"  sing N N 171 
DT  "C2'" "H2''" sing N N 172 
DT  "C1'" N1     sing N N 173 
DT  "C1'" "H1'"  sing N N 174 
DT  N1    C2     sing N N 175 
DT  N1    C6     sing N N 176 
DT  C2    O2     doub N N 177 
DT  C2    N3     sing N N 178 
DT  N3    C4     sing N N 179 
DT  N3    H3     sing N N 180 
DT  C4    O4     doub N N 181 
DT  C4    C5     sing N N 182 
DT  C5    C7     sing N N 183 
DT  C5    C6     doub N N 184 
DT  C7    H71    sing N N 185 
DT  C7    H72    sing N N 186 
DT  C7    H73    sing N N 187 
DT  C6    H6     sing N N 188 
HOH O     H1     sing N N 189 
HOH O     H2     sing N N 190 
# 
_ndb_struct_conf_na.entry_id   4C5X 
_ndb_struct_conf_na.feature    'b-form double helix' 
# 
loop_
_ndb_struct_na_base_pair.model_number 
_ndb_struct_na_base_pair.i_label_asym_id 
_ndb_struct_na_base_pair.i_label_comp_id 
_ndb_struct_na_base_pair.i_label_seq_id 
_ndb_struct_na_base_pair.i_symmetry 
_ndb_struct_na_base_pair.j_label_asym_id 
_ndb_struct_na_base_pair.j_label_comp_id 
_ndb_struct_na_base_pair.j_label_seq_id 
_ndb_struct_na_base_pair.j_symmetry 
_ndb_struct_na_base_pair.shear 
_ndb_struct_na_base_pair.stretch 
_ndb_struct_na_base_pair.stagger 
_ndb_struct_na_base_pair.buckle 
_ndb_struct_na_base_pair.propeller 
_ndb_struct_na_base_pair.opening 
_ndb_struct_na_base_pair.pair_number 
_ndb_struct_na_base_pair.pair_name 
_ndb_struct_na_base_pair.i_auth_asym_id 
_ndb_struct_na_base_pair.i_auth_seq_id 
_ndb_struct_na_base_pair.i_PDB_ins_code 
_ndb_struct_na_base_pair.j_auth_asym_id 
_ndb_struct_na_base_pair.j_auth_seq_id 
_ndb_struct_na_base_pair.j_PDB_ins_code 
_ndb_struct_na_base_pair.hbond_type_28 
_ndb_struct_na_base_pair.hbond_type_12 
1 A DC  1  1_555 B DG  12 1_555 0.225  -0.120 0.128  3.091  -15.782 0.439  1  A_DC1:DG24_B  A 1  ? B 24 ? 19 1 
1 A DG  2  1_555 B DC  11 1_555 -0.185 -0.170 0.461  4.303  -15.308 -2.879 2  A_DG2:DC23_B  A 2  ? B 23 ? 19 1 
1 A DC  3  1_555 B DG  10 1_555 0.170  -0.168 0.009  -2.183 -1.685  -0.668 3  A_DC3:DG22_B  A 3  ? B 22 ? 19 1 
1 A DG  4  1_555 B 5HC 9  1_555 -0.286 -0.150 0.053  13.886 -9.088  -0.372 4  A_DG4:5HC21_B A 4  ? B 21 ? 19 1 
1 A DA  5  1_555 B DT  8  1_555 0.021  -0.109 0.005  7.473  -16.447 1.748  5  A_DA5:DT20_B  A 5  ? B 20 ? 20 1 
1 A DA  6  1_555 B DT  7  1_555 0.041  -0.068 0.076  1.935  -15.937 4.163  6  A_DA6:DT19_B  A 6  ? B 19 ? 20 1 
1 A DT  7  1_555 B DA  6  1_555 -0.010 -0.103 0.103  -0.190 -17.927 4.282  7  A_DT7:DA18_B  A 7  ? B 18 ? 20 1 
1 A DT  8  1_555 B DA  5  1_555 -0.079 -0.175 0.012  -2.709 -13.438 3.434  8  A_DT8:DA17_B  A 8  ? B 17 ? 20 1 
1 A 5HC 9  1_555 B DG  4  1_555 0.213  -0.138 -0.108 -9.340 -11.130 -1.119 9  A_5HC9:DG16_B A 9  ? B 16 ? 19 1 
1 A DG  10 1_555 B DC  3  1_555 -0.142 -0.098 0.203  5.365  -9.142  3.096  10 A_DG10:DC15_B A 10 ? B 15 ? 19 1 
1 A DC  11 1_555 B DG  2  1_555 0.148  -0.181 0.102  4.090  -17.682 -2.345 11 A_DC11:DG14_B A 11 ? B 14 ? 19 1 
1 A DG  12 1_555 B DC  1  1_555 -0.130 -0.053 0.389  5.075  -7.070  -0.238 12 A_DG12:DC13_B A 12 ? B 13 ? 19 1 
# 
loop_
_ndb_struct_na_base_pair_step.model_number 
_ndb_struct_na_base_pair_step.i_label_asym_id_1 
_ndb_struct_na_base_pair_step.i_label_comp_id_1 
_ndb_struct_na_base_pair_step.i_label_seq_id_1 
_ndb_struct_na_base_pair_step.i_symmetry_1 
_ndb_struct_na_base_pair_step.j_label_asym_id_1 
_ndb_struct_na_base_pair_step.j_label_comp_id_1 
_ndb_struct_na_base_pair_step.j_label_seq_id_1 
_ndb_struct_na_base_pair_step.j_symmetry_1 
_ndb_struct_na_base_pair_step.i_label_asym_id_2 
_ndb_struct_na_base_pair_step.i_label_comp_id_2 
_ndb_struct_na_base_pair_step.i_label_seq_id_2 
_ndb_struct_na_base_pair_step.i_symmetry_2 
_ndb_struct_na_base_pair_step.j_label_asym_id_2 
_ndb_struct_na_base_pair_step.j_label_comp_id_2 
_ndb_struct_na_base_pair_step.j_label_seq_id_2 
_ndb_struct_na_base_pair_step.j_symmetry_2 
_ndb_struct_na_base_pair_step.shift 
_ndb_struct_na_base_pair_step.slide 
_ndb_struct_na_base_pair_step.rise 
_ndb_struct_na_base_pair_step.tilt 
_ndb_struct_na_base_pair_step.roll 
_ndb_struct_na_base_pair_step.twist 
_ndb_struct_na_base_pair_step.x_displacement 
_ndb_struct_na_base_pair_step.y_displacement 
_ndb_struct_na_base_pair_step.helical_rise 
_ndb_struct_na_base_pair_step.inclination 
_ndb_struct_na_base_pair_step.tip 
_ndb_struct_na_base_pair_step.helical_twist 
_ndb_struct_na_base_pair_step.step_number 
_ndb_struct_na_base_pair_step.step_name 
_ndb_struct_na_base_pair_step.i_auth_asym_id_1 
_ndb_struct_na_base_pair_step.i_auth_seq_id_1 
_ndb_struct_na_base_pair_step.i_PDB_ins_code_1 
_ndb_struct_na_base_pair_step.j_auth_asym_id_1 
_ndb_struct_na_base_pair_step.j_auth_seq_id_1 
_ndb_struct_na_base_pair_step.j_PDB_ins_code_1 
_ndb_struct_na_base_pair_step.i_auth_asym_id_2 
_ndb_struct_na_base_pair_step.i_auth_seq_id_2 
_ndb_struct_na_base_pair_step.i_PDB_ins_code_2 
_ndb_struct_na_base_pair_step.j_auth_asym_id_2 
_ndb_struct_na_base_pair_step.j_auth_seq_id_2 
_ndb_struct_na_base_pair_step.j_PDB_ins_code_2 
1 A DC  1  1_555 B DG  12 1_555 A DG  2  1_555 B DC  11 1_555 -0.139 0.151  3.236 -2.788 6.411  34.901 -0.682 -0.177 3.213 10.557  
4.591  35.573 1  AA_DC1DG2:DC23DG24_BB   A 1  ? B 24 ? A 2  ? B 23 ? 
1 A DG  2  1_555 B DC  11 1_555 A DC  3  1_555 B DG  10 1_555 0.745  0.502  3.537 3.848  -7.835 41.294 1.568  -0.608 3.443 -10.962 
-5.385 42.167 2  AA_DG2DC3:DG22DC23_BB   A 2  ? B 23 ? A 3  ? B 22 ? 
1 A DC  3  1_555 B DG  10 1_555 A DG  4  1_555 B 5HC 9  1_555 0.086  0.285  3.027 -0.213 7.689  23.808 -1.491 -0.259 2.971 18.045  
0.501  25.003 3  AA_DC3DG4:5HC21DG22_BB  A 3  ? B 22 ? A 4  ? B 21 ? 
1 A DG  4  1_555 B 5HC 9  1_555 A DA  5  1_555 B DT  8  1_555 -0.506 -0.018 3.424 -1.267 0.330  38.510 -0.070 0.603  3.438 0.500   
1.920  38.531 4  AA_DG4DA5:DT205HC21_BB  A 4  ? B 21 ? A 5  ? B 20 ? 
1 A DA  5  1_555 B DT  8  1_555 A DA  6  1_555 B DT  7  1_555 -0.005 -0.212 3.303 -1.434 1.081  39.413 -0.443 -0.164 3.294 1.601   
2.124  39.452 5  AA_DA5DA6:DT19DT20_BB   A 5  ? B 20 ? A 6  ? B 19 ? 
1 A DA  6  1_555 B DT  7  1_555 A DT  7  1_555 B DA  6  1_555 -0.023 -0.577 3.246 -0.045 -2.492 31.882 -0.598 0.034  3.280 -4.527  
0.082  31.977 6  AA_DA6DT7:DA18DT19_BB   A 6  ? B 19 ? A 7  ? B 18 ? 
1 A DT  7  1_555 B DA  6  1_555 A DT  8  1_555 B DA  5  1_555 -0.006 -0.388 3.244 1.404  -0.682 34.940 -0.544 0.220  3.248 -1.135  
-2.336 34.973 7  AA_DT7DT8:DA17DA18_BB   A 7  ? B 18 ? A 8  ? B 17 ? 
1 A DT  8  1_555 B DA  5  1_555 A 5HC 9  1_555 B DG  4  1_555 -0.128 -0.240 3.396 2.693  -2.026 42.052 -0.117 0.466  3.390 -2.818  
-3.746 42.181 8  AA_DT85HC9:DG16DA17_BB  A 8  ? B 17 ? A 9  ? B 16 ? 
1 A 5HC 9  1_555 B DG  4  1_555 A DG  10 1_555 B DC  3  1_555 0.629  0.838  3.051 -4.044 5.972  25.172 0.314  -2.429 3.029 13.357  
9.045  26.168 9  AA_5HC9DG10:DC15DG16_BB A 9  ? B 16 ? A 10 ? B 15 ? 
1 A DG  10 1_555 B DC  3  1_555 A DC  11 1_555 B DG  2  1_555 -1.259 0.631  3.348 -2.022 -9.962 43.744 1.742  1.465  3.190 -13.160 
2.671  44.853 10 AA_DG10DC11:DG14DC15_BB A 10 ? B 15 ? A 11 ? B 14 ? 
1 A DC  11 1_555 B DG  2  1_555 A DG  12 1_555 B DC  1  1_555 -0.036 0.327  3.214 -1.700 6.230  32.266 -0.479 -0.225 3.217 11.071  
3.022  32.889 11 AA_DC11DG12:DC13DG14_BB A 11 ? B 14 ? A 12 ? B 13 ? 
# 
loop_
_pdbx_entity_nonpoly.entity_id 
_pdbx_entity_nonpoly.name 
_pdbx_entity_nonpoly.comp_id 
2 'MAGNESIUM ION' MG  
3 water           HOH 
# 
_pdbx_initial_refinement_model.id               1 
_pdbx_initial_refinement_model.entity_id_list   ? 
_pdbx_initial_refinement_model.type             'experimental model' 
_pdbx_initial_refinement_model.source_name      PDB 
_pdbx_initial_refinement_model.accession_code   1BNA 
_pdbx_initial_refinement_model.details          'PDB ENRTY 1BNA' 
# 
